data_6XT9
#
_entry.id   6XT9
#
loop_
_entity.id
_entity.type
_entity.pdbx_description
1 polymer 'Bardet-Biedl syndrome 1 protein'
2 polymer 'Bardet-Biedl syndrome 4 protein'
3 polymer 'Tetratricopeptide repeat domain 8 isoform 2'
4 polymer 'Protein PTHB1'
5 polymer 'BBSome-interacting protein 1'
#
loop_
_entity_poly.entity_id
_entity_poly.type
_entity_poly.pdbx_seq_one_letter_code
_entity_poly.pdbx_strand_id
1 'polypeptide(L)'
;MAAASSSDSDACGAESNEANSKWLDAHYDPMANIHTFSACLALADLHGDGEYKLVVGDLGPGGQQPRLKVLKGPLVMTES
PLPALPAAAATFLMEQHEPRTPALALASGPCVYVYKNLRPYFKFSLPQLPPNPLEQDLWNQAKEDRIDPLTLKEMLESIR
ETAEEPLSIQSLRFLQLELSEMEAFVNQHKSNSIKRQTVITTMTTLKKNLADEDAVSCLVLGTENKELLVLDPEAFTILA
KMSLPSVPVFLEVSGQFDVEFRLAAACRNGNIYILRRDSKHPKYCIELSAQPVGLIRVHKVLVVGSTQDSLHGFTHKGKK
LWTVQMPAAILTMNLLEQHSRGLQAVMAGLANGEVRIYRDKALLNVIHTPDAVTSLCFGRYGREDNTLIMTTRGGGLIIK
ILKRTAVFVEGGSEVGPPPAQAMKLNVPRKTRLYVDQTLREREAGTAMHRAFQTDLYLLRLRAARAYLQALESSLSPLST
TAREPLKLHAVVQGLGPTFKLTLHLQNTSTTRPVLGLLVCFLYNEALYSLPRAFFKVPLLVPGLNYPLETFVESLSNKGI
SDIIKVLVLREGQSAPLLSAHVNMPGSEGLAAA
;
A
2 'polypeptide(L)'
;MHHHHHHGPMAEERVATRTQFPVSTESQKPRQKKAPEFPILEKQNWLIHLHYIRKDYEACKAVIKEQLQETQGLCEYAIY
VQALIFRLEGNIQESLELFQTCAVLSPQSADNLKQVARSLFLLGKHKAAIEVYNEAAKLNQKDWEISHNLGVCYIYLKQF
NKAQDQLHNALNLNRHDLTYIMLGKIHLLEGDLDKAIEVYKKAVEFSPENTELLTTLGLLYLQLGIYQKAFEHLGNALTY
DPTNYKAILAAGSMMQTHGDFDVALTKYRVVACAVPESPPLWNNIGMCFFGKKKYVAAISCLKRANYLAPFDWKILYNLG
LVHLTMQQYASAFHFLSAAINFQPKMGELYMLLAVALTNLEDIENAKRAYAEAVHLDKCNPLVNLNYAVLLYNQGEKKNA
LAQYQEMEKKVSLLKDNSSLEFDSEMVEMAQKLGAALQVGEALVWTKPVKDPKSKHQTTSTSKPASFQQPLGSNQALGQA
MSSAAAYRTLPSGAGGTSQFTKPPSLPLEPEPAVESSPTETSEQIREK
;
D
3 'polypeptide(L)'
;MDYKDDDDKAGPMSSEMEPLLLAWSYFRRRKFQLCADLCTQMLEKSPYDQAAWILKARALTEMVYIDEIDVDQEGIAEMM
LDENAIAQVPRPGTSLKLPGTNQTGGPSQAVRPITQAGRPITGFLRPSTQSGRPGTMEQAIRTPRTAYTARPITSSSGRF
VRLGTASMLTSPDGPFINLSRLNLTKYSQKPKLAKALFEYIFHHENDVKTALDLAALSTEHSQYKDWWWKVQIGKCYYRL
GMYREAEKQFKSALKQQEMVDTFLYLAKVYVSLDQPVTALNLFKQGLDKFPGEVTLLCGIARIYEEMNNMSSAAEYYKEV
LKQDNTHVEAIACIGSNHFYSDQPEIALRFYRRLLQMGIYNGQLFNNLGLCCFYAQQYDMTLTSFERALSLAENEEEAAD
VWYNLGHVAVGIGDTNLAHQCFRLALVNNNNHAEAYNNLAVLEMRKGHVEQARALLQTASSLAPHMYEPHFNFATISDKI
GDLQRSYVAAQKSEAAFPDHVDTQHLIKQLRQHFAML
;
H
4 'polypeptide(L)'
;MSLFKARDWWSTILGDKEEFDQGCLCLANVDNSGNGQDKIIVGSFMGYLRIFSPHPAKTGDGAQAEDLLLEVDLRDPVLQ
VEVGKFVSGTEMLHLAVLHSRKLCVYSVSGTLGNVEHGNQCQMKLMYEHNLQRTACNMTYGSFGGVKGRDLICIQSMDGM
LMVFEQESYAFGRFLPGFLLPGPLAYSSRTDSFLTVSSCQQVESYKYQVLAFATDADKRQETEQQKLGSGKRLVVDWTLN
IGEQALDICIVSFNQSASSVFVLGERNFFCLKDNGQIRFMKKLDWSPSCFLPYCSVSEGTINTLIGNHNNMLHIYQDVTL
KWATQLPHIPVAVRVGCLHDLKGVIVTLSDDGHLQCSYLGTDPSLFQAPNVQSRELNYDELDVEMKELQKIIKDVNKSQG
VWPMTEREDDLNVSVVVSPNFDSVSQATDVEVGTDLVPSVTVKVTLQNRVILQKAKLSVYVQPPLELTCDQFTFEFMTPD
LTRTVSFSVYLKRSYTPSELEGNAVVSYSRPTDRNPDGIPRVIQCKFRLPLKLICLPGQPSKTASHKITIDTNKSPVSLL
SLFPGFASQSDDDQVNVMGFHFLGGARITVLASKTSQRYRIQSEQFEDLWLITNELILRLQEYFEKQGVKDFACSFSGSI
PLQEYFELIDHHFELRINGEKLEELLSERAVQFRAIQRRLLARFKDKTPAPLQHLDTLLDGTYKQVIALADAVEENQGNL
FQSFTRLKSATHLVILLIALWQKLSADQVAILEAAFLPLQEDTQELGWEETVDAAISHLLKTCLSKSSKEQALNLNSQLN
IPKDTSQLKKHITLLCDRLSKGGRLCLSTDAAAPQTMVMPGGCTTIPESDLEERSVEQDSTELFTNHRHLTAETPRPEVS
PLQGVSE
;
I
5 'polypeptide(L)'
;MASWSHPQFEKGSAGSAAGSGAGWSHPQFEKGAGLEVLFQGPKRAEFMLKAAAKRPELSGKNTISNNSDMAEVKSMFREV
LPKQGPLFVEDIMTMVLCKPKLLPLKSLTLEKLEKMHQAAQNTIRQQEMAEKDQRQITH
;
J
#
# COMPACT_ATOMS: atom_id res chain seq x y z
N SER A 21 32.32 34.02 30.95
CA SER A 21 32.41 33.20 29.76
C SER A 21 31.31 33.54 28.75
N LYS A 22 31.32 34.79 28.29
CA LYS A 22 30.37 35.26 27.29
C LYS A 22 31.10 36.19 26.33
N TRP A 23 30.38 36.63 25.30
CA TRP A 23 30.93 37.48 24.26
C TRP A 23 30.16 38.80 24.19
N LEU A 24 30.58 39.64 23.26
CA LEU A 24 29.94 40.93 23.01
C LEU A 24 29.66 41.03 21.53
N ASP A 25 28.40 41.25 21.18
CA ASP A 25 28.01 41.38 19.78
C ASP A 25 28.50 42.72 19.26
N ALA A 26 29.54 42.67 18.40
CA ALA A 26 30.10 43.90 17.86
C ALA A 26 29.19 44.47 16.78
N HIS A 27 28.98 43.72 15.69
CA HIS A 27 28.07 44.10 14.62
C HIS A 27 27.35 42.85 14.15
N TYR A 28 26.39 43.04 13.25
CA TYR A 28 25.74 41.93 12.56
C TYR A 28 25.19 42.47 11.26
N ASP A 29 25.85 42.12 10.15
CA ASP A 29 25.57 42.71 8.83
C ASP A 29 25.21 41.59 7.86
N PRO A 30 23.96 41.14 7.84
CA PRO A 30 23.59 40.00 6.99
C PRO A 30 23.27 40.35 5.55
N MET A 31 23.68 41.53 5.08
CA MET A 31 23.38 41.95 3.72
C MET A 31 24.59 41.95 2.79
N ALA A 32 25.78 41.65 3.30
CA ALA A 32 26.98 41.69 2.48
C ALA A 32 27.05 40.46 1.56
N ASN A 33 28.09 40.42 0.73
CA ASN A 33 28.31 39.31 -0.20
C ASN A 33 29.79 38.95 -0.15
N ILE A 34 30.15 38.04 0.74
CA ILE A 34 31.52 37.59 0.95
C ILE A 34 31.50 36.07 0.84
N HIS A 35 31.91 35.53 -0.31
CA HIS A 35 31.98 34.10 -0.54
C HIS A 35 33.44 33.67 -0.58
N THR A 36 33.85 32.93 0.44
CA THR A 36 35.26 32.62 0.65
C THR A 36 35.37 31.40 1.56
N PHE A 37 36.60 31.04 1.89
CA PHE A 37 36.90 29.93 2.78
C PHE A 37 37.80 30.39 3.91
N SER A 38 38.04 29.50 4.87
CA SER A 38 38.95 29.81 5.96
C SER A 38 40.41 29.77 5.53
N ALA A 39 40.70 29.25 4.34
CA ALA A 39 42.07 29.20 3.87
C ALA A 39 42.53 30.51 3.27
N CYS A 40 41.60 31.40 2.89
CA CYS A 40 41.94 32.61 2.17
C CYS A 40 41.53 33.86 2.94
N LEU A 41 41.71 33.84 4.26
CA LEU A 41 41.58 35.03 5.08
C LEU A 41 42.84 35.20 5.91
N ALA A 42 43.25 36.45 6.13
CA ALA A 42 44.47 36.72 6.88
C ALA A 42 44.34 38.03 7.65
N LEU A 43 45.10 38.13 8.73
CA LEU A 43 45.08 39.29 9.62
C LEU A 43 46.47 39.89 9.69
N ALA A 44 46.66 41.03 9.06
CA ALA A 44 47.93 41.75 9.08
C ALA A 44 47.67 43.23 8.86
N ASP A 45 48.72 44.03 9.06
CA ASP A 45 48.61 45.49 8.97
C ASP A 45 49.12 45.90 7.59
N LEU A 46 48.20 46.24 6.71
CA LEU A 46 48.58 46.50 5.32
C LEU A 46 49.28 47.85 5.16
N HIS A 47 49.09 48.78 6.09
CA HIS A 47 49.69 50.10 6.01
C HIS A 47 50.80 50.29 7.04
N GLY A 48 51.23 49.23 7.71
CA GLY A 48 52.37 49.32 8.61
C GLY A 48 52.07 49.88 9.98
N ASP A 49 50.84 50.35 10.19
CA ASP A 49 50.45 50.94 11.46
C ASP A 49 50.13 49.84 12.48
N GLY A 50 49.43 50.23 13.56
CA GLY A 50 48.97 49.24 14.52
C GLY A 50 47.64 48.61 14.16
N GLU A 51 46.95 49.15 13.16
CA GLU A 51 45.63 48.65 12.77
C GLU A 51 45.78 47.37 11.95
N TYR A 52 45.33 46.26 12.51
CA TYR A 52 45.28 45.00 11.77
C TYR A 52 44.14 45.04 10.76
N LYS A 53 44.45 44.76 9.51
CA LYS A 53 43.50 44.90 8.41
C LYS A 53 43.20 43.53 7.82
N LEU A 54 41.96 43.08 7.98
CA LEU A 54 41.53 41.79 7.45
C LEU A 54 41.51 41.83 5.93
N VAL A 55 41.92 40.73 5.31
CA VAL A 55 41.97 40.60 3.86
C VAL A 55 41.29 39.29 3.47
N VAL A 56 40.42 39.36 2.46
CA VAL A 56 39.60 38.24 2.05
C VAL A 56 39.63 38.09 0.54
N GLY A 57 39.94 36.88 0.08
CA GLY A 57 39.88 36.54 -1.33
C GLY A 57 38.49 36.17 -1.77
N ASP A 58 37.65 37.18 -2.00
CA ASP A 58 36.24 36.94 -2.33
C ASP A 58 36.10 36.29 -3.71
N LEU A 59 35.43 35.13 -3.72
CA LEU A 59 35.27 34.37 -4.96
C LEU A 59 34.22 35.00 -5.87
N GLY A 60 32.98 35.09 -5.39
CA GLY A 60 31.86 35.51 -6.20
C GLY A 60 30.56 34.92 -5.66
N PRO A 61 29.49 35.71 -5.71
CA PRO A 61 28.22 35.23 -5.13
C PRO A 61 27.55 34.12 -5.91
N GLY A 62 27.74 34.10 -7.23
CA GLY A 62 27.25 33.01 -8.05
C GLY A 62 28.38 32.37 -8.83
N GLY A 63 29.53 32.19 -8.17
CA GLY A 63 30.72 31.81 -8.90
C GLY A 63 31.25 32.90 -9.79
N GLN A 64 31.16 34.15 -9.36
CA GLN A 64 31.48 35.31 -10.18
C GLN A 64 33.00 35.49 -10.25
N GLN A 65 33.41 36.60 -10.86
CA GLN A 65 34.82 36.92 -11.01
C GLN A 65 35.49 37.09 -9.65
N PRO A 66 36.69 36.55 -9.45
CA PRO A 66 37.37 36.71 -8.16
C PRO A 66 37.81 38.15 -7.95
N ARG A 67 37.42 38.71 -6.82
CA ARG A 67 37.73 40.09 -6.49
C ARG A 67 38.40 40.14 -5.13
N LEU A 68 39.58 40.74 -5.08
CA LEU A 68 40.29 40.90 -3.82
C LEU A 68 39.57 41.94 -2.96
N LYS A 69 39.44 41.64 -1.68
CA LYS A 69 38.83 42.57 -0.75
C LYS A 69 39.67 42.65 0.53
N VAL A 70 39.88 43.86 1.01
CA VAL A 70 40.56 44.11 2.27
C VAL A 70 39.59 44.87 3.18
N LEU A 71 39.85 44.80 4.48
CA LEU A 71 38.91 45.34 5.47
C LEU A 71 39.61 46.32 6.38
N LYS A 72 38.92 47.43 6.66
CA LYS A 72 39.37 48.43 7.63
C LYS A 72 38.14 48.90 8.39
N GLY A 73 38.05 48.54 9.66
CA GLY A 73 36.84 48.76 10.42
C GLY A 73 35.77 47.76 10.01
N PRO A 74 34.50 48.07 10.27
CA PRO A 74 33.43 47.15 9.91
C PRO A 74 33.05 47.16 8.43
N LEU A 75 33.69 47.99 7.61
CA LEU A 75 33.38 48.08 6.20
C LEU A 75 34.65 47.88 5.40
N VAL A 76 34.51 47.62 4.10
CA VAL A 76 35.64 47.33 3.24
C VAL A 76 36.47 48.59 3.01
N MET A 77 37.71 48.40 2.55
CA MET A 77 38.64 49.49 2.32
C MET A 77 39.06 49.64 0.88
N THR A 78 39.56 48.58 0.25
CA THR A 78 39.89 48.60 -1.18
C THR A 78 39.42 47.29 -1.80
N GLU A 79 38.88 47.38 -3.01
CA GLU A 79 38.59 46.21 -3.83
C GLU A 79 39.53 46.17 -5.04
N SER A 80 39.74 44.96 -5.56
CA SER A 80 40.64 44.79 -6.69
C SER A 80 40.30 43.51 -7.43
N PRO A 81 40.36 43.49 -8.76
CA PRO A 81 40.11 42.24 -9.50
C PRO A 81 41.29 41.29 -9.39
N LEU A 82 41.01 40.01 -9.58
CA LEU A 82 42.01 38.96 -9.48
C LEU A 82 42.15 38.23 -10.81
N PRO A 83 43.34 37.70 -11.12
CA PRO A 83 43.51 37.02 -12.40
C PRO A 83 42.80 35.68 -12.48
N ALA A 84 42.77 34.92 -11.39
CA ALA A 84 42.11 33.62 -11.37
C ALA A 84 41.54 33.40 -9.97
N LEU A 85 40.92 32.24 -9.79
CA LEU A 85 40.28 31.88 -8.52
C LEU A 85 41.35 31.62 -7.47
N PRO A 86 41.43 32.45 -6.43
CA PRO A 86 42.53 32.36 -5.50
C PRO A 86 42.39 31.19 -4.54
N ALA A 87 43.54 30.71 -4.07
CA ALA A 87 43.59 29.53 -3.22
C ALA A 87 43.73 29.87 -1.75
N ALA A 88 44.79 30.57 -1.37
CA ALA A 88 45.05 30.85 0.03
C ALA A 88 45.68 32.22 0.17
N ALA A 89 45.92 32.63 1.41
CA ALA A 89 46.52 33.92 1.71
C ALA A 89 47.47 33.76 2.88
N ALA A 90 48.67 34.34 2.74
CA ALA A 90 49.65 34.32 3.81
C ALA A 90 50.40 35.65 3.78
N THR A 91 51.12 35.94 4.86
CA THR A 91 51.87 37.18 5.01
C THR A 91 53.30 36.83 5.39
N PHE A 92 54.27 37.40 4.67
CA PHE A 92 55.64 36.92 4.74
C PHE A 92 56.64 38.05 4.93
N LEU A 93 57.66 37.78 5.74
CA LEU A 93 58.68 38.75 6.09
C LEU A 93 59.84 38.71 5.12
N MET A 94 60.40 39.88 4.83
CA MET A 94 61.77 39.97 4.36
C MET A 94 62.71 40.13 5.56
N GLU A 95 63.95 40.50 5.29
CA GLU A 95 64.96 40.55 6.34
C GLU A 95 64.81 41.82 7.18
N GLN A 96 65.85 42.12 7.97
CA GLN A 96 65.86 43.12 9.05
C GLN A 96 65.78 44.55 8.53
N HIS A 97 65.66 44.76 7.22
CA HIS A 97 65.59 46.06 6.50
C HIS A 97 64.56 46.98 7.16
N GLU A 98 63.29 46.59 7.23
CA GLU A 98 62.31 47.44 7.89
C GLU A 98 61.49 46.65 8.88
N PRO A 99 61.01 47.28 9.96
CA PRO A 99 60.14 46.56 10.91
C PRO A 99 58.67 46.54 10.52
N ARG A 100 58.39 46.78 9.23
CA ARG A 100 57.01 46.75 8.74
C ARG A 100 56.45 45.34 8.78
N THR A 101 55.12 45.26 8.61
CA THR A 101 54.37 44.01 8.68
C THR A 101 54.82 43.06 7.55
N PRO A 102 54.70 41.74 7.78
CA PRO A 102 54.96 40.77 6.71
C PRO A 102 54.12 41.01 5.46
N ALA A 103 54.75 40.80 4.30
CA ALA A 103 54.11 41.11 3.03
C ALA A 103 53.15 40.00 2.61
N LEU A 104 51.98 40.42 2.13
CA LEU A 104 50.89 39.49 1.84
C LEU A 104 51.20 38.66 0.60
N ALA A 105 50.94 37.35 0.69
CA ALA A 105 51.04 36.44 -0.43
C ALA A 105 49.66 35.94 -0.81
N LEU A 106 49.46 35.66 -2.10
CA LEU A 106 48.16 35.26 -2.61
C LEU A 106 48.36 34.20 -3.69
N ALA A 107 48.00 32.96 -3.37
CA ALA A 107 48.14 31.86 -4.31
C ALA A 107 46.91 31.79 -5.20
N SER A 108 47.12 31.80 -6.52
CA SER A 108 46.01 31.76 -7.47
C SER A 108 46.52 31.17 -8.76
N GLY A 109 46.09 29.95 -9.08
CA GLY A 109 46.57 29.25 -10.25
C GLY A 109 48.03 28.88 -10.09
N PRO A 110 48.73 28.71 -11.20
CA PRO A 110 50.17 28.48 -11.10
C PRO A 110 50.98 29.77 -11.08
N CYS A 111 50.52 30.76 -10.33
CA CYS A 111 51.23 32.04 -10.23
C CYS A 111 50.81 32.73 -8.93
N VAL A 112 51.66 32.64 -7.92
CA VAL A 112 51.40 33.35 -6.66
C VAL A 112 51.74 34.82 -6.86
N TYR A 113 50.85 35.70 -6.40
CA TYR A 113 51.04 37.14 -6.48
C TYR A 113 51.29 37.68 -5.09
N VAL A 114 52.54 38.07 -4.83
CA VAL A 114 52.88 38.69 -3.56
C VAL A 114 52.38 40.13 -3.56
N TYR A 115 51.87 40.57 -2.41
CA TYR A 115 51.36 41.94 -2.26
C TYR A 115 52.02 42.58 -1.06
N LYS A 116 52.77 43.65 -1.30
CA LYS A 116 53.46 44.39 -0.25
C LYS A 116 53.03 45.84 -0.32
N ASN A 117 52.12 46.21 0.60
CA ASN A 117 51.40 47.49 0.57
C ASN A 117 50.72 47.71 -0.78
N LEU A 118 49.89 46.73 -1.17
CA LEU A 118 49.01 46.79 -2.34
C LEU A 118 49.78 47.01 -3.64
N ARG A 119 50.98 46.43 -3.74
CA ARG A 119 51.82 46.60 -4.91
C ARG A 119 51.84 45.31 -5.71
N PRO A 120 51.15 45.23 -6.84
CA PRO A 120 51.20 44.03 -7.66
C PRO A 120 52.50 43.89 -8.42
N TYR A 121 53.37 42.99 -7.96
CA TYR A 121 54.62 42.71 -8.64
C TYR A 121 54.98 41.26 -8.39
N PHE A 122 55.99 40.80 -9.13
CA PHE A 122 56.56 39.45 -9.03
C PHE A 122 55.52 38.35 -9.26
N LYS A 123 55.04 38.22 -10.49
CA LYS A 123 54.26 37.04 -10.84
C LYS A 123 55.22 35.86 -10.87
N PHE A 124 55.27 35.12 -9.77
CA PHE A 124 56.14 33.96 -9.67
C PHE A 124 55.61 32.84 -10.55
N SER A 125 56.52 32.03 -11.08
CA SER A 125 56.16 30.96 -11.99
C SER A 125 56.51 29.61 -11.40
N LEU A 126 55.70 28.61 -11.73
CA LEU A 126 55.99 27.24 -11.34
C LEU A 126 57.19 26.72 -12.15
N PRO A 127 57.88 25.70 -11.64
CA PRO A 127 59.04 25.17 -12.37
C PRO A 127 58.73 24.54 -13.73
N GLN A 128 57.46 24.19 -14.02
CA GLN A 128 57.00 23.70 -15.32
C GLN A 128 57.73 22.42 -15.73
N LEU A 129 57.43 21.35 -14.98
CA LEU A 129 58.10 20.06 -15.16
C LEU A 129 57.85 19.51 -16.56
N PRO A 130 58.88 19.07 -17.26
CA PRO A 130 58.74 18.69 -18.67
C PRO A 130 58.15 17.30 -18.81
N PRO A 131 57.54 16.99 -19.96
CA PRO A 131 56.97 15.65 -20.16
C PRO A 131 58.05 14.60 -20.34
N ASN A 132 57.61 13.36 -20.38
CA ASN A 132 58.42 12.16 -20.54
C ASN A 132 58.84 12.00 -22.00
N PRO A 133 60.05 11.47 -22.25
CA PRO A 133 60.60 11.52 -23.61
C PRO A 133 59.91 10.61 -24.62
N LEU A 134 59.08 9.66 -24.18
CA LEU A 134 58.31 8.88 -25.14
C LEU A 134 57.24 9.73 -25.82
N GLU A 135 56.72 10.72 -25.10
CA GLU A 135 55.87 11.72 -25.73
C GLU A 135 56.70 12.66 -26.59
N GLN A 136 57.98 12.82 -26.27
CA GLN A 136 58.82 13.74 -27.03
C GLN A 136 59.16 13.18 -28.41
N ASP A 137 59.09 11.85 -28.58
CA ASP A 137 59.26 11.30 -29.92
C ASP A 137 58.08 11.64 -30.82
N LEU A 138 56.86 11.65 -30.27
CA LEU A 138 55.72 12.17 -31.03
C LEU A 138 55.81 13.67 -31.20
N TRP A 139 56.46 14.36 -30.26
CA TRP A 139 56.72 15.79 -30.39
C TRP A 139 57.74 16.07 -31.50
N ASN A 140 58.59 15.11 -31.83
CA ASN A 140 59.71 15.33 -32.73
C ASN A 140 59.56 14.64 -34.08
N GLN A 141 58.44 13.97 -34.35
CA GLN A 141 58.28 13.28 -35.61
C GLN A 141 57.40 14.01 -36.61
N ALA A 142 56.37 14.71 -36.15
CA ALA A 142 55.41 15.33 -37.06
C ALA A 142 55.77 16.78 -37.40
N LYS A 143 56.73 17.37 -36.70
CA LYS A 143 57.08 18.76 -36.94
C LYS A 143 57.95 18.96 -38.18
N GLU A 144 58.41 17.89 -38.83
CA GLU A 144 59.14 17.98 -40.08
C GLU A 144 58.35 17.40 -41.25
N ASP A 145 57.02 17.55 -41.19
CA ASP A 145 56.07 17.11 -42.23
C ASP A 145 56.14 15.60 -42.48
N ARG A 146 56.40 14.83 -41.42
CA ARG A 146 56.37 13.37 -41.46
C ARG A 146 55.17 12.85 -40.68
N ILE A 147 54.05 13.54 -40.81
CA ILE A 147 52.87 13.30 -39.98
C ILE A 147 51.93 12.33 -40.70
N ASP A 148 51.51 11.28 -39.99
CA ASP A 148 50.52 10.35 -40.48
C ASP A 148 49.38 10.25 -39.48
N PRO A 149 48.13 10.23 -39.94
CA PRO A 149 47.01 10.21 -38.98
C PRO A 149 46.84 8.89 -38.26
N LEU A 150 47.12 7.77 -38.91
CA LEU A 150 46.83 6.48 -38.28
C LEU A 150 47.91 6.09 -37.28
N THR A 151 49.19 6.11 -37.70
CA THR A 151 50.25 5.59 -36.84
C THR A 151 50.61 6.53 -35.70
N LEU A 152 50.18 7.80 -35.77
CA LEU A 152 50.29 8.65 -34.59
C LEU A 152 49.27 8.21 -33.54
N LYS A 153 48.05 7.86 -33.97
CA LYS A 153 46.99 7.46 -33.06
C LYS A 153 47.24 6.10 -32.43
N GLU A 154 48.18 5.32 -32.97
CA GLU A 154 48.54 4.05 -32.37
C GLU A 154 49.85 4.09 -31.59
N MET A 155 50.73 5.05 -31.87
CA MET A 155 51.94 5.17 -31.07
C MET A 155 51.64 5.78 -29.71
N LEU A 156 50.60 6.63 -29.63
CA LEU A 156 50.20 7.17 -28.34
C LEU A 156 49.55 6.09 -27.47
N GLU A 157 48.89 5.11 -28.09
CA GLU A 157 48.30 4.00 -27.38
C GLU A 157 49.34 3.02 -26.84
N SER A 158 50.56 3.06 -27.36
CA SER A 158 51.65 2.30 -26.76
C SER A 158 52.32 3.04 -25.61
N ILE A 159 52.09 4.34 -25.49
CA ILE A 159 52.67 5.14 -24.42
C ILE A 159 51.80 5.01 -23.17
N ARG A 160 50.52 5.33 -23.31
CA ARG A 160 49.61 5.47 -22.18
C ARG A 160 49.22 4.14 -21.56
N GLU A 161 49.34 3.02 -22.29
CA GLU A 161 48.76 1.76 -21.84
C GLU A 161 49.76 0.82 -21.20
N THR A 162 51.04 0.89 -21.57
CA THR A 162 52.03 0.03 -20.94
C THR A 162 52.44 0.57 -19.58
N ALA A 163 53.07 1.74 -19.57
CA ALA A 163 53.37 2.48 -18.35
C ALA A 163 53.13 3.94 -18.66
N GLU A 164 52.20 4.57 -17.93
CA GLU A 164 51.66 5.86 -18.32
C GLU A 164 52.67 7.01 -18.32
N GLU A 165 53.15 7.44 -17.14
CA GLU A 165 53.82 8.71 -16.88
C GLU A 165 53.21 9.84 -17.71
N PRO A 166 51.89 10.06 -17.62
CA PRO A 166 51.19 10.72 -18.74
C PRO A 166 51.42 12.22 -18.87
N LEU A 167 51.36 12.95 -17.75
CA LEU A 167 51.26 14.42 -17.72
C LEU A 167 50.18 14.90 -18.68
N SER A 168 48.96 14.40 -18.46
CA SER A 168 47.86 14.53 -19.41
C SER A 168 47.04 15.79 -19.20
N ILE A 169 47.62 16.83 -18.61
CA ILE A 169 46.98 18.14 -18.60
C ILE A 169 46.95 18.72 -20.02
N GLN A 170 48.05 18.61 -20.74
CA GLN A 170 48.16 19.05 -22.11
C GLN A 170 48.48 17.93 -23.08
N SER A 171 49.17 16.87 -22.63
CA SER A 171 49.51 15.75 -23.49
C SER A 171 48.28 14.97 -23.95
N LEU A 172 47.21 14.98 -23.16
CA LEU A 172 45.98 14.30 -23.56
C LEU A 172 45.29 15.06 -24.69
N ARG A 173 45.22 16.38 -24.61
CA ARG A 173 44.71 17.14 -25.74
C ARG A 173 45.74 17.29 -26.84
N PHE A 174 47.00 16.93 -26.58
CA PHE A 174 47.99 16.74 -27.62
C PHE A 174 47.82 15.40 -28.32
N LEU A 175 46.96 14.51 -27.82
CA LEU A 175 46.75 13.21 -28.45
C LEU A 175 45.32 12.96 -28.91
N GLN A 176 44.32 13.57 -28.28
CA GLN A 176 42.93 13.24 -28.59
C GLN A 176 42.45 13.85 -29.91
N LEU A 177 43.22 14.75 -30.51
CA LEU A 177 42.77 15.44 -31.72
C LEU A 177 42.70 14.48 -32.90
N GLU A 178 41.64 14.63 -33.69
CA GLU A 178 41.22 13.62 -34.66
C GLU A 178 41.90 13.88 -36.02
N LEU A 179 41.39 13.23 -37.06
CA LEU A 179 42.03 13.28 -38.38
C LEU A 179 41.92 14.65 -39.02
N SER A 180 40.76 15.31 -38.87
CA SER A 180 40.50 16.54 -39.60
C SER A 180 41.29 17.72 -39.03
N GLU A 181 41.34 17.86 -37.71
CA GLU A 181 42.00 19.01 -37.11
C GLU A 181 43.52 18.89 -37.20
N MET A 182 44.05 17.69 -36.95
CA MET A 182 45.50 17.50 -36.91
C MET A 182 46.13 17.64 -38.29
N GLU A 183 45.44 17.17 -39.33
CA GLU A 183 45.91 17.41 -40.68
C GLU A 183 45.72 18.86 -41.10
N ALA A 184 44.81 19.59 -40.45
CA ALA A 184 44.72 21.03 -40.62
C ALA A 184 45.68 21.77 -39.70
N PHE A 185 46.21 21.11 -38.68
CA PHE A 185 47.19 21.69 -37.75
C PHE A 185 48.53 20.98 -37.89
N VAL A 186 48.97 20.74 -39.13
CA VAL A 186 50.26 20.09 -39.35
C VAL A 186 51.41 21.02 -38.98
N ASN A 187 51.17 22.33 -39.01
CA ASN A 187 52.15 23.30 -38.52
C ASN A 187 51.78 23.85 -37.15
N GLN A 188 50.47 23.98 -36.86
CA GLN A 188 50.03 24.66 -35.65
C GLN A 188 50.18 23.78 -34.41
N HIS A 189 49.73 22.52 -34.49
CA HIS A 189 49.81 21.61 -33.36
C HIS A 189 51.24 21.27 -32.98
N LYS A 190 52.17 21.35 -33.94
CA LYS A 190 53.59 21.21 -33.67
C LYS A 190 54.26 22.53 -33.33
N SER A 191 53.60 23.67 -33.53
CA SER A 191 54.11 24.95 -33.05
C SER A 191 53.61 25.28 -31.65
N ASN A 192 52.67 24.50 -31.12
CA ASN A 192 52.15 24.71 -29.78
C ASN A 192 53.21 24.24 -28.78
N SER A 193 54.11 25.16 -28.43
CA SER A 193 55.14 24.90 -27.43
C SER A 193 54.48 24.71 -26.08
N ILE A 194 54.54 23.50 -25.55
CA ILE A 194 53.77 23.14 -24.37
C ILE A 194 54.44 23.73 -23.13
N LYS A 195 53.62 24.31 -22.25
CA LYS A 195 54.17 24.99 -21.07
C LYS A 195 54.25 24.06 -19.87
N ARG A 196 53.31 23.11 -19.76
CA ARG A 196 53.24 22.09 -18.71
C ARG A 196 53.13 22.72 -17.32
N GLN A 197 52.06 23.49 -17.12
CA GLN A 197 51.82 24.12 -15.84
C GLN A 197 51.21 23.12 -14.86
N THR A 198 51.17 23.53 -13.58
CA THR A 198 50.54 22.75 -12.53
C THR A 198 50.01 23.71 -11.49
N VAL A 199 48.74 23.56 -11.14
CA VAL A 199 48.02 24.54 -10.33
C VAL A 199 48.30 24.29 -8.85
N ILE A 200 48.61 25.38 -8.13
CA ILE A 200 48.78 25.29 -6.68
C ILE A 200 47.44 25.09 -6.02
N THR A 201 47.41 24.25 -4.98
CA THR A 201 46.19 24.02 -4.21
C THR A 201 46.17 24.80 -2.90
N THR A 202 47.26 24.78 -2.16
CA THR A 202 47.27 25.31 -0.80
C THR A 202 48.59 26.02 -0.52
N MET A 203 48.65 26.68 0.63
CA MET A 203 49.76 27.59 0.94
C MET A 203 49.82 27.80 2.44
N THR A 204 51.01 27.74 3.02
CA THR A 204 51.15 27.96 4.45
C THR A 204 52.48 28.63 4.77
N THR A 205 52.66 28.97 6.04
CA THR A 205 53.77 29.77 6.51
C THR A 205 54.60 28.97 7.50
N LEU A 206 55.92 29.03 7.35
CA LEU A 206 56.85 28.38 8.26
C LEU A 206 57.97 29.35 8.63
N LYS A 207 58.22 29.51 9.93
CA LYS A 207 59.29 30.37 10.39
C LYS A 207 60.65 29.76 10.06
N LYS A 208 61.44 30.48 9.26
CA LYS A 208 62.70 29.98 8.74
C LYS A 208 63.82 30.17 9.76
N ASN A 209 64.75 29.21 9.76
CA ASN A 209 66.06 29.20 10.44
C ASN A 209 65.96 29.02 11.96
N LEU A 210 64.73 29.10 12.49
CA LEU A 210 64.46 29.04 13.92
C LEU A 210 62.95 29.04 14.13
N ALA A 211 62.49 28.72 15.35
CA ALA A 211 61.07 28.70 15.67
C ALA A 211 60.53 30.05 16.11
N ASP A 212 61.34 31.10 16.14
CA ASP A 212 60.87 32.39 16.63
C ASP A 212 60.26 33.20 15.48
N GLU A 213 59.38 34.15 15.84
CA GLU A 213 58.71 34.95 14.83
C GLU A 213 59.60 36.08 14.32
N ASP A 214 60.67 36.41 15.05
CA ASP A 214 61.55 37.50 14.63
C ASP A 214 62.38 37.11 13.42
N ALA A 215 62.60 35.82 13.21
CA ALA A 215 63.28 35.37 12.01
C ALA A 215 62.33 35.41 10.83
N VAL A 216 62.89 35.21 9.63
CA VAL A 216 62.10 35.31 8.41
C VAL A 216 61.19 34.10 8.28
N SER A 217 60.18 34.21 7.42
CA SER A 217 59.25 33.12 7.20
C SER A 217 59.51 32.46 5.84
N CYS A 218 59.18 31.17 5.76
CA CYS A 218 59.56 30.31 4.64
C CYS A 218 58.32 29.63 4.08
N LEU A 219 58.06 29.86 2.79
CA LEU A 219 56.83 29.39 2.16
C LEU A 219 56.86 27.88 2.00
N VAL A 220 55.70 27.26 2.12
CA VAL A 220 55.50 25.87 1.73
C VAL A 220 54.35 25.84 0.76
N LEU A 221 54.53 25.17 -0.38
CA LEU A 221 53.50 25.09 -1.40
C LEU A 221 53.29 23.64 -1.80
N GLY A 222 52.05 23.18 -1.73
CA GLY A 222 51.67 21.92 -2.31
C GLY A 222 50.89 22.20 -3.58
N THR A 223 50.96 21.29 -4.54
CA THR A 223 50.33 21.54 -5.83
C THR A 223 49.77 20.24 -6.39
N GLU A 224 49.20 20.33 -7.59
CA GLU A 224 48.44 19.25 -8.19
C GLU A 224 49.31 18.09 -8.64
N ASN A 225 50.64 18.25 -8.69
CA ASN A 225 51.53 17.18 -9.11
C ASN A 225 52.01 16.33 -7.94
N LYS A 226 51.19 16.24 -6.88
CA LYS A 226 51.45 15.56 -5.59
C LYS A 226 52.89 15.76 -5.07
N GLU A 227 53.37 16.99 -5.18
CA GLU A 227 54.70 17.36 -4.72
C GLU A 227 54.59 18.59 -3.84
N LEU A 228 55.50 18.71 -2.89
CA LEU A 228 55.46 19.79 -1.90
C LEU A 228 56.66 20.69 -2.11
N LEU A 229 56.43 21.82 -2.77
CA LEU A 229 57.46 22.83 -2.92
C LEU A 229 57.70 23.55 -1.60
N VAL A 230 58.85 24.20 -1.52
CA VAL A 230 59.17 25.05 -0.38
C VAL A 230 60.05 26.20 -0.87
N LEU A 231 59.57 27.43 -0.71
CA LEU A 231 60.16 28.58 -1.35
C LEU A 231 60.95 29.41 -0.34
N ASP A 232 61.68 30.39 -0.87
CA ASP A 232 62.58 31.20 -0.06
C ASP A 232 62.17 32.66 -0.11
N PRO A 233 62.33 33.38 1.00
CA PRO A 233 62.05 34.83 0.97
C PRO A 233 63.11 35.58 0.18
N GLU A 234 62.65 36.58 -0.58
CA GLU A 234 63.42 37.63 -1.26
C GLU A 234 64.17 37.12 -2.49
N ALA A 235 64.27 35.80 -2.66
CA ALA A 235 64.90 35.22 -3.84
C ALA A 235 63.95 34.30 -4.59
N PHE A 236 63.18 33.47 -3.85
CA PHE A 236 62.07 32.66 -4.37
C PHE A 236 62.53 31.68 -5.45
N THR A 237 63.67 31.04 -5.26
CA THR A 237 64.03 30.08 -6.28
C THR A 237 63.37 28.72 -6.04
N ILE A 238 63.95 27.94 -5.13
CA ILE A 238 63.54 26.63 -4.62
C ILE A 238 64.38 26.46 -3.36
N LEU A 239 63.79 25.95 -2.28
CA LEU A 239 64.64 25.48 -1.19
C LEU A 239 64.83 23.97 -1.21
N ALA A 240 63.78 23.21 -1.41
CA ALA A 240 63.84 21.75 -1.46
C ALA A 240 62.62 21.25 -2.21
N LYS A 241 62.36 19.94 -2.11
CA LYS A 241 61.26 19.31 -2.82
C LYS A 241 60.90 18.02 -2.11
N MET A 242 59.60 17.77 -1.94
CA MET A 242 59.13 16.59 -1.25
C MET A 242 58.22 15.78 -2.16
N SER A 243 58.15 14.48 -1.89
CA SER A 243 57.39 13.53 -2.71
C SER A 243 56.29 12.90 -1.87
N LEU A 244 55.05 13.03 -2.33
CA LEU A 244 53.91 12.41 -1.69
C LEU A 244 53.12 11.64 -2.73
N PRO A 245 52.51 10.51 -2.35
CA PRO A 245 51.76 9.71 -3.33
C PRO A 245 50.32 10.14 -3.57
N SER A 246 49.93 11.34 -3.15
CA SER A 246 48.53 11.77 -3.22
C SER A 246 48.48 13.29 -3.18
N VAL A 247 47.40 13.83 -3.73
CA VAL A 247 47.27 15.29 -3.87
C VAL A 247 46.87 15.89 -2.53
N PRO A 248 47.60 16.87 -2.02
CA PRO A 248 47.30 17.43 -0.71
C PRO A 248 46.36 18.63 -0.75
N VAL A 249 45.51 18.70 0.26
CA VAL A 249 44.56 19.82 0.38
C VAL A 249 44.56 20.46 1.76
N PHE A 250 45.08 19.81 2.79
CA PHE A 250 45.18 20.42 4.11
C PHE A 250 46.55 20.10 4.68
N LEU A 251 47.25 21.11 5.15
CA LEU A 251 48.60 20.89 5.66
C LEU A 251 48.92 21.91 6.74
N GLU A 252 49.95 21.61 7.53
CA GLU A 252 50.42 22.49 8.58
C GLU A 252 51.86 22.14 8.90
N VAL A 253 52.46 22.94 9.76
CA VAL A 253 53.83 22.72 10.22
C VAL A 253 53.87 22.97 11.73
N SER A 254 54.69 22.20 12.43
CA SER A 254 54.89 22.46 13.86
C SER A 254 55.69 23.73 14.06
N GLY A 255 56.79 23.87 13.35
CA GLY A 255 57.58 25.06 13.21
C GLY A 255 58.84 25.02 14.07
N GLN A 256 59.91 24.52 13.44
CA GLN A 256 61.29 24.55 13.90
C GLN A 256 62.14 24.50 12.63
N PHE A 257 63.42 24.82 12.73
CA PHE A 257 64.26 24.74 11.54
C PHE A 257 65.70 24.47 11.94
N ASP A 258 66.44 23.88 11.01
CA ASP A 258 67.87 23.53 11.06
C ASP A 258 68.26 22.45 12.07
N VAL A 259 67.35 22.03 12.96
CA VAL A 259 67.65 20.86 13.79
C VAL A 259 66.56 19.80 13.60
N GLU A 260 65.34 20.24 13.32
CA GLU A 260 64.20 19.35 13.23
C GLU A 260 63.08 20.12 12.54
N PHE A 261 62.25 19.39 11.80
CA PHE A 261 61.22 20.03 10.96
C PHE A 261 60.14 19.02 10.65
N ARG A 262 58.95 19.20 11.22
CA ARG A 262 57.82 18.29 11.01
C ARG A 262 56.80 18.93 10.11
N LEU A 263 56.59 18.33 8.94
CA LEU A 263 55.64 18.85 7.95
C LEU A 263 54.53 17.84 7.77
N ALA A 264 53.34 18.18 8.28
CA ALA A 264 52.18 17.31 8.18
C ALA A 264 51.27 17.79 7.07
N ALA A 265 50.65 16.86 6.36
CA ALA A 265 49.76 17.21 5.26
C ALA A 265 48.71 16.12 5.09
N ALA A 266 47.47 16.55 4.91
CA ALA A 266 46.37 15.66 4.61
C ALA A 266 46.08 15.70 3.11
N CYS A 267 45.50 14.62 2.59
CA CYS A 267 45.38 14.43 1.16
C CYS A 267 43.95 14.08 0.78
N ARG A 268 43.73 13.94 -0.52
CA ARG A 268 42.41 13.58 -1.04
C ARG A 268 42.07 12.11 -0.85
N ASN A 269 43.05 11.27 -0.53
CA ASN A 269 42.79 9.85 -0.33
C ASN A 269 42.45 9.53 1.12
N GLY A 270 42.26 10.54 1.95
CA GLY A 270 41.88 10.30 3.34
C GLY A 270 43.00 9.78 4.21
N ASN A 271 44.20 10.31 4.04
CA ASN A 271 45.34 9.88 4.84
C ASN A 271 46.00 11.09 5.50
N ILE A 272 46.85 10.79 6.47
CA ILE A 272 47.66 11.80 7.14
C ILE A 272 49.12 11.46 6.86
N TYR A 273 49.83 12.39 6.24
CA TYR A 273 51.21 12.22 5.88
C TYR A 273 52.06 13.24 6.61
N ILE A 274 53.15 12.79 7.22
CA ILE A 274 54.06 13.67 7.95
C ILE A 274 55.47 13.49 7.40
N LEU A 275 56.26 14.56 7.47
CA LEU A 275 57.56 14.62 6.83
C LEU A 275 58.62 15.01 7.85
N ARG A 276 59.82 14.44 7.69
CA ARG A 276 60.94 14.75 8.56
C ARG A 276 61.67 16.00 8.06
N ARG A 277 62.84 16.29 8.64
CA ARG A 277 63.52 17.55 8.36
C ARG A 277 64.14 17.54 6.96
N ASP A 278 64.91 16.51 6.64
CA ASP A 278 65.58 16.43 5.35
C ASP A 278 65.25 15.18 4.56
N SER A 279 64.74 14.12 5.19
CA SER A 279 64.31 12.95 4.46
C SER A 279 63.03 13.28 3.71
N LYS A 280 63.11 13.30 2.38
CA LYS A 280 62.01 13.77 1.53
C LYS A 280 61.08 12.63 1.13
N HIS A 281 60.63 11.86 2.11
CA HIS A 281 59.71 10.74 1.90
C HIS A 281 58.79 10.66 3.11
N PRO A 282 57.54 10.22 2.93
CA PRO A 282 56.64 10.11 4.08
C PRO A 282 57.06 8.98 5.01
N LYS A 283 57.64 9.36 6.15
CA LYS A 283 58.22 8.36 7.04
C LYS A 283 57.15 7.61 7.80
N TYR A 284 56.14 8.31 8.30
CA TYR A 284 55.06 7.69 9.05
C TYR A 284 53.73 8.08 8.42
N CYS A 285 52.90 7.08 8.15
CA CYS A 285 51.60 7.29 7.54
C CYS A 285 50.52 6.75 8.46
N ILE A 286 49.50 7.56 8.71
CA ILE A 286 48.32 7.14 9.45
C ILE A 286 47.09 7.56 8.68
N GLU A 287 46.02 6.77 8.83
CA GLU A 287 44.85 6.87 7.99
C GLU A 287 43.63 7.20 8.84
N LEU A 288 42.56 7.61 8.14
CA LEU A 288 41.26 7.77 8.75
C LEU A 288 40.26 6.92 8.01
N SER A 289 38.98 7.09 8.28
CA SER A 289 37.94 6.43 7.50
C SER A 289 37.39 7.30 6.38
N ALA A 290 37.64 8.61 6.40
CA ALA A 290 37.05 9.51 5.43
C ALA A 290 37.94 10.73 5.28
N GLN A 291 37.47 11.70 4.49
CA GLN A 291 38.23 12.90 4.18
C GLN A 291 38.35 13.80 5.39
N PRO A 292 39.55 14.19 5.80
CA PRO A 292 39.67 15.20 6.85
C PRO A 292 39.28 16.58 6.34
N VAL A 293 38.38 17.25 7.07
CA VAL A 293 37.89 18.56 6.65
C VAL A 293 38.75 19.70 7.18
N GLY A 294 39.77 19.39 7.97
CA GLY A 294 40.60 20.42 8.56
C GLY A 294 41.71 19.80 9.40
N LEU A 295 42.90 20.38 9.33
CA LEU A 295 44.07 19.82 10.01
C LEU A 295 44.69 20.91 10.87
N ILE A 296 44.42 20.86 12.18
CA ILE A 296 44.93 21.85 13.13
C ILE A 296 45.72 21.12 14.19
N ARG A 297 46.86 21.69 14.57
CA ARG A 297 47.65 21.12 15.65
C ARG A 297 47.39 21.86 16.96
N VAL A 298 47.76 21.20 18.06
CA VAL A 298 47.70 21.74 19.40
C VAL A 298 49.19 21.73 19.77
N HIS A 299 49.54 22.09 21.01
CA HIS A 299 50.93 22.22 21.45
C HIS A 299 51.76 20.97 21.21
N LYS A 300 51.19 19.78 21.42
CA LYS A 300 51.89 18.55 21.07
C LYS A 300 51.02 17.53 20.34
N VAL A 301 49.70 17.59 20.46
CA VAL A 301 48.82 16.66 19.79
C VAL A 301 48.30 17.35 18.53
N LEU A 302 47.81 16.56 17.58
CA LEU A 302 47.36 17.04 16.29
C LEU A 302 45.97 16.49 16.01
N VAL A 303 45.01 17.35 15.73
CA VAL A 303 43.62 16.94 15.58
C VAL A 303 43.21 17.06 14.12
N VAL A 304 42.26 16.21 13.73
CA VAL A 304 41.69 16.20 12.39
C VAL A 304 40.18 16.37 12.53
N GLY A 305 39.52 16.58 11.39
CA GLY A 305 38.07 16.50 11.39
C GLY A 305 37.50 15.61 10.32
N SER A 306 36.93 14.47 10.70
CA SER A 306 36.35 13.58 9.71
C SER A 306 34.98 14.09 9.30
N THR A 307 34.61 13.79 8.05
CA THR A 307 33.28 14.19 7.58
C THR A 307 32.18 13.28 8.09
N GLN A 308 32.52 12.21 8.80
CA GLN A 308 31.59 11.47 9.62
C GLN A 308 31.49 12.03 11.03
N ASP A 309 32.02 13.24 11.25
CA ASP A 309 31.85 14.04 12.46
C ASP A 309 32.46 13.34 13.68
N SER A 310 33.71 12.90 13.54
CA SER A 310 34.45 12.21 14.59
C SER A 310 35.82 12.87 14.68
N LEU A 311 35.91 13.93 15.48
CA LEU A 311 37.11 14.75 15.58
C LEU A 311 38.16 14.01 16.40
N HIS A 312 39.20 13.51 15.72
CA HIS A 312 40.19 12.66 16.36
C HIS A 312 41.32 13.51 16.96
N GLY A 313 42.42 12.85 17.31
CA GLY A 313 43.61 13.49 17.80
C GLY A 313 44.81 12.56 17.74
N PHE A 314 45.93 13.04 17.22
CA PHE A 314 47.11 12.21 17.05
C PHE A 314 48.35 12.93 17.56
N THR A 315 49.27 12.18 18.14
CA THR A 315 50.45 12.76 18.78
C THR A 315 51.52 13.06 17.73
N HIS A 316 52.75 13.34 18.21
CA HIS A 316 53.85 13.75 17.35
C HIS A 316 54.23 12.66 16.36
N LYS A 317 54.52 11.46 16.87
CA LYS A 317 54.67 10.32 15.98
C LYS A 317 53.33 9.91 15.38
N GLY A 318 52.26 10.08 16.13
CA GLY A 318 50.92 9.86 15.64
C GLY A 318 50.32 8.55 16.07
N LYS A 319 49.52 8.57 17.13
CA LYS A 319 48.75 7.42 17.58
C LYS A 319 47.38 7.92 18.03
N LYS A 320 46.48 6.98 18.27
CA LYS A 320 45.14 7.35 18.70
C LYS A 320 45.15 7.75 20.16
N LEU A 321 44.63 8.94 20.46
CA LEU A 321 44.58 9.46 21.82
C LEU A 321 43.17 9.63 22.34
N TRP A 322 42.33 10.39 21.63
CA TRP A 322 40.97 10.65 22.08
C TRP A 322 40.12 10.98 20.86
N THR A 323 38.80 11.00 21.07
CA THR A 323 37.87 11.23 19.97
C THR A 323 36.59 11.82 20.52
N VAL A 324 36.20 12.99 20.02
CA VAL A 324 34.94 13.62 20.38
C VAL A 324 34.00 13.54 19.19
N GLN A 325 32.78 13.07 19.44
CA GLN A 325 31.75 13.03 18.42
C GLN A 325 31.03 14.38 18.41
N MET A 326 30.58 14.76 17.23
CA MET A 326 29.88 16.03 17.12
C MET A 326 28.49 15.80 16.56
N PRO A 327 27.46 16.40 17.16
CA PRO A 327 26.07 16.11 16.76
C PRO A 327 25.60 16.79 15.48
N ALA A 328 26.49 17.39 14.69
CA ALA A 328 26.12 17.95 13.40
C ALA A 328 27.32 17.86 12.48
N ALA A 329 27.11 18.21 11.21
CA ALA A 329 28.15 18.07 10.20
C ALA A 329 29.19 19.17 10.34
N ILE A 330 30.46 18.77 10.40
CA ILE A 330 31.57 19.73 10.51
C ILE A 330 31.67 20.49 9.19
N LEU A 331 31.94 21.79 9.27
CA LEU A 331 32.08 22.59 8.08
C LEU A 331 33.31 23.48 8.06
N THR A 332 33.86 23.87 9.21
CA THR A 332 35.06 24.68 9.27
C THR A 332 35.80 24.34 10.56
N MET A 333 37.13 24.32 10.50
CA MET A 333 37.96 24.13 11.69
C MET A 333 39.11 25.13 11.66
N ASN A 334 39.49 25.62 12.84
CA ASN A 334 40.54 26.63 12.95
C ASN A 334 41.18 26.58 14.34
N LEU A 335 42.24 27.37 14.51
CA LEU A 335 43.04 27.41 15.72
C LEU A 335 42.76 28.66 16.53
N LEU A 336 42.62 28.47 17.85
CA LEU A 336 42.44 29.57 18.81
C LEU A 336 43.76 29.80 19.51
N GLU A 337 44.19 31.05 19.57
CA GLU A 337 45.43 31.42 20.22
C GLU A 337 45.29 32.78 20.88
N GLN A 338 45.30 32.79 22.21
CA GLN A 338 45.28 34.01 23.00
C GLN A 338 46.70 34.32 23.45
N HIS A 339 47.16 35.54 23.15
CA HIS A 339 48.52 35.92 23.52
C HIS A 339 48.63 36.12 25.04
N SER A 340 47.58 36.62 25.67
CA SER A 340 47.62 36.88 27.10
C SER A 340 47.49 35.60 27.91
N ARG A 341 46.41 34.85 27.69
CA ARG A 341 46.15 33.67 28.51
C ARG A 341 47.04 32.51 28.12
N GLY A 342 47.48 32.47 26.86
CA GLY A 342 48.22 31.32 26.37
C GLY A 342 47.36 30.11 26.09
N LEU A 343 46.10 30.29 25.76
CA LEU A 343 45.20 29.16 25.55
C LEU A 343 45.21 28.72 24.09
N GLN A 344 45.45 27.44 23.87
CA GLN A 344 45.43 26.86 22.53
C GLN A 344 44.20 25.96 22.41
N ALA A 345 43.17 26.47 21.74
CA ALA A 345 41.93 25.74 21.54
C ALA A 345 41.69 25.57 20.05
N VAL A 346 40.73 24.73 19.69
CA VAL A 346 40.40 24.42 18.30
C VAL A 346 38.93 24.78 18.07
N MET A 347 38.66 25.48 16.97
CA MET A 347 37.29 25.82 16.60
C MET A 347 36.66 24.72 15.76
N ALA A 348 35.34 24.78 15.68
CA ALA A 348 34.56 23.85 14.85
C ALA A 348 33.28 24.59 14.45
N GLY A 349 33.26 25.11 13.23
CA GLY A 349 32.06 25.75 12.74
C GLY A 349 31.07 24.75 12.20
N LEU A 350 29.99 24.48 12.94
CA LEU A 350 29.07 23.43 12.59
C LEU A 350 28.10 23.89 11.50
N ALA A 351 27.18 23.01 11.14
CA ALA A 351 26.30 23.24 10.00
C ALA A 351 25.02 23.97 10.37
N ASN A 352 24.50 23.79 11.58
CA ASN A 352 23.27 24.48 11.95
C ASN A 352 23.50 25.95 12.27
N GLY A 353 24.72 26.33 12.64
CA GLY A 353 25.03 27.71 12.93
C GLY A 353 25.87 27.89 14.18
N GLU A 354 25.93 26.87 15.02
CA GLU A 354 26.71 26.95 16.24
C GLU A 354 28.20 26.85 15.92
N VAL A 355 29.02 27.34 16.85
CA VAL A 355 30.47 27.30 16.72
C VAL A 355 30.99 26.71 18.03
N ARG A 356 31.28 25.42 18.04
CA ARG A 356 31.76 24.76 19.23
C ARG A 356 33.25 24.98 19.41
N ILE A 357 33.67 25.17 20.66
CA ILE A 357 35.05 25.44 21.00
C ILE A 357 35.53 24.31 21.89
N TYR A 358 36.72 23.79 21.64
CA TYR A 358 37.20 22.62 22.34
C TYR A 358 38.66 22.78 22.72
N ARG A 359 39.00 22.33 23.92
CA ARG A 359 40.38 22.04 24.31
C ARG A 359 40.62 20.57 23.97
N ASP A 360 41.38 19.86 24.80
CA ASP A 360 41.73 18.45 24.61
C ASP A 360 40.45 17.62 24.57
N LYS A 361 39.59 17.67 25.58
CA LYS A 361 38.36 16.87 25.60
C LYS A 361 37.17 17.62 26.15
N ALA A 362 37.27 18.93 26.33
CA ALA A 362 36.24 19.69 27.03
C ALA A 362 35.62 20.71 26.08
N LEU A 363 34.30 20.79 26.11
CA LEU A 363 33.58 21.88 25.46
C LEU A 363 33.73 23.13 26.32
N LEU A 364 34.19 24.22 25.70
CA LEU A 364 34.37 25.46 26.45
C LEU A 364 33.11 26.31 26.41
N ASN A 365 32.68 26.71 25.21
CA ASN A 365 31.43 27.42 25.05
C ASN A 365 30.92 27.21 23.63
N VAL A 366 29.75 27.76 23.36
CA VAL A 366 29.12 27.72 22.05
C VAL A 366 28.50 29.08 21.78
N ILE A 367 28.30 29.40 20.51
CA ILE A 367 27.58 30.62 20.10
C ILE A 367 26.50 30.21 19.12
N HIS A 368 25.24 30.34 19.53
CA HIS A 368 24.15 29.70 18.81
C HIS A 368 23.54 30.60 17.76
N THR A 369 23.84 31.90 17.80
CA THR A 369 23.09 32.95 17.11
C THR A 369 22.97 32.84 15.59
N PRO A 370 24.05 32.82 14.79
CA PRO A 370 23.85 33.07 13.35
C PRO A 370 23.45 31.82 12.57
N ASP A 371 23.40 31.94 11.25
CA ASP A 371 23.22 30.80 10.38
C ASP A 371 24.56 30.09 10.17
N ALA A 372 24.60 29.22 9.15
CA ALA A 372 25.76 28.39 8.88
C ALA A 372 26.98 29.22 8.52
N VAL A 373 28.08 28.97 9.23
CA VAL A 373 29.30 29.75 9.13
C VAL A 373 30.31 28.98 8.30
N THR A 374 30.91 29.65 7.32
CA THR A 374 31.90 29.01 6.46
C THR A 374 33.32 29.46 6.76
N SER A 375 33.49 30.70 7.20
CA SER A 375 34.80 31.28 7.38
C SER A 375 35.00 31.68 8.84
N LEU A 376 36.24 31.58 9.32
CA LEU A 376 36.49 31.77 10.74
C LEU A 376 37.95 32.12 10.93
N CYS A 377 38.23 33.22 11.64
CA CYS A 377 39.55 33.51 12.18
C CYS A 377 39.40 34.01 13.61
N PHE A 378 40.52 34.01 14.34
CA PHE A 378 40.56 34.51 15.71
C PHE A 378 41.91 35.19 15.94
N GLY A 379 41.89 36.50 16.07
CA GLY A 379 43.11 37.26 16.28
C GLY A 379 42.78 38.66 16.79
N ARG A 380 43.75 39.55 16.62
CA ARG A 380 43.49 40.95 16.93
C ARG A 380 43.07 41.71 15.68
N TYR A 381 41.99 42.48 15.78
CA TYR A 381 41.49 43.28 14.68
C TYR A 381 41.65 44.76 15.04
N GLY A 382 42.66 45.40 14.48
CA GLY A 382 42.85 46.81 14.74
C GLY A 382 43.50 47.03 16.09
N ARG A 383 42.78 47.70 16.98
CA ARG A 383 43.32 48.02 18.29
C ARG A 383 42.98 46.95 19.32
N GLU A 384 41.79 46.37 19.22
CA GLU A 384 41.37 45.36 20.18
C GLU A 384 42.12 44.06 19.93
N ASP A 385 42.43 43.34 21.00
CA ASP A 385 43.31 42.18 20.88
C ASP A 385 42.53 40.88 20.73
N ASN A 386 41.27 40.87 21.14
CA ASN A 386 40.47 39.66 21.14
C ASN A 386 39.32 39.81 20.15
N THR A 387 39.50 39.28 18.95
CA THR A 387 38.46 39.33 17.93
C THR A 387 38.33 37.97 17.26
N LEU A 388 37.10 37.48 17.11
CA LEU A 388 36.86 36.18 16.49
C LEU A 388 35.83 36.42 15.38
N ILE A 389 36.35 36.66 14.18
CA ILE A 389 35.54 37.03 13.02
C ILE A 389 34.96 35.76 12.39
N MET A 390 33.69 35.82 12.01
CA MET A 390 33.00 34.74 11.31
C MET A 390 32.20 35.33 10.16
N THR A 391 31.52 34.47 9.40
CA THR A 391 30.94 34.88 8.13
C THR A 391 29.77 33.97 7.80
N THR A 392 28.64 34.55 7.41
CA THR A 392 27.46 33.79 7.04
C THR A 392 27.66 33.02 5.73
N ARG A 393 26.82 32.02 5.50
CA ARG A 393 26.90 31.27 4.25
C ARG A 393 26.31 32.06 3.09
N GLY A 394 25.45 33.04 3.37
CA GLY A 394 24.90 33.86 2.30
C GLY A 394 25.87 34.92 1.83
N GLY A 395 26.78 35.35 2.70
CA GLY A 395 27.78 36.32 2.32
C GLY A 395 27.90 37.48 3.29
N GLY A 396 27.03 37.51 4.29
CA GLY A 396 27.05 38.57 5.27
C GLY A 396 28.13 38.39 6.31
N LEU A 397 28.18 39.34 7.24
CA LEU A 397 29.20 39.36 8.27
C LEU A 397 28.57 39.29 9.65
N ILE A 398 29.36 38.79 10.60
CA ILE A 398 29.02 38.80 12.02
C ILE A 398 30.31 38.81 12.81
N ILE A 399 30.43 39.78 13.73
CA ILE A 399 31.66 40.02 14.47
C ILE A 399 31.38 39.86 15.95
N LYS A 400 32.27 39.14 16.65
CA LYS A 400 32.21 38.99 18.09
C LYS A 400 33.45 39.62 18.72
N ILE A 401 33.31 40.06 19.97
CA ILE A 401 34.40 40.68 20.71
C ILE A 401 34.43 40.09 22.11
N LEU A 402 35.57 39.51 22.48
CA LEU A 402 35.73 39.04 23.84
C LEU A 402 36.08 40.20 24.77
N LYS A 403 35.70 40.06 26.03
CA LYS A 403 36.03 41.02 27.07
C LYS A 403 37.17 40.49 27.93
N ARG A 404 37.84 41.41 28.63
CA ARG A 404 39.02 41.04 29.41
C ARG A 404 38.65 40.27 30.67
N THR A 405 37.42 40.47 31.16
CA THR A 405 37.03 39.82 32.40
C THR A 405 36.71 38.34 32.19
N ALA A 406 36.20 37.99 31.01
CA ALA A 406 35.76 36.62 30.78
C ALA A 406 36.94 35.70 30.52
N VAL A 407 37.07 34.68 31.35
CA VAL A 407 37.96 33.55 31.09
C VAL A 407 37.07 32.35 30.83
N PHE A 408 37.58 31.42 30.02
CA PHE A 408 36.78 30.32 29.51
C PHE A 408 36.76 29.19 30.52
N VAL A 409 35.56 28.78 30.93
CA VAL A 409 35.32 27.70 31.86
C VAL A 409 34.86 26.52 31.00
N GLU A 410 34.80 25.31 31.62
CA GLU A 410 33.79 24.29 31.22
C GLU A 410 32.38 24.83 31.34
N GLY A 411 31.93 25.09 32.57
CA GLY A 411 30.61 25.67 32.91
C GLY A 411 29.46 24.86 32.31
N GLY A 412 29.62 23.55 32.28
CA GLY A 412 28.67 22.65 31.63
C GLY A 412 27.86 21.93 32.68
N SER A 413 26.55 21.89 32.49
CA SER A 413 25.66 21.19 33.42
C SER A 413 25.71 19.68 33.18
N GLU A 414 24.99 18.96 34.02
CA GLU A 414 24.91 17.50 33.93
C GLU A 414 23.64 17.10 33.17
N VAL A 415 23.77 17.08 31.84
CA VAL A 415 22.66 16.70 30.98
C VAL A 415 22.48 15.19 31.01
N GLY A 416 21.39 14.73 31.61
CA GLY A 416 21.16 13.31 31.81
C GLY A 416 20.48 12.70 30.59
N PRO A 417 20.20 11.39 30.69
CA PRO A 417 19.62 10.66 29.58
C PRO A 417 18.14 10.98 29.40
N PRO A 418 17.33 10.67 30.40
CA PRO A 418 15.89 10.89 30.34
C PRO A 418 15.43 11.52 31.65
N PRO A 419 15.25 12.84 31.64
CA PRO A 419 14.63 13.55 32.75
C PRO A 419 13.17 13.86 32.48
N ALA A 420 12.63 13.47 31.33
CA ALA A 420 11.26 13.80 30.98
C ALA A 420 10.31 12.67 31.38
N GLN A 421 9.09 13.07 31.75
CA GLN A 421 8.07 12.09 32.12
C GLN A 421 7.08 11.87 30.99
N ALA A 422 7.58 11.80 29.76
CA ALA A 422 6.78 11.70 28.52
C ALA A 422 5.99 10.39 28.54
N MET A 423 6.59 9.27 28.93
CA MET A 423 5.89 7.98 28.96
C MET A 423 6.23 7.27 30.27
N LYS A 424 5.29 7.32 31.22
CA LYS A 424 5.46 6.60 32.47
C LYS A 424 4.72 5.27 32.42
N LEU A 425 5.36 4.27 31.82
CA LEU A 425 4.92 2.86 31.78
C LEU A 425 3.53 2.73 31.14
N ASN A 426 3.48 2.98 29.82
CA ASN A 426 2.23 2.95 29.06
C ASN A 426 1.70 1.52 29.01
N VAL A 427 0.69 1.23 29.83
CA VAL A 427 0.07 -0.08 29.92
C VAL A 427 -1.44 0.13 29.92
N PRO A 428 -2.21 -0.57 29.08
CA PRO A 428 -3.66 -0.36 29.06
C PRO A 428 -4.32 -0.94 30.30
N ARG A 429 -5.49 -0.41 30.63
CA ARG A 429 -6.19 -0.74 31.86
C ARG A 429 -7.27 -1.78 31.60
N LYS A 430 -7.26 -2.84 32.41
CA LYS A 430 -8.22 -3.93 32.28
C LYS A 430 -9.38 -3.71 33.25
N THR A 431 -10.59 -3.57 32.69
CA THR A 431 -11.77 -3.18 33.43
C THR A 431 -12.41 -4.37 34.13
N ARG A 432 -13.64 -4.18 34.60
CA ARG A 432 -14.42 -5.27 35.19
C ARG A 432 -14.81 -6.31 34.15
N LEU A 433 -14.93 -5.91 32.88
CA LEU A 433 -15.40 -6.80 31.83
C LEU A 433 -14.39 -7.90 31.49
N TYR A 434 -13.14 -7.77 31.94
CA TYR A 434 -12.20 -8.88 31.86
C TYR A 434 -12.15 -9.71 33.13
N VAL A 435 -12.31 -9.10 34.31
CA VAL A 435 -12.07 -9.82 35.55
C VAL A 435 -13.24 -10.75 35.88
N ASP A 436 -14.41 -10.57 35.25
CA ASP A 436 -15.44 -11.58 35.36
C ASP A 436 -15.26 -12.70 34.35
N GLN A 437 -14.53 -12.44 33.27
CA GLN A 437 -14.31 -13.47 32.26
C GLN A 437 -13.36 -14.55 32.73
N THR A 438 -12.46 -14.24 33.66
CA THR A 438 -11.53 -15.26 34.13
C THR A 438 -12.21 -16.22 35.10
N LEU A 439 -13.35 -15.81 35.67
CA LEU A 439 -14.09 -16.73 36.54
C LEU A 439 -14.87 -17.75 35.73
N ARG A 440 -15.33 -17.36 34.54
CA ARG A 440 -15.99 -18.31 33.64
C ARG A 440 -14.99 -19.34 33.14
N GLU A 441 -13.74 -18.94 32.97
CA GLU A 441 -12.71 -19.85 32.49
C GLU A 441 -12.20 -20.78 33.58
N ARG A 442 -12.31 -20.39 34.85
CA ARG A 442 -11.64 -21.13 35.91
C ARG A 442 -12.40 -22.41 36.25
N GLU A 443 -13.72 -22.36 36.30
CA GLU A 443 -14.51 -23.51 36.73
C GLU A 443 -15.00 -24.37 35.58
N ALA A 444 -15.52 -23.77 34.51
CA ALA A 444 -16.06 -24.51 33.39
C ALA A 444 -15.09 -24.61 32.22
N GLY A 445 -13.78 -24.45 32.48
CA GLY A 445 -12.82 -24.43 31.40
C GLY A 445 -12.58 -25.76 30.73
N THR A 446 -12.84 -26.86 31.44
CA THR A 446 -12.53 -28.18 30.89
C THR A 446 -13.47 -28.55 29.76
N ALA A 447 -14.66 -27.96 29.72
CA ALA A 447 -15.53 -28.15 28.57
C ALA A 447 -15.07 -27.30 27.38
N MET A 448 -14.35 -26.22 27.64
CA MET A 448 -13.94 -25.34 26.57
C MET A 448 -12.82 -25.91 25.73
N HIS A 449 -11.97 -26.76 26.32
CA HIS A 449 -10.84 -27.31 25.58
C HIS A 449 -11.31 -28.34 24.56
N ARG A 450 -12.21 -29.23 24.97
CA ARG A 450 -12.74 -30.22 24.04
C ARG A 450 -13.68 -29.61 23.02
N ALA A 451 -14.22 -28.42 23.30
CA ALA A 451 -15.02 -27.73 22.31
C ALA A 451 -14.16 -27.15 21.21
N PHE A 452 -12.90 -26.83 21.51
CA PHE A 452 -12.05 -26.24 20.48
C PHE A 452 -11.53 -27.28 19.51
N GLN A 453 -11.12 -28.44 20.02
CA GLN A 453 -10.46 -29.45 19.18
C GLN A 453 -11.43 -30.04 18.15
N THR A 454 -12.62 -30.43 18.60
CA THR A 454 -13.58 -31.06 17.70
C THR A 454 -14.22 -30.05 16.75
N ASP A 455 -14.06 -28.76 16.99
CA ASP A 455 -14.43 -27.77 15.99
C ASP A 455 -13.28 -27.47 15.06
N LEU A 456 -12.06 -27.57 15.56
CA LEU A 456 -10.88 -27.44 14.71
C LEU A 456 -10.64 -28.68 13.88
N TYR A 457 -11.13 -29.83 14.33
CA TYR A 457 -10.94 -31.06 13.57
C TYR A 457 -11.80 -31.09 12.31
N LEU A 458 -12.94 -30.40 12.33
CA LEU A 458 -13.69 -30.21 11.09
C LEU A 458 -13.03 -29.15 10.23
N LEU A 459 -12.23 -28.27 10.82
CA LEU A 459 -11.65 -27.17 10.08
C LEU A 459 -10.50 -27.64 9.20
N ARG A 460 -9.70 -28.59 9.68
CA ARG A 460 -8.66 -29.17 8.85
C ARG A 460 -9.26 -29.95 7.69
N LEU A 461 -10.39 -30.61 7.92
CA LEU A 461 -11.03 -31.37 6.86
C LEU A 461 -11.69 -30.45 5.84
N ARG A 462 -12.36 -29.40 6.31
CA ARG A 462 -13.05 -28.49 5.41
C ARG A 462 -12.06 -27.69 4.56
N ALA A 463 -10.88 -27.42 5.09
CA ALA A 463 -9.86 -26.72 4.31
C ALA A 463 -9.28 -27.62 3.23
N ALA A 464 -8.85 -28.83 3.61
CA ALA A 464 -8.18 -29.72 2.68
C ALA A 464 -9.11 -30.25 1.61
N ARG A 465 -10.39 -30.44 1.94
CA ARG A 465 -11.36 -30.83 0.93
C ARG A 465 -11.65 -29.70 -0.05
N ALA A 466 -11.43 -28.46 0.36
CA ALA A 466 -11.53 -27.34 -0.56
C ALA A 466 -10.19 -26.96 -1.17
N TYR A 467 -9.08 -27.35 -0.54
CA TYR A 467 -7.77 -27.13 -1.13
C TYR A 467 -7.56 -28.04 -2.33
N LEU A 468 -7.77 -29.34 -2.14
CA LEU A 468 -7.57 -30.31 -3.21
C LEU A 468 -8.61 -30.16 -4.31
N GLN A 469 -9.74 -29.52 -4.02
CA GLN A 469 -10.75 -29.23 -5.02
C GLN A 469 -10.26 -28.22 -6.06
N ALA A 470 -9.26 -27.41 -5.72
CA ALA A 470 -8.69 -26.46 -6.66
C ALA A 470 -7.28 -26.78 -7.09
N LEU A 471 -6.53 -27.56 -6.29
CA LEU A 471 -5.17 -27.89 -6.66
C LEU A 471 -5.14 -28.85 -7.85
N GLU A 472 -6.06 -29.82 -7.88
CA GLU A 472 -6.16 -30.70 -9.03
C GLU A 472 -6.63 -29.94 -10.26
N SER A 473 -7.49 -28.94 -10.07
CA SER A 473 -7.84 -28.06 -11.18
C SER A 473 -6.78 -27.01 -11.44
N SER A 474 -5.78 -26.90 -10.54
CA SER A 474 -4.62 -26.02 -10.69
C SER A 474 -5.01 -24.54 -10.81
N LEU A 475 -5.97 -24.12 -9.98
CA LEU A 475 -6.43 -22.73 -10.00
C LEU A 475 -5.41 -21.77 -9.41
N SER A 476 -4.42 -22.26 -8.69
CA SER A 476 -3.53 -21.37 -7.96
C SER A 476 -2.57 -20.67 -8.90
N PRO A 477 -2.25 -19.39 -8.66
CA PRO A 477 -1.26 -18.69 -9.49
C PRO A 477 0.18 -18.98 -9.12
N LEU A 478 0.45 -20.07 -8.41
CA LEU A 478 1.80 -20.45 -8.03
C LEU A 478 2.10 -21.87 -8.51
N SER A 479 3.37 -22.13 -8.82
CA SER A 479 3.78 -23.42 -9.33
C SER A 479 5.18 -23.76 -8.80
N THR A 480 5.60 -25.00 -9.07
CA THR A 480 6.86 -25.51 -8.56
C THR A 480 7.73 -26.10 -9.67
N THR A 481 7.12 -26.79 -10.64
CA THR A 481 7.88 -27.44 -11.70
C THR A 481 8.41 -26.43 -12.70
N ALA A 482 7.52 -25.75 -13.41
CA ALA A 482 7.85 -24.56 -14.16
C ALA A 482 7.51 -23.37 -13.26
N ARG A 483 8.49 -22.54 -12.97
CA ARG A 483 8.54 -21.82 -11.70
C ARG A 483 8.11 -20.36 -11.81
N GLU A 484 7.08 -20.06 -12.59
CA GLU A 484 6.73 -18.65 -12.59
C GLU A 484 5.40 -18.42 -11.89
N PRO A 485 5.16 -17.25 -11.30
CA PRO A 485 3.82 -16.88 -10.87
C PRO A 485 3.12 -16.09 -11.97
N LEU A 486 1.85 -15.78 -11.71
CA LEU A 486 1.04 -15.11 -12.71
C LEU A 486 0.13 -14.12 -12.02
N LYS A 487 0.38 -12.84 -12.26
CA LYS A 487 -0.46 -11.77 -11.76
C LYS A 487 -1.09 -11.10 -12.97
N LEU A 488 -2.29 -10.57 -12.80
CA LEU A 488 -3.00 -9.97 -13.91
C LEU A 488 -3.99 -8.95 -13.38
N HIS A 489 -4.31 -7.98 -14.21
CA HIS A 489 -5.01 -6.80 -13.72
C HIS A 489 -5.77 -6.14 -14.86
N ALA A 490 -6.78 -5.36 -14.50
CA ALA A 490 -7.46 -4.48 -15.43
C ALA A 490 -6.86 -3.09 -15.33
N VAL A 491 -6.47 -2.52 -16.47
CA VAL A 491 -5.69 -1.30 -16.50
C VAL A 491 -6.68 -0.12 -16.62
N VAL A 492 -6.18 1.08 -16.31
CA VAL A 492 -6.99 2.31 -16.27
C VAL A 492 -7.61 2.64 -17.62
N GLN A 493 -6.88 2.44 -18.72
CA GLN A 493 -7.40 2.68 -20.06
C GLN A 493 -8.48 1.68 -20.46
N GLY A 494 -8.60 0.57 -19.73
CA GLY A 494 -9.66 -0.40 -19.97
C GLY A 494 -10.98 0.00 -19.34
N LEU A 495 -11.70 0.91 -19.98
CA LEU A 495 -12.99 1.37 -19.48
C LEU A 495 -13.96 1.53 -20.64
N GLY A 496 -15.23 1.21 -20.38
CA GLY A 496 -16.26 1.37 -21.37
C GLY A 496 -16.45 0.15 -22.24
N PRO A 497 -16.79 0.36 -23.52
CA PRO A 497 -16.95 -0.77 -24.45
C PRO A 497 -15.60 -1.41 -24.76
N THR A 498 -14.59 -0.59 -25.01
CA THR A 498 -13.24 -1.11 -25.08
C THR A 498 -12.75 -1.43 -23.66
N PHE A 499 -11.77 -2.33 -23.60
CA PHE A 499 -11.27 -2.84 -22.32
C PHE A 499 -9.93 -3.49 -22.57
N LYS A 500 -8.95 -3.18 -21.73
CA LYS A 500 -7.58 -3.65 -21.91
C LYS A 500 -7.16 -4.46 -20.70
N LEU A 501 -6.58 -5.63 -20.96
CA LEU A 501 -6.22 -6.58 -19.91
C LEU A 501 -4.73 -6.85 -20.00
N THR A 502 -3.99 -6.45 -18.96
CA THR A 502 -2.58 -6.77 -18.90
C THR A 502 -2.39 -8.13 -18.23
N LEU A 503 -1.16 -8.60 -18.24
CA LEU A 503 -0.82 -9.90 -17.68
C LEU A 503 0.67 -9.90 -17.39
N HIS A 504 1.07 -10.45 -16.24
CA HIS A 504 2.42 -10.31 -15.74
C HIS A 504 3.05 -11.68 -15.51
N LEU A 505 4.03 -12.02 -16.34
CA LEU A 505 4.84 -13.22 -16.15
C LEU A 505 6.26 -12.83 -15.78
N GLN A 506 6.90 -13.70 -14.98
CA GLN A 506 8.24 -13.45 -14.47
C GLN A 506 8.82 -14.73 -13.92
N ASN A 507 10.02 -15.11 -14.34
CA ASN A 507 10.58 -16.34 -13.82
C ASN A 507 11.12 -16.14 -12.41
N THR A 508 11.12 -17.22 -11.63
CA THR A 508 11.70 -17.23 -10.29
C THR A 508 12.91 -18.14 -10.19
N SER A 509 13.57 -18.42 -11.31
CA SER A 509 14.83 -19.11 -11.24
C SER A 509 15.97 -18.10 -11.20
N THR A 510 17.17 -18.61 -10.93
CA THR A 510 18.38 -17.80 -11.09
C THR A 510 19.08 -18.07 -12.41
N THR A 511 19.38 -19.33 -12.71
CA THR A 511 19.87 -19.71 -14.04
C THR A 511 19.09 -20.96 -14.48
N ARG A 512 17.90 -20.73 -15.06
CA ARG A 512 17.15 -21.71 -15.82
C ARG A 512 16.08 -20.98 -16.63
N PRO A 513 16.39 -20.54 -17.83
CA PRO A 513 15.36 -19.87 -18.65
C PRO A 513 14.33 -20.84 -19.18
N VAL A 514 13.07 -20.69 -18.74
CA VAL A 514 12.00 -21.51 -19.28
C VAL A 514 11.71 -21.07 -20.71
N LEU A 515 11.23 -22.02 -21.52
CA LEU A 515 11.37 -21.91 -22.96
C LEU A 515 10.05 -22.14 -23.67
N GLY A 516 9.59 -21.11 -24.38
CA GLY A 516 8.53 -21.20 -25.38
C GLY A 516 7.21 -21.82 -24.99
N LEU A 517 6.61 -21.34 -23.92
CA LEU A 517 5.34 -21.88 -23.45
C LEU A 517 4.18 -21.27 -24.24
N LEU A 518 2.98 -21.63 -23.83
CA LEU A 518 1.76 -21.26 -24.54
C LEU A 518 0.77 -20.68 -23.55
N VAL A 519 0.17 -19.55 -23.90
CA VAL A 519 -0.89 -18.95 -23.09
C VAL A 519 -2.16 -18.94 -23.94
N CYS A 520 -3.22 -19.51 -23.39
CA CYS A 520 -4.54 -19.55 -24.02
C CYS A 520 -5.59 -19.38 -22.93
N PHE A 521 -6.62 -18.62 -23.23
CA PHE A 521 -7.70 -18.41 -22.29
C PHE A 521 -9.02 -18.91 -22.86
N LEU A 522 -9.46 -20.06 -22.36
CA LEU A 522 -10.84 -20.48 -22.54
C LEU A 522 -11.75 -19.61 -21.70
N TYR A 523 -12.92 -19.31 -22.24
CA TYR A 523 -13.84 -18.40 -21.57
C TYR A 523 -15.24 -18.65 -22.10
N ASN A 524 -16.22 -18.51 -21.21
CA ASN A 524 -17.62 -18.60 -21.59
C ASN A 524 -17.97 -17.44 -22.52
N GLU A 525 -18.56 -17.75 -23.67
CA GLU A 525 -18.69 -16.79 -24.76
C GLU A 525 -19.74 -15.75 -24.39
N ALA A 526 -19.25 -14.59 -23.97
CA ALA A 526 -20.05 -13.38 -23.91
C ALA A 526 -19.84 -12.63 -25.23
N LEU A 527 -20.25 -11.37 -25.29
CA LEU A 527 -20.29 -10.64 -26.54
C LEU A 527 -19.00 -9.88 -26.84
N TYR A 528 -17.89 -10.24 -26.21
CA TYR A 528 -16.60 -9.68 -26.56
C TYR A 528 -15.80 -10.64 -27.44
N SER A 529 -14.75 -10.12 -28.06
CA SER A 529 -14.04 -10.82 -29.12
C SER A 529 -12.65 -11.29 -28.72
N LEU A 530 -11.78 -10.36 -28.30
CA LEU A 530 -10.37 -10.62 -27.98
C LEU A 530 -9.63 -11.29 -29.13
N PRO A 531 -9.26 -10.53 -30.17
CA PRO A 531 -9.01 -11.12 -31.50
C PRO A 531 -7.85 -12.08 -31.61
N ARG A 532 -6.83 -11.97 -30.76
CA ARG A 532 -5.71 -12.91 -30.85
C ARG A 532 -6.05 -14.23 -30.16
N ALA A 533 -6.34 -14.17 -28.86
CA ALA A 533 -6.88 -15.21 -27.99
C ALA A 533 -5.91 -16.37 -27.73
N PHE A 534 -4.75 -16.44 -28.38
CA PHE A 534 -3.85 -17.59 -28.24
C PHE A 534 -2.46 -17.14 -28.68
N PHE A 535 -1.60 -16.87 -27.70
CA PHE A 535 -0.26 -16.37 -28.01
C PHE A 535 0.76 -17.49 -27.98
N LYS A 536 1.98 -17.14 -28.37
CA LYS A 536 3.17 -17.91 -28.05
C LYS A 536 4.06 -17.01 -27.22
N VAL A 537 4.35 -17.42 -25.99
CA VAL A 537 4.99 -16.52 -25.03
C VAL A 537 6.48 -16.46 -25.35
N PRO A 538 7.15 -15.32 -25.17
CA PRO A 538 8.59 -15.26 -25.45
C PRO A 538 9.42 -16.02 -24.42
N LEU A 539 10.72 -16.07 -24.67
CA LEU A 539 11.62 -16.75 -23.77
C LEU A 539 11.78 -15.93 -22.50
N LEU A 540 11.34 -16.48 -21.39
CA LEU A 540 11.37 -15.77 -20.12
C LEU A 540 12.78 -15.84 -19.55
N VAL A 541 13.40 -14.69 -19.36
CA VAL A 541 14.72 -14.62 -18.74
C VAL A 541 14.53 -14.69 -17.23
N PRO A 542 15.47 -15.21 -16.48
CA PRO A 542 15.30 -15.24 -15.02
C PRO A 542 15.51 -13.87 -14.39
N GLY A 543 14.43 -13.24 -13.95
CA GLY A 543 14.54 -12.00 -13.22
C GLY A 543 13.63 -10.89 -13.69
N LEU A 544 13.46 -10.75 -15.00
CA LEU A 544 12.62 -9.68 -15.53
C LEU A 544 11.16 -10.09 -15.50
N ASN A 545 10.28 -9.09 -15.34
CA ASN A 545 8.85 -9.32 -15.42
C ASN A 545 8.36 -8.88 -16.79
N TYR A 546 7.39 -9.61 -17.31
CA TYR A 546 6.93 -9.37 -18.67
C TYR A 546 5.51 -8.82 -18.67
N PRO A 547 5.28 -7.68 -19.26
CA PRO A 547 3.88 -7.25 -19.49
C PRO A 547 3.32 -7.90 -20.74
N LEU A 548 2.12 -8.45 -20.66
CA LEU A 548 1.44 -9.05 -21.81
C LEU A 548 0.04 -8.48 -21.87
N GLU A 549 -0.28 -7.77 -22.96
CA GLU A 549 -1.51 -6.99 -23.04
C GLU A 549 -2.41 -7.52 -24.14
N THR A 550 -3.72 -7.42 -23.89
CA THR A 550 -4.74 -7.80 -24.85
C THR A 550 -5.74 -6.65 -25.00
N PHE A 551 -6.82 -6.90 -25.72
CA PHE A 551 -7.83 -5.88 -25.99
C PHE A 551 -9.22 -6.53 -26.00
N VAL A 552 -9.91 -6.47 -24.87
CA VAL A 552 -11.30 -6.91 -24.82
C VAL A 552 -12.16 -5.87 -25.52
N GLU A 553 -13.02 -6.32 -26.43
CA GLU A 553 -13.95 -5.43 -27.10
C GLU A 553 -15.38 -5.87 -26.79
N SER A 554 -15.92 -5.40 -25.67
CA SER A 554 -17.27 -5.72 -25.25
C SER A 554 -18.23 -4.80 -25.97
N LEU A 555 -19.41 -5.33 -26.32
CA LEU A 555 -20.35 -4.55 -27.11
C LEU A 555 -21.45 -3.95 -26.25
N SER A 556 -21.89 -4.66 -25.21
CA SER A 556 -22.90 -4.16 -24.29
C SER A 556 -22.49 -4.48 -22.86
N ASN A 557 -23.40 -4.17 -21.93
CA ASN A 557 -23.06 -4.17 -20.51
C ASN A 557 -23.34 -5.51 -19.84
N LYS A 558 -22.27 -6.27 -19.61
CA LYS A 558 -22.35 -7.50 -18.84
C LYS A 558 -21.09 -7.69 -17.99
N GLY A 559 -21.05 -8.78 -17.23
CA GLY A 559 -19.86 -9.13 -16.47
C GLY A 559 -19.77 -10.62 -16.19
N ILE A 560 -18.68 -11.26 -16.61
CA ILE A 560 -18.49 -12.69 -16.48
C ILE A 560 -16.98 -12.98 -16.50
N SER A 561 -16.56 -13.91 -15.64
CA SER A 561 -15.15 -14.11 -15.36
C SER A 561 -14.45 -14.89 -16.46
N ASP A 562 -13.22 -14.48 -16.80
CA ASP A 562 -12.35 -15.21 -17.70
C ASP A 562 -11.46 -16.17 -16.92
N ILE A 563 -10.96 -17.18 -17.62
CA ILE A 563 -9.96 -18.08 -17.06
C ILE A 563 -8.79 -18.09 -18.03
N ILE A 564 -7.63 -17.65 -17.58
CA ILE A 564 -6.44 -17.55 -18.41
C ILE A 564 -5.47 -18.63 -17.99
N LYS A 565 -5.09 -19.48 -18.93
CA LYS A 565 -4.21 -20.62 -18.66
C LYS A 565 -2.84 -20.39 -19.29
N VAL A 566 -1.85 -21.11 -18.78
CA VAL A 566 -0.55 -21.23 -19.45
C VAL A 566 -0.18 -22.72 -19.46
N LEU A 567 0.29 -23.20 -20.60
CA LEU A 567 0.61 -24.60 -20.74
C LEU A 567 2.11 -24.81 -20.96
N VAL A 568 2.57 -26.02 -20.72
CA VAL A 568 3.91 -26.43 -21.15
C VAL A 568 3.79 -26.73 -22.64
N LEU A 569 4.93 -26.96 -23.30
CA LEU A 569 5.06 -26.82 -24.75
C LEU A 569 4.14 -27.76 -25.52
N ARG A 570 4.34 -29.06 -25.38
CA ARG A 570 3.52 -29.97 -26.17
C ARG A 570 2.84 -31.06 -25.36
N GLU A 571 3.53 -31.61 -24.37
CA GLU A 571 3.05 -32.86 -23.75
C GLU A 571 2.00 -32.61 -22.69
N GLY A 572 2.33 -31.85 -21.64
CA GLY A 572 1.44 -31.74 -20.51
C GLY A 572 0.33 -30.73 -20.74
N GLN A 573 -0.90 -31.22 -20.90
CA GLN A 573 -2.06 -30.36 -21.03
C GLN A 573 -2.70 -30.06 -19.69
N SER A 574 -1.97 -30.32 -18.59
CA SER A 574 -2.55 -30.25 -17.25
C SER A 574 -2.80 -28.81 -16.82
N ALA A 575 -2.29 -27.83 -17.58
CA ALA A 575 -2.52 -26.40 -17.45
C ALA A 575 -2.16 -25.85 -16.08
N PRO A 576 -0.87 -25.72 -15.75
CA PRO A 576 -0.51 -25.03 -14.50
C PRO A 576 -0.82 -23.54 -14.61
N LEU A 577 -1.00 -22.92 -13.45
CA LEU A 577 -1.17 -21.47 -13.29
C LEU A 577 -2.36 -20.91 -14.06
N LEU A 578 -3.48 -21.63 -14.06
CA LEU A 578 -4.67 -21.05 -14.64
C LEU A 578 -5.31 -20.11 -13.64
N SER A 579 -5.48 -18.86 -14.04
CA SER A 579 -5.91 -17.80 -13.14
C SER A 579 -7.32 -17.36 -13.53
N ALA A 580 -8.29 -17.69 -12.70
CA ALA A 580 -9.68 -17.32 -12.95
C ALA A 580 -9.85 -15.84 -12.66
N HIS A 581 -9.57 -15.03 -13.68
CA HIS A 581 -9.74 -13.60 -13.57
C HIS A 581 -11.21 -13.22 -13.53
N VAL A 582 -11.60 -12.48 -12.50
CA VAL A 582 -12.97 -11.99 -12.38
C VAL A 582 -13.04 -10.61 -13.04
N ASN A 583 -13.94 -10.47 -13.99
CA ASN A 583 -14.01 -9.25 -14.77
C ASN A 583 -14.84 -8.20 -14.06
N MET A 584 -14.60 -6.94 -14.42
CA MET A 584 -15.38 -5.79 -14.04
C MET A 584 -16.57 -5.62 -14.97
N PRO A 585 -17.73 -5.20 -14.46
CA PRO A 585 -18.89 -4.97 -15.34
C PRO A 585 -18.77 -3.65 -16.07
N GLY A 586 -18.51 -3.72 -17.37
CA GLY A 586 -18.37 -2.54 -18.21
C GLY A 586 -19.71 -2.11 -18.75
N SER A 587 -19.76 -0.94 -19.37
CA SER A 587 -20.99 -0.42 -19.94
C SER A 587 -21.00 -0.55 -21.46
N GLU B 37 46.27 31.99 -21.87
CA GLU B 37 46.76 31.22 -23.01
C GLU B 37 45.60 30.44 -23.61
N PHE B 38 45.88 29.70 -24.69
CA PHE B 38 44.79 29.13 -25.48
C PHE B 38 44.12 27.88 -24.89
N PRO B 39 44.82 26.76 -24.58
CA PRO B 39 44.12 25.46 -24.61
C PRO B 39 43.07 25.24 -23.53
N ILE B 40 43.49 24.98 -22.29
CA ILE B 40 42.68 24.96 -21.06
C ILE B 40 43.74 25.15 -19.97
N LEU B 41 43.37 25.69 -18.81
CA LEU B 41 44.23 25.52 -17.64
C LEU B 41 44.09 24.11 -17.08
N GLU B 42 42.89 23.53 -17.20
CA GLU B 42 42.62 22.08 -17.16
C GLU B 42 42.65 21.52 -15.74
N LYS B 43 42.91 22.36 -14.74
CA LYS B 43 42.94 21.87 -13.37
C LYS B 43 42.25 22.88 -12.47
N GLN B 44 41.04 22.54 -12.02
CA GLN B 44 40.36 23.30 -10.99
C GLN B 44 39.75 22.35 -9.96
N ASN B 45 40.43 21.24 -9.71
CA ASN B 45 39.92 20.20 -8.85
C ASN B 45 40.00 20.54 -7.38
N TRP B 46 40.74 21.58 -7.02
CA TRP B 46 40.86 21.96 -5.62
C TRP B 46 39.58 22.58 -5.09
N LEU B 47 38.72 23.10 -5.97
CA LEU B 47 37.48 23.71 -5.57
C LEU B 47 36.35 22.69 -5.45
N ILE B 48 36.32 21.72 -6.37
CA ILE B 48 35.24 20.73 -6.38
C ILE B 48 35.39 19.79 -5.19
N HIS B 49 36.62 19.46 -4.83
CA HIS B 49 36.85 18.69 -3.61
C HIS B 49 36.51 19.47 -2.35
N LEU B 50 36.48 20.80 -2.40
CA LEU B 50 35.98 21.55 -1.25
C LEU B 50 34.47 21.48 -1.14
N HIS B 51 33.77 21.38 -2.27
CA HIS B 51 32.31 21.30 -2.22
C HIS B 51 31.85 19.94 -1.74
N TYR B 52 32.47 18.86 -2.22
CA TYR B 52 32.06 17.52 -1.84
C TYR B 52 32.40 17.22 -0.38
N ILE B 53 33.48 17.80 0.14
CA ILE B 53 33.85 17.56 1.54
C ILE B 53 32.96 18.37 2.48
N ARG B 54 32.22 19.33 1.95
CA ARG B 54 31.32 20.19 2.71
C ARG B 54 29.88 19.68 2.62
N LYS B 55 29.65 18.61 1.87
CA LYS B 55 28.33 18.04 1.59
C LYS B 55 27.39 19.04 0.93
N ASP B 56 27.94 19.92 0.09
CA ASP B 56 27.12 20.85 -0.69
C ASP B 56 26.99 20.27 -2.09
N TYR B 57 26.15 19.23 -2.19
CA TYR B 57 26.05 18.47 -3.43
C TYR B 57 25.31 19.21 -4.53
N GLU B 58 24.60 20.29 -4.20
CA GLU B 58 23.87 21.03 -5.23
C GLU B 58 24.75 22.05 -5.93
N ALA B 59 25.70 22.65 -5.21
CA ALA B 59 26.63 23.58 -5.87
C ALA B 59 27.75 22.83 -6.58
N CYS B 60 28.07 21.61 -6.12
CA CYS B 60 29.14 20.85 -6.73
C CYS B 60 28.74 20.35 -8.11
N LYS B 61 27.47 20.00 -8.30
CA LYS B 61 26.99 19.52 -9.60
C LYS B 61 27.07 20.61 -10.67
N ALA B 62 27.00 21.88 -10.27
CA ALA B 62 27.16 22.96 -11.23
C ALA B 62 28.59 23.03 -11.75
N VAL B 63 29.57 22.91 -10.85
CA VAL B 63 30.96 23.05 -11.24
C VAL B 63 31.42 21.84 -12.03
N ILE B 64 30.84 20.67 -11.76
CA ILE B 64 31.10 19.48 -12.58
C ILE B 64 30.57 19.70 -13.99
N LYS B 65 29.37 20.24 -14.11
CA LYS B 65 28.86 20.60 -15.42
C LYS B 65 29.61 21.79 -16.02
N GLU B 66 30.17 22.64 -15.17
CA GLU B 66 30.92 23.79 -15.68
C GLU B 66 32.28 23.36 -16.23
N GLN B 67 33.05 22.60 -15.44
CA GLN B 67 34.42 22.28 -15.81
C GLN B 67 34.47 21.29 -16.97
N LEU B 68 33.51 20.38 -17.03
CA LEU B 68 33.48 19.44 -18.15
C LEU B 68 33.06 20.12 -19.44
N GLN B 69 32.24 21.17 -19.34
CA GLN B 69 31.88 21.93 -20.54
C GLN B 69 32.94 22.97 -20.88
N GLU B 70 33.70 23.44 -19.89
CA GLU B 70 34.77 24.39 -20.17
C GLU B 70 35.90 23.72 -20.95
N THR B 71 36.30 22.52 -20.53
CA THR B 71 37.17 21.72 -21.37
C THR B 71 36.36 21.13 -22.53
N GLN B 72 37.09 20.62 -23.53
CA GLN B 72 36.42 19.99 -24.66
C GLN B 72 35.79 18.67 -24.27
N GLY B 73 36.30 18.04 -23.23
CA GLY B 73 35.70 16.83 -22.70
C GLY B 73 36.73 16.04 -21.94
N LEU B 74 36.28 14.88 -21.43
CA LEU B 74 37.10 13.85 -20.79
C LEU B 74 37.99 14.39 -19.66
N CYS B 75 37.41 15.24 -18.81
CA CYS B 75 38.09 15.63 -17.58
C CYS B 75 38.06 14.45 -16.61
N GLU B 76 39.03 14.40 -15.70
CA GLU B 76 39.17 13.21 -14.88
C GLU B 76 38.41 13.33 -13.57
N TYR B 77 38.74 14.33 -12.76
CA TYR B 77 38.18 14.39 -11.42
C TYR B 77 36.73 14.86 -11.42
N ALA B 78 36.32 15.54 -12.49
CA ALA B 78 34.90 15.91 -12.61
C ALA B 78 34.05 14.69 -12.89
N ILE B 79 34.62 13.66 -13.50
CA ILE B 79 33.89 12.41 -13.70
C ILE B 79 33.86 11.62 -12.40
N TYR B 80 34.97 11.62 -11.65
CA TYR B 80 35.13 10.74 -10.51
C TYR B 80 34.20 11.13 -9.37
N VAL B 81 34.17 12.41 -9.00
CA VAL B 81 33.37 12.81 -7.85
C VAL B 81 31.89 12.90 -8.25
N GLN B 82 31.60 13.03 -9.54
CA GLN B 82 30.21 12.92 -9.98
C GLN B 82 29.71 11.50 -9.83
N ALA B 83 30.60 10.52 -9.95
CA ALA B 83 30.24 9.14 -9.65
C ALA B 83 30.20 8.90 -8.16
N LEU B 84 30.91 9.69 -7.37
CA LEU B 84 30.85 9.52 -5.93
C LEU B 84 29.69 10.28 -5.31
N ILE B 85 29.01 11.12 -6.08
CA ILE B 85 27.77 11.74 -5.61
C ILE B 85 26.58 10.84 -5.88
N PHE B 86 26.53 10.22 -7.05
CA PHE B 86 25.47 9.26 -7.37
C PHE B 86 25.54 8.02 -6.50
N ARG B 87 26.72 7.68 -5.99
CA ARG B 87 26.85 6.57 -5.05
C ARG B 87 26.43 6.95 -3.65
N LEU B 88 26.19 8.24 -3.39
CA LEU B 88 25.66 8.64 -2.10
C LEU B 88 24.14 8.70 -2.11
N GLU B 89 23.54 8.65 -3.30
CA GLU B 89 22.10 8.79 -3.42
C GLU B 89 21.38 7.45 -3.63
N GLY B 90 22.11 6.40 -3.97
CA GLY B 90 21.51 5.11 -4.26
C GLY B 90 21.58 4.71 -5.71
N ASN B 91 22.02 5.59 -6.60
CA ASN B 91 22.07 5.31 -8.04
C ASN B 91 23.35 4.56 -8.40
N ILE B 92 23.50 3.38 -7.80
CA ILE B 92 24.72 2.59 -7.95
C ILE B 92 24.85 2.03 -9.35
N GLN B 93 23.73 1.85 -10.06
CA GLN B 93 23.80 1.47 -11.46
C GLN B 93 24.38 2.60 -12.31
N GLU B 94 24.20 3.85 -11.89
CA GLU B 94 24.83 4.97 -12.56
C GLU B 94 26.20 5.28 -12.00
N SER B 95 26.53 4.82 -10.79
CA SER B 95 27.86 4.93 -10.25
C SER B 95 28.72 3.72 -10.55
N LEU B 96 28.39 2.97 -11.60
CA LEU B 96 29.24 1.91 -12.10
C LEU B 96 29.71 2.15 -13.52
N GLU B 97 28.87 2.73 -14.37
CA GLU B 97 29.34 3.05 -15.72
C GLU B 97 30.22 4.29 -15.73
N LEU B 98 30.05 5.20 -14.77
CA LEU B 98 30.93 6.36 -14.70
C LEU B 98 32.31 5.97 -14.20
N PHE B 99 32.37 5.00 -13.30
CA PHE B 99 33.64 4.41 -12.91
C PHE B 99 34.24 3.53 -13.99
N GLN B 100 33.46 3.16 -15.01
CA GLN B 100 34.04 2.47 -16.17
C GLN B 100 34.76 3.46 -17.06
N THR B 101 34.23 4.67 -17.22
CA THR B 101 34.94 5.72 -17.94
C THR B 101 36.19 6.13 -17.20
N CYS B 102 36.12 6.23 -15.87
CA CYS B 102 37.28 6.54 -15.06
C CYS B 102 38.26 5.37 -14.97
N ALA B 103 37.84 4.15 -15.35
CA ALA B 103 38.78 3.04 -15.47
C ALA B 103 39.48 3.04 -16.81
N VAL B 104 39.07 3.90 -17.73
CA VAL B 104 39.69 3.94 -19.05
C VAL B 104 40.84 4.96 -19.06
N LEU B 105 40.60 6.14 -18.50
CA LEU B 105 41.51 7.27 -18.64
C LEU B 105 42.82 7.10 -17.87
N SER B 106 42.91 6.11 -16.99
CA SER B 106 44.15 5.83 -16.28
C SER B 106 44.17 4.37 -15.84
N PRO B 107 44.49 3.44 -16.74
CA PRO B 107 44.46 2.01 -16.38
C PRO B 107 45.61 1.57 -15.48
N GLN B 108 46.65 2.38 -15.33
CA GLN B 108 47.74 2.07 -14.43
C GLN B 108 47.50 2.58 -13.01
N SER B 109 46.32 3.11 -12.73
CA SER B 109 46.00 3.62 -11.41
C SER B 109 45.26 2.55 -10.63
N ALA B 110 45.75 2.27 -9.41
CA ALA B 110 45.11 1.28 -8.56
C ALA B 110 43.92 1.83 -7.80
N ASP B 111 43.50 3.07 -8.08
CA ASP B 111 42.34 3.62 -7.40
C ASP B 111 41.04 3.14 -8.04
N ASN B 112 40.86 3.42 -9.33
CA ASN B 112 39.58 3.18 -9.98
C ASN B 112 39.27 1.69 -10.11
N LEU B 113 40.28 0.87 -10.41
CA LEU B 113 40.07 -0.57 -10.46
C LEU B 113 39.84 -1.17 -9.08
N LYS B 114 40.16 -0.43 -8.02
CA LYS B 114 39.65 -0.78 -6.70
C LYS B 114 38.28 -0.17 -6.48
N GLN B 115 38.06 1.06 -6.96
CA GLN B 115 36.82 1.76 -6.70
C GLN B 115 35.67 1.27 -7.56
N VAL B 116 35.96 0.60 -8.69
CA VAL B 116 34.91 -0.10 -9.42
C VAL B 116 34.38 -1.26 -8.60
N ALA B 117 35.29 -2.05 -8.03
CA ALA B 117 34.92 -3.25 -7.31
C ALA B 117 34.24 -2.97 -5.97
N ARG B 118 34.24 -1.73 -5.51
CA ARG B 118 33.33 -1.37 -4.44
C ARG B 118 31.91 -1.20 -4.98
N SER B 119 31.78 -0.61 -6.16
CA SER B 119 30.46 -0.43 -6.76
C SER B 119 29.88 -1.71 -7.35
N LEU B 120 30.65 -2.80 -7.37
CA LEU B 120 30.11 -4.10 -7.69
C LEU B 120 29.86 -4.95 -6.45
N PHE B 121 30.43 -4.57 -5.31
CA PHE B 121 30.08 -5.22 -4.06
C PHE B 121 28.66 -4.85 -3.63
N LEU B 122 28.19 -3.68 -4.05
CA LEU B 122 26.89 -3.19 -3.60
C LEU B 122 25.76 -3.57 -4.54
N LEU B 123 26.04 -3.87 -5.80
CA LEU B 123 24.98 -4.29 -6.70
C LEU B 123 24.63 -5.77 -6.55
N GLY B 124 25.24 -6.47 -5.60
CA GLY B 124 24.91 -7.85 -5.34
C GLY B 124 25.76 -8.86 -6.09
N LYS B 125 26.31 -8.47 -7.25
CA LYS B 125 27.12 -9.36 -8.06
C LYS B 125 28.46 -9.55 -7.37
N HIS B 126 28.48 -10.51 -6.44
CA HIS B 126 29.62 -10.67 -5.55
C HIS B 126 30.82 -11.29 -6.27
N LYS B 127 30.60 -12.45 -6.90
CA LYS B 127 31.71 -13.20 -7.49
C LYS B 127 32.32 -12.48 -8.68
N ALA B 128 31.55 -11.63 -9.36
CA ALA B 128 32.13 -10.78 -10.38
C ALA B 128 33.07 -9.75 -9.78
N ALA B 129 32.84 -9.35 -8.53
CA ALA B 129 33.67 -8.32 -7.92
C ALA B 129 34.97 -8.87 -7.38
N ILE B 130 35.01 -10.14 -6.98
CA ILE B 130 36.22 -10.67 -6.34
C ILE B 130 37.37 -10.84 -7.31
N GLU B 131 37.10 -10.81 -8.62
CA GLU B 131 38.19 -10.84 -9.57
C GLU B 131 38.68 -9.45 -9.92
N VAL B 132 37.79 -8.45 -9.90
CA VAL B 132 38.21 -7.08 -10.15
C VAL B 132 39.01 -6.56 -8.96
N TYR B 133 38.72 -7.04 -7.75
CA TYR B 133 39.59 -6.76 -6.63
C TYR B 133 40.94 -7.43 -6.80
N ASN B 134 40.95 -8.67 -7.31
CA ASN B 134 42.19 -9.34 -7.66
C ASN B 134 42.90 -8.63 -8.81
N GLU B 135 42.12 -7.99 -9.69
CA GLU B 135 42.71 -7.20 -10.76
C GLU B 135 43.43 -5.96 -10.23
N ALA B 136 42.92 -5.39 -9.14
CA ALA B 136 43.65 -4.32 -8.48
C ALA B 136 44.63 -4.84 -7.44
N ALA B 137 44.48 -6.08 -6.99
CA ALA B 137 45.43 -6.65 -6.04
C ALA B 137 46.76 -6.99 -6.70
N LYS B 138 46.80 -7.13 -8.02
CA LYS B 138 48.04 -7.38 -8.73
C LYS B 138 48.68 -6.12 -9.27
N LEU B 139 47.90 -5.06 -9.49
CA LEU B 139 48.47 -3.79 -9.91
C LEU B 139 49.06 -3.02 -8.74
N ASN B 140 48.73 -3.40 -7.50
CA ASN B 140 49.34 -2.81 -6.32
C ASN B 140 49.25 -3.82 -5.18
N GLN B 141 50.35 -3.99 -4.46
CA GLN B 141 50.40 -4.90 -3.33
C GLN B 141 50.42 -4.12 -2.04
N LYS B 142 50.35 -4.87 -0.93
CA LYS B 142 50.44 -4.36 0.44
C LYS B 142 49.37 -3.32 0.75
N ASP B 143 48.19 -3.47 0.16
CA ASP B 143 47.08 -2.56 0.41
C ASP B 143 46.13 -3.17 1.43
N TRP B 144 45.51 -2.32 2.23
CA TRP B 144 44.77 -2.81 3.39
C TRP B 144 43.36 -3.26 3.01
N GLU B 145 42.58 -2.37 2.40
CA GLU B 145 41.17 -2.65 2.20
C GLU B 145 40.90 -3.63 1.06
N ILE B 146 41.82 -3.73 0.09
CA ILE B 146 41.62 -4.69 -0.99
C ILE B 146 41.82 -6.10 -0.49
N SER B 147 42.64 -6.28 0.53
CA SER B 147 42.70 -7.55 1.22
C SER B 147 41.66 -7.66 2.32
N HIS B 148 40.81 -6.64 2.49
CA HIS B 148 39.69 -6.71 3.41
C HIS B 148 38.35 -6.89 2.72
N ASN B 149 38.11 -6.19 1.60
CA ASN B 149 36.88 -6.37 0.86
C ASN B 149 36.79 -7.75 0.24
N LEU B 150 37.94 -8.34 -0.11
CA LEU B 150 37.96 -9.74 -0.51
C LEU B 150 37.61 -10.65 0.65
N GLY B 151 37.90 -10.21 1.88
CA GLY B 151 37.46 -10.96 3.04
C GLY B 151 35.96 -10.96 3.19
N VAL B 152 35.34 -9.78 3.22
CA VAL B 152 33.91 -9.68 3.48
C VAL B 152 33.07 -10.15 2.31
N CYS B 153 33.62 -10.17 1.09
CA CYS B 153 32.82 -10.66 -0.02
C CYS B 153 32.82 -12.18 -0.09
N TYR B 154 33.76 -12.83 0.59
CA TYR B 154 33.72 -14.28 0.71
C TYR B 154 32.69 -14.73 1.75
N ILE B 155 32.48 -13.92 2.78
CA ILE B 155 31.52 -14.29 3.83
C ILE B 155 30.09 -14.13 3.33
N TYR B 156 29.87 -13.30 2.31
CA TYR B 156 28.53 -13.24 1.75
C TYR B 156 28.34 -14.30 0.68
N LEU B 157 29.43 -14.94 0.27
CA LEU B 157 29.39 -16.28 -0.27
C LEU B 157 29.38 -17.28 0.88
N LYS B 158 29.66 -18.54 0.58
CA LYS B 158 29.69 -19.52 1.65
C LYS B 158 31.11 -19.99 1.95
N GLN B 159 32.08 -19.55 1.16
CA GLN B 159 33.46 -19.88 1.43
C GLN B 159 33.95 -19.13 2.65
N PHE B 160 34.32 -19.85 3.70
CA PHE B 160 34.60 -19.23 4.98
C PHE B 160 36.07 -19.37 5.35
N ASN B 161 36.68 -20.50 4.99
CA ASN B 161 38.04 -20.79 5.42
C ASN B 161 39.06 -19.88 4.75
N LYS B 162 38.87 -19.59 3.46
CA LYS B 162 39.73 -18.64 2.78
C LYS B 162 39.23 -17.20 2.91
N ALA B 163 38.26 -16.96 3.78
CA ALA B 163 37.94 -15.61 4.23
C ALA B 163 38.65 -15.26 5.53
N GLN B 164 38.84 -16.24 6.40
CA GLN B 164 39.39 -16.00 7.72
C GLN B 164 40.85 -15.58 7.69
N ASP B 165 41.61 -16.05 6.70
CA ASP B 165 42.99 -15.61 6.55
C ASP B 165 43.10 -14.28 5.82
N GLN B 166 42.10 -13.95 5.00
CA GLN B 166 42.10 -12.67 4.29
C GLN B 166 42.00 -11.51 5.26
N LEU B 167 41.17 -11.64 6.30
CA LEU B 167 41.10 -10.60 7.31
C LEU B 167 42.34 -10.61 8.19
N HIS B 168 42.95 -11.78 8.39
CA HIS B 168 44.25 -11.84 9.04
C HIS B 168 45.30 -11.16 8.19
N ASN B 169 45.19 -11.28 6.87
CA ASN B 169 46.06 -10.53 5.98
C ASN B 169 45.70 -9.04 5.99
N ALA B 170 44.44 -8.72 6.26
CA ALA B 170 44.02 -7.33 6.32
C ALA B 170 44.22 -6.69 7.68
N LEU B 171 44.54 -7.49 8.71
CA LEU B 171 44.76 -6.91 10.03
C LEU B 171 46.22 -6.56 10.25
N ASN B 172 47.14 -7.38 9.75
CA ASN B 172 48.56 -7.15 10.00
C ASN B 172 49.08 -5.93 9.28
N LEU B 173 48.51 -5.59 8.12
CA LEU B 173 48.92 -4.38 7.43
C LEU B 173 48.38 -3.13 8.10
N ASN B 174 47.16 -3.20 8.62
CA ASN B 174 46.49 -2.03 9.19
C ASN B 174 45.38 -2.52 10.10
N ARG B 175 45.45 -2.17 11.37
CA ARG B 175 44.38 -2.53 12.30
C ARG B 175 43.23 -1.53 12.17
N HIS B 176 42.01 -2.06 12.13
CA HIS B 176 40.82 -1.24 11.95
C HIS B 176 39.66 -1.87 12.72
N ASP B 177 38.68 -1.04 13.06
CA ASP B 177 37.57 -1.54 13.87
C ASP B 177 36.58 -2.35 13.06
N LEU B 178 36.30 -1.94 11.82
CA LEU B 178 35.34 -2.66 11.01
C LEU B 178 35.89 -4.00 10.53
N THR B 179 37.22 -4.15 10.50
CA THR B 179 37.82 -5.43 10.19
C THR B 179 37.66 -6.43 11.32
N TYR B 180 37.35 -5.97 12.51
CA TYR B 180 37.25 -6.85 13.68
C TYR B 180 35.93 -7.61 13.70
N ILE B 181 34.83 -6.90 13.49
CA ILE B 181 33.54 -7.53 13.72
C ILE B 181 33.16 -8.48 12.59
N MET B 182 33.68 -8.26 11.38
CA MET B 182 33.51 -9.28 10.35
C MET B 182 34.34 -10.52 10.68
N LEU B 183 35.49 -10.33 11.32
CA LEU B 183 36.23 -11.47 11.83
C LEU B 183 35.51 -12.10 13.01
N GLY B 184 34.83 -11.29 13.83
CA GLY B 184 33.98 -11.82 14.87
C GLY B 184 32.74 -12.50 14.33
N LYS B 185 32.29 -12.12 13.13
CA LYS B 185 31.17 -12.78 12.49
C LYS B 185 31.50 -14.22 12.09
N ILE B 186 32.78 -14.52 11.89
CA ILE B 186 33.18 -15.82 11.39
C ILE B 186 33.04 -16.89 12.47
N HIS B 187 33.60 -16.64 13.64
CA HIS B 187 33.68 -17.68 14.65
C HIS B 187 32.34 -17.96 15.31
N LEU B 188 31.42 -16.98 15.31
CA LEU B 188 30.07 -17.26 15.78
C LEU B 188 29.30 -18.11 14.78
N LEU B 189 29.51 -17.85 13.48
CA LEU B 189 28.76 -18.58 12.45
C LEU B 189 29.21 -20.03 12.38
N GLU B 190 30.52 -20.28 12.45
CA GLU B 190 31.02 -21.64 12.34
C GLU B 190 30.80 -22.42 13.64
N GLY B 191 30.82 -21.74 14.78
CA GLY B 191 30.83 -22.46 16.03
C GLY B 191 30.94 -21.63 17.29
N ASP B 192 31.87 -22.02 18.15
CA ASP B 192 31.89 -21.55 19.54
C ASP B 192 32.26 -20.08 19.64
N LEU B 193 32.12 -19.55 20.84
CA LEU B 193 32.41 -18.16 21.15
C LEU B 193 33.74 -17.97 21.86
N ASP B 194 34.40 -19.06 22.26
CA ASP B 194 35.55 -18.96 23.16
C ASP B 194 36.75 -18.34 22.45
N LYS B 195 36.97 -18.70 21.19
CA LYS B 195 38.00 -18.02 20.42
C LYS B 195 37.52 -16.66 19.96
N ALA B 196 36.20 -16.47 19.89
CA ALA B 196 35.65 -15.22 19.38
C ALA B 196 35.77 -14.09 20.38
N ILE B 197 35.86 -14.41 21.67
CA ILE B 197 36.03 -13.39 22.69
C ILE B 197 37.39 -12.74 22.57
N GLU B 198 38.42 -13.53 22.27
CA GLU B 198 39.78 -13.00 22.18
C GLU B 198 39.94 -12.12 20.94
N VAL B 199 39.09 -12.34 19.92
CA VAL B 199 39.01 -11.39 18.83
C VAL B 199 38.46 -10.06 19.32
N TYR B 200 37.48 -10.12 20.22
CA TYR B 200 36.90 -8.88 20.73
C TYR B 200 37.74 -8.32 21.86
N LYS B 201 38.50 -9.17 22.57
CA LYS B 201 39.38 -8.67 23.61
C LYS B 201 40.53 -7.88 23.02
N LYS B 202 40.96 -8.25 21.81
CA LYS B 202 41.85 -7.39 21.05
C LYS B 202 41.14 -6.14 20.58
N ALA B 203 39.83 -6.26 20.31
CA ALA B 203 39.10 -5.15 19.72
C ALA B 203 38.78 -4.07 20.74
N VAL B 204 38.54 -4.46 22.00
CA VAL B 204 38.30 -3.47 23.04
C VAL B 204 39.61 -2.80 23.44
N GLU B 205 40.73 -3.49 23.22
CA GLU B 205 42.05 -2.98 23.55
C GLU B 205 42.43 -1.80 22.68
N PHE B 206 42.16 -1.92 21.38
CA PHE B 206 42.53 -0.86 20.45
C PHE B 206 41.61 0.36 20.57
N SER B 207 40.35 0.15 20.91
CA SER B 207 39.36 1.23 20.98
C SER B 207 38.45 1.01 22.16
N PRO B 208 38.85 1.47 23.35
CA PRO B 208 38.00 1.29 24.55
C PRO B 208 36.88 2.30 24.66
N GLU B 209 36.68 3.15 23.65
CA GLU B 209 35.67 4.19 23.70
C GLU B 209 34.48 3.91 22.80
N ASN B 210 34.58 2.96 21.89
CA ASN B 210 33.48 2.67 20.97
C ASN B 210 32.44 1.81 21.68
N THR B 211 31.18 2.24 21.61
CA THR B 211 30.12 1.55 22.32
C THR B 211 29.67 0.29 21.59
N GLU B 212 29.82 0.24 20.28
CA GLU B 212 29.32 -0.89 19.51
C GLU B 212 30.19 -2.12 19.70
N LEU B 213 31.49 -1.93 19.90
CA LEU B 213 32.38 -3.05 20.18
C LEU B 213 32.21 -3.56 21.59
N LEU B 214 31.82 -2.68 22.52
CA LEU B 214 31.63 -3.09 23.90
C LEU B 214 30.35 -3.89 24.08
N THR B 215 29.26 -3.43 23.45
CA THR B 215 27.95 -4.03 23.67
C THR B 215 27.88 -5.44 23.14
N THR B 216 28.50 -5.69 21.97
CA THR B 216 28.55 -7.03 21.43
C THR B 216 29.44 -7.93 22.29
N LEU B 217 30.46 -7.35 22.91
CA LEU B 217 31.26 -8.10 23.87
C LEU B 217 30.45 -8.44 25.12
N GLY B 218 29.53 -7.56 25.51
CA GLY B 218 28.74 -7.81 26.70
C GLY B 218 27.78 -8.97 26.53
N LEU B 219 27.15 -9.08 25.36
CA LEU B 219 26.28 -10.22 25.10
C LEU B 219 27.08 -11.50 24.96
N LEU B 220 28.34 -11.40 24.54
CA LEU B 220 29.16 -12.59 24.37
C LEU B 220 29.61 -13.16 25.70
N TYR B 221 29.89 -12.29 26.68
CA TYR B 221 30.16 -12.76 28.03
C TYR B 221 28.92 -13.38 28.65
N LEU B 222 27.74 -12.86 28.34
CA LEU B 222 26.52 -13.33 28.99
C LEU B 222 26.12 -14.70 28.49
N GLN B 223 26.37 -15.00 27.21
CA GLN B 223 26.11 -16.33 26.70
C GLN B 223 27.10 -17.36 27.22
N LEU B 224 28.28 -16.92 27.66
CA LEU B 224 29.21 -17.82 28.33
C LEU B 224 28.75 -18.17 29.74
N GLY B 225 27.93 -17.33 30.35
CA GLY B 225 27.69 -17.41 31.77
C GLY B 225 28.54 -16.35 32.45
N ILE B 226 27.89 -15.41 33.13
CA ILE B 226 28.57 -14.19 33.53
C ILE B 226 29.52 -14.47 34.69
N TYR B 227 30.69 -13.85 34.64
CA TYR B 227 31.63 -13.83 35.75
C TYR B 227 31.81 -12.40 36.26
N GLN B 228 30.71 -11.65 36.23
CA GLN B 228 30.49 -10.25 36.61
C GLN B 228 31.20 -9.25 35.69
N LYS B 229 31.98 -9.73 34.71
CA LYS B 229 32.67 -8.82 33.80
C LYS B 229 31.70 -8.17 32.82
N ALA B 230 30.60 -8.86 32.48
CA ALA B 230 29.64 -8.31 31.53
C ALA B 230 28.90 -7.11 32.08
N PHE B 231 28.73 -7.06 33.41
CA PHE B 231 28.13 -5.89 34.03
C PHE B 231 29.02 -4.67 33.91
N GLU B 232 30.34 -4.87 33.85
CA GLU B 232 31.26 -3.76 33.75
C GLU B 232 31.25 -3.15 32.36
N HIS B 233 31.24 -4.00 31.32
CA HIS B 233 31.44 -3.52 29.97
C HIS B 233 30.24 -2.75 29.44
N LEU B 234 29.03 -3.09 29.90
CA LEU B 234 27.85 -2.39 29.44
C LEU B 234 27.78 -1.00 30.05
N GLY B 235 28.23 -0.85 31.30
CA GLY B 235 28.26 0.46 31.92
C GLY B 235 29.26 1.40 31.29
N ASN B 236 30.35 0.85 30.74
CA ASN B 236 31.25 1.67 29.95
C ASN B 236 30.57 2.15 28.68
N ALA B 237 29.75 1.30 28.06
CA ALA B 237 29.02 1.72 26.88
C ALA B 237 27.87 2.65 27.24
N LEU B 238 27.33 2.52 28.46
CA LEU B 238 26.21 3.35 28.86
C LEU B 238 26.64 4.77 29.21
N THR B 239 27.82 4.93 29.82
CA THR B 239 28.29 6.27 30.14
C THR B 239 28.78 7.00 28.90
N TYR B 240 29.42 6.29 27.98
CA TYR B 240 29.89 6.91 26.75
C TYR B 240 28.73 7.26 25.82
N ASP B 241 27.62 6.54 25.93
CA ASP B 241 26.40 6.85 25.18
C ASP B 241 25.20 6.33 25.97
N PRO B 242 24.29 7.21 26.40
CA PRO B 242 23.23 6.77 27.30
C PRO B 242 21.93 6.35 26.63
N THR B 243 21.82 6.48 25.30
CA THR B 243 20.56 6.23 24.61
C THR B 243 20.64 5.10 23.59
N ASN B 244 21.70 4.29 23.63
CA ASN B 244 21.83 3.17 22.70
C ASN B 244 20.88 2.05 23.12
N TYR B 245 19.94 1.73 22.23
CA TYR B 245 18.82 0.85 22.56
C TYR B 245 19.29 -0.57 22.83
N LYS B 246 20.28 -1.05 22.08
CA LYS B 246 20.78 -2.40 22.28
C LYS B 246 21.53 -2.54 23.60
N ALA B 247 22.07 -1.44 24.13
CA ALA B 247 22.80 -1.51 25.39
C ALA B 247 21.85 -1.64 26.57
N ILE B 248 20.65 -1.06 26.47
CA ILE B 248 19.75 -0.98 27.62
C ILE B 248 19.14 -2.34 27.93
N LEU B 249 18.75 -3.09 26.90
CA LEU B 249 18.08 -4.37 27.13
C LEU B 249 19.02 -5.39 27.74
N ALA B 250 20.32 -5.29 27.46
CA ALA B 250 21.28 -6.19 28.07
C ALA B 250 21.37 -5.95 29.58
N ALA B 251 21.55 -4.69 29.98
CA ALA B 251 21.48 -4.35 31.39
C ALA B 251 20.06 -4.47 31.93
N GLY B 252 19.06 -4.29 31.06
CA GLY B 252 17.70 -4.59 31.43
C GLY B 252 17.51 -6.07 31.73
N SER B 253 18.17 -6.93 30.97
CA SER B 253 18.13 -8.35 31.28
C SER B 253 19.06 -8.70 32.43
N MET B 254 20.14 -7.93 32.61
CA MET B 254 21.15 -8.31 33.60
C MET B 254 20.65 -8.08 35.02
N MET B 255 19.98 -6.95 35.25
CA MET B 255 19.40 -6.70 36.56
C MET B 255 18.26 -7.66 36.85
N GLN B 256 17.49 -8.02 35.83
CA GLN B 256 16.24 -8.73 36.01
C GLN B 256 16.45 -10.20 36.36
N THR B 257 17.65 -10.72 36.15
CA THR B 257 17.94 -12.11 36.48
C THR B 257 18.11 -12.36 37.98
N HIS B 258 18.25 -11.31 38.78
CA HIS B 258 18.39 -11.45 40.22
C HIS B 258 17.19 -10.88 40.96
N GLY B 259 16.87 -9.62 40.70
CA GLY B 259 15.79 -8.93 41.37
C GLY B 259 15.69 -7.56 40.74
N ASP B 260 15.55 -6.52 41.57
CA ASP B 260 15.65 -5.11 41.16
C ASP B 260 14.62 -4.76 40.09
N PHE B 261 13.42 -5.31 40.25
CA PHE B 261 12.35 -5.14 39.27
C PHE B 261 11.95 -3.68 39.15
N ASP B 262 11.89 -2.98 40.29
CA ASP B 262 11.65 -1.54 40.27
C ASP B 262 12.82 -0.79 39.64
N VAL B 263 14.03 -1.31 39.78
CA VAL B 263 15.18 -0.70 39.12
C VAL B 263 15.16 -0.99 37.63
N ALA B 264 14.63 -2.16 37.26
CA ALA B 264 14.65 -2.57 35.86
C ALA B 264 13.73 -1.71 35.00
N LEU B 265 12.53 -1.41 35.52
CA LEU B 265 11.56 -0.62 34.76
C LEU B 265 12.05 0.80 34.57
N THR B 266 12.83 1.32 35.51
CA THR B 266 13.38 2.66 35.37
C THR B 266 14.39 2.72 34.24
N LYS B 267 15.12 1.63 34.02
CA LYS B 267 15.94 1.53 32.81
C LYS B 267 15.09 1.38 31.57
N TYR B 268 14.00 0.61 31.66
CA TYR B 268 13.18 0.33 30.48
C TYR B 268 12.37 1.54 30.05
N ARG B 269 11.96 2.39 31.00
CA ARG B 269 11.17 3.55 30.67
C ARG B 269 11.95 4.60 29.89
N VAL B 270 13.29 4.54 29.93
CA VAL B 270 14.12 5.42 29.12
C VAL B 270 13.86 5.19 27.65
N VAL B 271 13.72 3.94 27.25
CA VAL B 271 13.73 3.58 25.84
C VAL B 271 12.33 3.38 25.28
N ALA B 272 11.31 3.21 26.15
CA ALA B 272 9.96 2.94 25.71
C ALA B 272 9.31 4.12 25.00
N CYS B 273 9.85 5.32 25.14
CA CYS B 273 9.41 6.44 24.34
C CYS B 273 10.16 6.56 23.02
N ALA B 274 11.12 5.67 22.78
CA ALA B 274 11.85 5.64 21.51
C ALA B 274 11.46 4.47 20.63
N VAL B 275 11.33 3.28 21.20
CA VAL B 275 10.89 2.09 20.49
C VAL B 275 9.57 1.62 21.09
N PRO B 276 8.45 2.22 20.70
CA PRO B 276 7.18 1.98 21.41
C PRO B 276 6.55 0.64 21.11
N GLU B 277 7.07 -0.12 20.16
CA GLU B 277 6.41 -1.33 19.67
C GLU B 277 7.29 -2.57 19.65
N SER B 278 8.45 -2.55 20.30
CA SER B 278 9.42 -3.63 20.18
C SER B 278 8.96 -4.87 20.92
N PRO B 279 8.83 -6.02 20.27
CA PRO B 279 8.37 -7.22 20.96
C PRO B 279 9.38 -7.83 21.93
N PRO B 280 10.71 -7.73 21.73
CA PRO B 280 11.58 -8.11 22.86
C PRO B 280 11.49 -7.16 24.04
N LEU B 281 11.21 -5.89 23.81
CA LEU B 281 11.02 -4.97 24.93
C LEU B 281 9.76 -5.33 25.70
N TRP B 282 8.64 -5.46 24.99
CA TRP B 282 7.35 -5.67 25.63
C TRP B 282 7.23 -7.05 26.25
N ASN B 283 8.09 -7.99 25.88
CA ASN B 283 8.12 -9.26 26.62
C ASN B 283 8.74 -9.06 27.99
N ASN B 284 9.78 -8.24 28.08
CA ASN B 284 10.54 -8.12 29.32
C ASN B 284 9.74 -7.38 30.39
N ILE B 285 9.13 -6.26 30.01
CA ILE B 285 8.26 -5.51 30.90
C ILE B 285 7.08 -6.36 31.35
N GLY B 286 6.60 -7.23 30.47
CA GLY B 286 5.62 -8.21 30.88
C GLY B 286 6.17 -9.20 31.89
N MET B 287 7.42 -9.62 31.70
CA MET B 287 8.02 -10.53 32.65
C MET B 287 8.47 -9.82 33.93
N CYS B 288 8.67 -8.50 33.88
CA CYS B 288 9.06 -7.78 35.08
C CYS B 288 7.88 -7.61 36.02
N PHE B 289 6.69 -7.42 35.46
CA PHE B 289 5.48 -7.34 36.29
C PHE B 289 5.17 -8.67 36.95
N PHE B 290 5.61 -9.78 36.34
CA PHE B 290 5.44 -11.09 36.92
C PHE B 290 6.24 -11.26 38.20
N GLY B 291 7.33 -10.52 38.37
CA GLY B 291 8.05 -10.57 39.62
C GLY B 291 7.32 -9.86 40.74
N LYS B 292 6.73 -8.70 40.45
CA LYS B 292 6.03 -7.90 41.45
C LYS B 292 4.61 -8.37 41.71
N LYS B 293 4.23 -9.54 41.18
CA LYS B 293 2.91 -10.17 41.37
C LYS B 293 1.76 -9.31 40.88
N LYS B 294 2.02 -8.45 39.90
CA LYS B 294 0.94 -7.75 39.18
C LYS B 294 0.51 -8.65 38.02
N TYR B 295 -0.21 -9.72 38.38
CA TYR B 295 -0.48 -10.81 37.44
C TYR B 295 -1.36 -10.36 36.28
N VAL B 296 -2.42 -9.62 36.57
CA VAL B 296 -3.32 -9.18 35.52
C VAL B 296 -2.72 -8.07 34.67
N ALA B 297 -1.63 -7.46 35.13
CA ALA B 297 -0.97 -6.47 34.31
C ALA B 297 -0.13 -7.11 33.22
N ALA B 298 0.45 -8.28 33.49
CA ALA B 298 1.43 -8.86 32.58
C ALA B 298 0.77 -9.40 31.32
N ILE B 299 -0.37 -10.06 31.45
CA ILE B 299 -1.09 -10.59 30.29
C ILE B 299 -1.59 -9.46 29.41
N SER B 300 -1.97 -8.34 30.00
CA SER B 300 -2.30 -7.17 29.21
C SER B 300 -1.08 -6.51 28.60
N CYS B 301 0.12 -6.86 29.05
CA CYS B 301 1.35 -6.33 28.49
C CYS B 301 2.04 -7.32 27.56
N LEU B 302 1.99 -8.62 27.88
CA LEU B 302 2.58 -9.62 27.00
C LEU B 302 1.83 -9.73 25.69
N LYS B 303 0.50 -9.62 25.73
CA LYS B 303 -0.30 -9.81 24.52
C LYS B 303 -0.18 -8.65 23.56
N ARG B 304 0.43 -7.54 23.97
CA ARG B 304 0.85 -6.53 23.01
C ARG B 304 2.04 -6.98 22.19
N ALA B 305 2.79 -7.97 22.68
CA ALA B 305 3.91 -8.50 21.90
C ALA B 305 3.46 -9.60 20.96
N ASN B 306 2.57 -10.48 21.42
CA ASN B 306 2.11 -11.59 20.60
C ASN B 306 1.24 -11.13 19.44
N TYR B 307 0.60 -9.96 19.55
CA TYR B 307 -0.03 -9.38 18.38
C TYR B 307 1.03 -8.90 17.40
N LEU B 308 2.10 -8.31 17.90
CA LEU B 308 3.05 -7.61 17.05
C LEU B 308 4.03 -8.55 16.39
N ALA B 309 4.44 -9.60 17.08
CA ALA B 309 5.23 -10.67 16.49
C ALA B 309 4.49 -11.99 16.72
N PRO B 310 3.86 -12.55 15.69
CA PRO B 310 2.88 -13.63 15.94
C PRO B 310 3.52 -14.94 16.31
N PHE B 311 4.67 -15.29 15.76
CA PHE B 311 5.40 -16.48 16.19
C PHE B 311 6.75 -16.10 16.79
N ASP B 312 6.95 -16.49 18.05
CA ASP B 312 8.24 -16.42 18.70
C ASP B 312 8.43 -17.65 19.56
N TRP B 313 9.70 -17.95 19.83
CA TRP B 313 10.02 -18.97 20.81
C TRP B 313 9.57 -18.55 22.20
N LYS B 314 9.80 -17.30 22.56
CA LYS B 314 9.85 -16.88 23.95
C LYS B 314 8.58 -16.20 24.43
N ILE B 315 7.91 -15.46 23.55
CA ILE B 315 6.68 -14.77 23.95
C ILE B 315 5.59 -15.77 24.26
N LEU B 316 5.51 -16.86 23.49
CA LEU B 316 4.47 -17.86 23.70
C LEU B 316 4.70 -18.65 24.96
N TYR B 317 5.96 -19.00 25.27
CA TYR B 317 6.21 -19.76 26.48
C TYR B 317 6.04 -18.90 27.72
N ASN B 318 6.32 -17.61 27.62
CA ASN B 318 6.04 -16.71 28.74
C ASN B 318 4.54 -16.53 28.93
N LEU B 319 3.80 -16.42 27.82
CA LEU B 319 2.37 -16.14 27.90
C LEU B 319 1.60 -17.33 28.44
N GLY B 320 2.11 -18.54 28.21
CA GLY B 320 1.48 -19.71 28.80
C GLY B 320 1.85 -19.93 30.24
N LEU B 321 2.99 -19.41 30.67
CA LEU B 321 3.43 -19.67 32.03
C LEU B 321 2.67 -18.84 33.05
N VAL B 322 2.21 -17.65 32.66
CA VAL B 322 1.50 -16.81 33.61
C VAL B 322 0.08 -17.30 33.82
N HIS B 323 -0.43 -18.12 32.90
CA HIS B 323 -1.79 -18.60 33.06
C HIS B 323 -1.87 -19.75 34.05
N LEU B 324 -0.84 -20.59 34.08
CA LEU B 324 -0.82 -21.71 35.04
C LEU B 324 -0.66 -21.21 36.45
N THR B 325 -0.01 -20.06 36.63
CA THR B 325 0.02 -19.45 37.95
C THR B 325 -1.34 -18.88 38.32
N MET B 326 -2.09 -18.44 37.31
CA MET B 326 -3.42 -17.88 37.55
C MET B 326 -4.52 -18.94 37.50
N GLN B 327 -4.15 -20.22 37.36
CA GLN B 327 -5.04 -21.37 37.34
C GLN B 327 -6.06 -21.31 36.20
N GLN B 328 -5.72 -20.65 35.11
CA GLN B 328 -6.61 -20.53 33.95
C GLN B 328 -6.24 -21.62 32.94
N TYR B 329 -6.40 -22.86 33.37
CA TYR B 329 -5.70 -24.00 32.77
C TYR B 329 -6.11 -24.26 31.34
N ALA B 330 -7.33 -23.88 30.97
CA ALA B 330 -7.81 -24.20 29.64
C ALA B 330 -7.18 -23.30 28.58
N SER B 331 -6.84 -22.07 28.97
CA SER B 331 -6.23 -21.17 28.01
C SER B 331 -4.73 -21.43 27.90
N ALA B 332 -4.13 -21.99 28.94
CA ALA B 332 -2.70 -22.24 28.93
C ALA B 332 -2.32 -23.41 28.03
N PHE B 333 -3.25 -24.31 27.74
CA PHE B 333 -2.99 -25.34 26.75
C PHE B 333 -2.86 -24.74 25.37
N HIS B 334 -3.55 -23.63 25.11
CA HIS B 334 -3.52 -23.06 23.78
C HIS B 334 -2.20 -22.42 23.44
N PHE B 335 -1.56 -21.78 24.42
CA PHE B 335 -0.31 -21.09 24.14
C PHE B 335 0.90 -22.01 24.26
N LEU B 336 0.88 -22.91 25.25
CA LEU B 336 1.98 -23.84 25.42
C LEU B 336 2.11 -24.78 24.22
N SER B 337 0.98 -25.29 23.74
CA SER B 337 1.01 -26.10 22.53
C SER B 337 1.22 -25.29 21.27
N ALA B 338 1.10 -23.96 21.35
CA ALA B 338 1.41 -23.16 20.18
C ALA B 338 2.90 -22.88 20.03
N ALA B 339 3.71 -23.22 21.03
CA ALA B 339 5.15 -23.04 20.92
C ALA B 339 5.90 -24.35 20.76
N ILE B 340 5.22 -25.48 20.91
CA ILE B 340 5.83 -26.77 20.54
C ILE B 340 6.05 -26.82 19.03
N ASN B 341 5.11 -26.27 18.25
CA ASN B 341 5.20 -26.34 16.80
C ASN B 341 6.36 -25.53 16.23
N PHE B 342 6.81 -24.50 16.93
CA PHE B 342 7.85 -23.63 16.39
C PHE B 342 9.26 -24.05 16.78
N GLN B 343 9.41 -24.82 17.85
CA GLN B 343 10.69 -25.43 18.22
C GLN B 343 10.40 -26.68 19.02
N PRO B 344 10.57 -27.86 18.42
CA PRO B 344 10.11 -29.07 19.09
C PRO B 344 11.05 -29.60 20.14
N LYS B 345 12.33 -29.21 20.10
CA LYS B 345 13.35 -29.88 20.88
C LYS B 345 13.45 -29.40 22.33
N MET B 346 12.49 -28.63 22.82
CA MET B 346 12.58 -28.11 24.18
C MET B 346 12.10 -29.16 25.18
N GLY B 347 12.66 -29.09 26.38
CA GLY B 347 12.26 -29.97 27.45
C GLY B 347 11.18 -29.39 28.33
N GLU B 348 11.36 -28.13 28.73
CA GLU B 348 10.48 -27.54 29.74
C GLU B 348 9.11 -27.16 29.19
N LEU B 349 8.98 -26.92 27.88
CA LEU B 349 7.65 -26.79 27.30
C LEU B 349 6.88 -28.09 27.41
N TYR B 350 7.55 -29.22 27.18
CA TYR B 350 6.91 -30.52 27.37
C TYR B 350 6.63 -30.78 28.84
N MET B 351 7.44 -30.20 29.74
CA MET B 351 7.18 -30.36 31.16
C MET B 351 5.91 -29.63 31.58
N LEU B 352 5.74 -28.40 31.11
CA LEU B 352 4.62 -27.59 31.58
C LEU B 352 3.32 -27.98 30.89
N LEU B 353 3.42 -28.44 29.63
CA LEU B 353 2.22 -28.84 28.89
C LEU B 353 1.55 -30.04 29.52
N ALA B 354 2.33 -30.91 30.17
CA ALA B 354 1.75 -32.04 30.88
C ALA B 354 1.01 -31.58 32.12
N VAL B 355 1.48 -30.53 32.77
CA VAL B 355 0.74 -29.97 33.89
C VAL B 355 -0.50 -29.25 33.41
N ALA B 356 -0.49 -28.72 32.18
CA ALA B 356 -1.70 -28.15 31.61
C ALA B 356 -2.72 -29.22 31.26
N LEU B 357 -2.32 -30.48 31.16
CA LEU B 357 -3.25 -31.54 30.83
C LEU B 357 -3.93 -32.15 32.04
N THR B 358 -3.23 -32.25 33.17
CA THR B 358 -3.81 -32.95 34.32
C THR B 358 -4.90 -32.14 35.01
N ASN B 359 -4.94 -30.83 34.81
CA ASN B 359 -6.08 -30.06 35.29
C ASN B 359 -7.26 -30.19 34.35
N LEU B 360 -7.03 -30.58 33.11
CA LEU B 360 -8.07 -31.08 32.23
C LEU B 360 -8.16 -32.59 32.45
N GLU B 361 -8.87 -33.30 31.57
CA GLU B 361 -8.96 -34.76 31.68
C GLU B 361 -8.54 -35.39 30.36
N ASP B 362 -7.23 -35.53 30.19
CA ASP B 362 -6.61 -36.28 29.09
C ASP B 362 -5.44 -37.09 29.63
N ILE B 363 -5.72 -37.90 30.67
CA ILE B 363 -4.68 -38.66 31.37
C ILE B 363 -3.98 -39.64 30.44
N GLU B 364 -4.70 -40.12 29.41
CA GLU B 364 -4.07 -40.91 28.36
C GLU B 364 -3.06 -40.08 27.58
N ASN B 365 -3.42 -38.83 27.25
CA ASN B 365 -2.47 -37.93 26.61
C ASN B 365 -1.39 -37.47 27.58
N ALA B 366 -1.66 -37.52 28.88
CA ALA B 366 -0.71 -37.02 29.86
C ALA B 366 0.51 -37.92 29.98
N LYS B 367 0.29 -39.24 30.00
CA LYS B 367 1.41 -40.17 30.03
C LYS B 367 2.17 -40.17 28.71
N ARG B 368 1.47 -39.91 27.60
CA ARG B 368 2.14 -39.84 26.30
C ARG B 368 2.99 -38.57 26.19
N ALA B 369 2.43 -37.44 26.61
CA ALA B 369 3.16 -36.18 26.53
C ALA B 369 4.33 -36.17 27.51
N TYR B 370 4.20 -36.86 28.63
CA TYR B 370 5.31 -36.94 29.57
C TYR B 370 6.41 -37.85 29.04
N ALA B 371 6.04 -38.81 28.18
CA ALA B 371 7.02 -39.74 27.64
C ALA B 371 8.03 -39.05 26.72
N GLU B 372 7.57 -38.06 25.96
CA GLU B 372 8.50 -37.28 25.16
C GLU B 372 9.20 -36.21 25.99
N ALA B 373 8.74 -35.96 27.21
CA ALA B 373 9.33 -34.91 28.03
C ALA B 373 10.65 -35.36 28.64
N VAL B 374 10.68 -36.57 29.22
CA VAL B 374 11.85 -37.04 29.95
C VAL B 374 12.97 -37.44 29.00
N HIS B 375 12.66 -37.63 27.72
CA HIS B 375 13.66 -38.09 26.76
C HIS B 375 14.43 -36.94 26.10
N LEU B 376 13.79 -35.78 25.94
CA LEU B 376 14.37 -34.75 25.07
C LEU B 376 15.47 -33.92 25.73
N ASP B 377 15.80 -34.16 26.99
CA ASP B 377 16.80 -33.36 27.69
C ASP B 377 18.07 -34.13 28.03
N LYS B 378 17.92 -35.21 28.82
CA LYS B 378 18.91 -36.22 29.17
C LYS B 378 20.04 -35.75 30.09
N CYS B 379 20.21 -34.44 30.29
CA CYS B 379 21.21 -34.03 31.28
C CYS B 379 20.79 -32.91 32.22
N ASN B 380 20.18 -31.83 31.73
CA ASN B 380 20.15 -30.61 32.54
C ASN B 380 19.06 -30.54 33.62
N PRO B 381 17.73 -30.60 33.30
CA PRO B 381 16.76 -30.18 34.33
C PRO B 381 16.38 -31.29 35.30
N LEU B 382 16.03 -30.88 36.51
CA LEU B 382 15.68 -31.82 37.57
C LEU B 382 14.25 -31.66 38.06
N VAL B 383 13.51 -30.68 37.52
CA VAL B 383 12.17 -30.42 38.02
C VAL B 383 11.19 -31.47 37.51
N ASN B 384 11.41 -31.94 36.28
CA ASN B 384 10.43 -32.81 35.63
C ASN B 384 10.43 -34.21 36.23
N LEU B 385 11.55 -34.62 36.83
CA LEU B 385 11.52 -35.89 37.56
C LEU B 385 10.77 -35.76 38.88
N ASN B 386 10.66 -34.54 39.39
CA ASN B 386 9.77 -34.31 40.54
C ASN B 386 8.32 -34.26 40.08
N TYR B 387 8.09 -34.00 38.79
CA TYR B 387 6.76 -34.14 38.24
C TYR B 387 6.42 -35.61 38.02
N ALA B 388 7.44 -36.46 37.89
CA ALA B 388 7.21 -37.88 37.64
C ALA B 388 6.56 -38.57 38.82
N VAL B 389 6.73 -38.03 40.03
CA VAL B 389 6.18 -38.69 41.20
C VAL B 389 4.73 -38.30 41.40
N LEU B 390 4.31 -37.17 40.83
CA LEU B 390 2.95 -36.70 41.04
C LEU B 390 1.99 -37.42 40.10
N LEU B 391 2.44 -37.67 38.87
CA LEU B 391 1.68 -38.56 37.99
C LEU B 391 1.69 -39.98 38.53
N TYR B 392 2.80 -40.38 39.15
CA TYR B 392 2.90 -41.73 39.70
C TYR B 392 2.19 -41.84 41.04
N ASN B 393 1.79 -40.71 41.63
CA ASN B 393 1.06 -40.73 42.89
C ASN B 393 -0.30 -41.36 42.73
N GLN B 394 -0.90 -41.21 41.54
CA GLN B 394 -2.21 -41.78 41.28
C GLN B 394 -2.05 -43.18 40.67
N GLY B 395 -2.51 -44.19 41.38
CA GLY B 395 -2.65 -45.60 40.98
C GLY B 395 -1.34 -46.28 40.60
N GLU B 396 -0.20 -45.91 41.19
CA GLU B 396 1.07 -46.54 40.87
C GLU B 396 2.00 -46.44 42.07
N LYS B 397 2.86 -47.45 42.26
CA LYS B 397 3.72 -47.49 43.43
C LYS B 397 5.15 -47.94 43.21
N LYS B 398 5.47 -48.56 42.07
CA LYS B 398 6.78 -49.22 41.94
C LYS B 398 7.88 -48.23 41.60
N ASN B 399 7.79 -47.60 40.42
CA ASN B 399 8.84 -46.75 39.88
C ASN B 399 8.82 -45.32 40.42
N ALA B 400 8.21 -45.09 41.59
CA ALA B 400 8.21 -43.76 42.17
C ALA B 400 9.60 -43.35 42.63
N LEU B 401 10.21 -44.16 43.51
CA LEU B 401 11.54 -43.85 44.01
C LEU B 401 12.59 -44.04 42.92
N ALA B 402 12.28 -44.85 41.90
CA ALA B 402 13.17 -44.95 40.75
C ALA B 402 13.23 -43.64 39.99
N GLN B 403 12.09 -42.97 39.84
CA GLN B 403 12.09 -41.65 39.23
C GLN B 403 12.64 -40.60 40.20
N TYR B 404 12.46 -40.81 41.50
CA TYR B 404 12.90 -39.82 42.49
C TYR B 404 14.41 -39.83 42.64
N GLN B 405 15.03 -41.01 42.57
CA GLN B 405 16.49 -41.09 42.66
C GLN B 405 17.15 -40.85 41.31
N GLU B 406 16.35 -40.75 40.25
CA GLU B 406 16.89 -40.57 38.91
C GLU B 406 17.48 -39.17 38.76
N MET B 407 18.80 -39.14 38.55
CA MET B 407 19.60 -37.90 38.42
C MET B 407 19.40 -36.96 39.60
N GLU B 408 19.51 -37.51 40.81
CA GLU B 408 19.32 -36.69 42.00
C GLU B 408 20.47 -35.71 42.19
N LYS B 409 21.66 -36.07 41.76
CA LYS B 409 22.80 -35.17 41.87
C LYS B 409 22.77 -34.14 40.76
N LYS B 410 22.95 -32.87 41.13
CA LYS B 410 23.04 -31.78 40.19
C LYS B 410 24.51 -31.46 39.96
N VAL B 411 24.91 -31.42 38.68
CA VAL B 411 26.30 -31.15 38.34
C VAL B 411 26.71 -29.73 38.74
N SER B 412 26.11 -28.72 38.10
CA SER B 412 26.38 -27.33 38.41
C SER B 412 25.20 -26.49 37.97
N LEU B 413 24.43 -26.03 38.97
CA LEU B 413 23.24 -25.23 38.70
C LEU B 413 22.88 -24.36 39.90
N LEU B 414 22.31 -23.18 39.64
CA LEU B 414 21.86 -22.31 40.72
C LEU B 414 20.34 -22.21 40.75
N LYS B 415 19.65 -23.18 40.14
CA LYS B 415 18.18 -23.16 40.05
C LYS B 415 17.62 -23.49 41.44
N ASP B 416 16.34 -23.16 41.67
CA ASP B 416 15.69 -23.35 42.96
C ASP B 416 15.16 -24.76 43.10
N ASN B 417 16.04 -25.71 43.45
CA ASN B 417 15.58 -27.06 43.72
C ASN B 417 15.05 -27.18 45.15
N SER B 418 15.26 -26.14 45.96
CA SER B 418 14.87 -26.20 47.37
C SER B 418 13.35 -26.11 47.53
N SER B 419 12.69 -25.30 46.69
CA SER B 419 11.23 -25.28 46.70
C SER B 419 10.66 -26.60 46.20
N LEU B 420 11.35 -27.24 45.27
CA LEU B 420 10.97 -28.59 44.86
C LEU B 420 11.29 -29.61 45.94
N GLU B 421 12.30 -29.31 46.78
CA GLU B 421 12.69 -30.24 47.83
C GLU B 421 11.64 -30.30 48.93
N PHE B 422 10.89 -29.21 49.12
CA PHE B 422 9.71 -29.27 49.97
C PHE B 422 8.66 -30.21 49.38
N ASP B 423 8.51 -30.18 48.06
CA ASP B 423 7.63 -31.14 47.39
C ASP B 423 8.27 -32.52 47.33
N SER B 424 9.60 -32.57 47.23
CA SER B 424 10.29 -33.85 47.22
C SER B 424 10.30 -34.48 48.61
N GLU B 425 10.11 -33.66 49.65
CA GLU B 425 9.90 -34.20 50.98
C GLU B 425 8.60 -35.00 51.05
N MET B 426 7.57 -34.56 50.32
CA MET B 426 6.34 -35.32 50.23
C MET B 426 6.52 -36.52 49.29
N VAL B 427 7.46 -36.43 48.35
CA VAL B 427 7.71 -37.54 47.44
C VAL B 427 8.39 -38.69 48.15
N GLU B 428 9.40 -38.40 48.98
CA GLU B 428 10.04 -39.45 49.75
C GLU B 428 9.17 -39.92 50.90
N MET B 429 8.17 -39.12 51.27
CA MET B 429 7.21 -39.55 52.28
C MET B 429 6.31 -40.66 51.75
N ALA B 430 6.09 -40.68 50.44
CA ALA B 430 5.27 -41.73 49.84
C ALA B 430 5.99 -43.07 49.87
N GLN B 431 7.32 -43.04 49.93
CA GLN B 431 8.13 -44.26 49.99
C GLN B 431 9.09 -44.14 51.17
N LYS B 432 8.60 -44.53 52.34
CA LYS B 432 9.43 -44.52 53.55
C LYS B 432 8.94 -45.57 54.54
N MET C 17 -65.12 8.01 -4.58
CA MET C 17 -64.90 6.82 -5.40
C MET C 17 -63.88 5.89 -4.77
N GLU C 18 -64.28 4.63 -4.61
CA GLU C 18 -63.44 3.59 -4.04
C GLU C 18 -62.12 3.28 -4.76
N PRO C 19 -61.99 3.40 -6.10
CA PRO C 19 -60.65 3.23 -6.68
C PRO C 19 -59.65 4.33 -6.31
N LEU C 20 -60.09 5.58 -6.23
CA LEU C 20 -59.18 6.67 -5.90
C LEU C 20 -58.72 6.58 -4.45
N LEU C 21 -59.63 6.18 -3.55
CA LEU C 21 -59.28 6.05 -2.14
C LEU C 21 -58.34 4.87 -1.93
N LEU C 22 -58.64 3.73 -2.56
CA LEU C 22 -57.78 2.55 -2.43
C LEU C 22 -56.41 2.77 -3.08
N ALA C 23 -56.33 3.65 -4.08
CA ALA C 23 -55.03 4.03 -4.61
C ALA C 23 -54.24 4.84 -3.58
N TRP C 24 -54.90 5.81 -2.95
CA TRP C 24 -54.23 6.66 -1.97
C TRP C 24 -53.95 5.88 -0.68
N SER C 25 -54.83 4.97 -0.32
CA SER C 25 -54.61 4.18 0.89
C SER C 25 -53.55 3.11 0.68
N TYR C 26 -53.27 2.74 -0.56
CA TYR C 26 -52.12 1.87 -0.82
C TYR C 26 -50.81 2.62 -0.69
N PHE C 27 -50.82 3.93 -0.97
CA PHE C 27 -49.61 4.73 -0.84
C PHE C 27 -49.27 4.97 0.63
N ARG C 28 -50.29 5.05 1.48
CA ARG C 28 -50.07 5.29 2.90
C ARG C 28 -49.41 4.11 3.58
N ARG C 29 -49.84 2.89 3.27
CA ARG C 29 -49.18 1.69 3.76
C ARG C 29 -48.07 1.23 2.83
N ARG C 30 -47.65 2.11 1.91
CA ARG C 30 -46.56 1.98 0.93
C ARG C 30 -46.54 0.67 0.15
N LYS C 31 -47.72 0.10 -0.11
CA LYS C 31 -47.80 -0.96 -1.10
C LYS C 31 -47.68 -0.35 -2.48
N PHE C 32 -46.45 -0.26 -2.99
CA PHE C 32 -46.17 0.59 -4.14
C PHE C 32 -46.56 -0.07 -5.46
N GLN C 33 -46.14 -1.33 -5.65
CA GLN C 33 -46.41 -2.01 -6.90
C GLN C 33 -47.89 -2.33 -7.07
N LEU C 34 -48.61 -2.50 -5.96
CA LEU C 34 -50.05 -2.64 -6.01
C LEU C 34 -50.76 -1.31 -6.23
N CYS C 35 -50.03 -0.19 -6.17
CA CYS C 35 -50.64 1.13 -6.31
C CYS C 35 -50.55 1.67 -7.72
N ALA C 36 -49.41 1.47 -8.39
CA ALA C 36 -49.17 2.12 -9.68
C ALA C 36 -50.07 1.56 -10.78
N ASP C 37 -50.36 0.25 -10.72
CA ASP C 37 -51.23 -0.34 -11.72
C ASP C 37 -52.67 0.06 -11.50
N LEU C 38 -53.11 0.13 -10.25
CA LEU C 38 -54.48 0.54 -9.96
C LEU C 38 -54.69 2.02 -10.22
N CYS C 39 -53.62 2.81 -10.11
CA CYS C 39 -53.73 4.23 -10.40
C CYS C 39 -53.81 4.48 -11.90
N THR C 40 -52.99 3.78 -12.68
CA THR C 40 -53.05 3.91 -14.14
C THR C 40 -54.25 3.17 -14.72
N GLN C 41 -54.94 2.34 -13.93
CA GLN C 41 -56.23 1.84 -14.34
C GLN C 41 -57.26 2.97 -14.35
N MET C 42 -57.06 3.99 -13.51
CA MET C 42 -57.91 5.17 -13.55
C MET C 42 -57.46 6.18 -14.60
N LEU C 43 -56.35 5.92 -15.29
CA LEU C 43 -55.80 6.91 -16.21
C LEU C 43 -56.64 7.02 -17.47
N GLU C 44 -57.18 5.91 -17.96
CA GLU C 44 -57.95 5.96 -19.19
C GLU C 44 -59.40 6.39 -18.94
N LYS C 45 -59.82 6.46 -17.68
CA LYS C 45 -61.18 6.87 -17.38
C LYS C 45 -61.37 8.36 -17.57
N SER C 46 -60.27 9.12 -17.60
CA SER C 46 -60.30 10.56 -17.77
C SER C 46 -59.32 10.96 -18.86
N PRO C 47 -59.52 12.11 -19.53
CA PRO C 47 -58.42 12.64 -20.35
C PRO C 47 -57.20 12.99 -19.52
N TYR C 48 -57.37 13.80 -18.48
CA TYR C 48 -56.29 14.13 -17.56
C TYR C 48 -56.86 14.37 -16.17
N ASP C 49 -56.43 13.54 -15.22
CA ASP C 49 -56.71 13.74 -13.81
C ASP C 49 -55.40 14.06 -13.11
N GLN C 50 -55.34 15.24 -12.51
CA GLN C 50 -54.09 15.72 -11.90
C GLN C 50 -53.74 14.91 -10.65
N ALA C 51 -54.74 14.33 -9.99
CA ALA C 51 -54.49 13.58 -8.77
C ALA C 51 -53.88 12.23 -9.08
N ALA C 52 -54.40 11.55 -10.10
CA ALA C 52 -53.83 10.25 -10.46
C ALA C 52 -52.49 10.42 -11.17
N TRP C 53 -52.30 11.56 -11.84
CA TRP C 53 -51.05 11.77 -12.58
C TRP C 53 -49.88 11.97 -11.63
N ILE C 54 -50.11 12.61 -10.49
CA ILE C 54 -49.03 12.78 -9.53
C ILE C 54 -48.91 11.55 -8.65
N LEU C 55 -49.99 10.79 -8.50
CA LEU C 55 -49.91 9.57 -7.71
C LEU C 55 -49.21 8.48 -8.47
N LYS C 56 -49.45 8.40 -9.79
CA LYS C 56 -48.65 7.52 -10.65
C LYS C 56 -47.21 7.99 -10.68
N ALA C 57 -46.99 9.29 -10.55
CA ALA C 57 -45.63 9.81 -10.45
C ALA C 57 -45.00 9.41 -9.13
N ARG C 58 -45.60 9.81 -8.01
CA ARG C 58 -44.94 9.69 -6.71
C ARG C 58 -44.85 8.26 -6.20
N ALA C 59 -45.77 7.38 -6.60
CA ALA C 59 -45.61 5.97 -6.26
C ALA C 59 -44.47 5.34 -7.04
N LEU C 60 -44.21 5.86 -8.25
CA LEU C 60 -43.07 5.38 -9.01
C LEU C 60 -41.75 5.97 -8.51
N THR C 61 -41.79 7.06 -7.76
CA THR C 61 -40.56 7.65 -7.24
C THR C 61 -39.98 6.80 -6.12
N GLU C 62 -40.81 6.40 -5.19
CA GLU C 62 -40.33 5.74 -3.98
C GLU C 62 -40.10 4.25 -4.16
N MET C 63 -40.02 3.75 -5.39
CA MET C 63 -39.58 2.38 -5.60
C MET C 63 -38.12 2.24 -5.20
N VAL C 64 -37.25 3.06 -5.79
CA VAL C 64 -35.89 3.26 -5.32
C VAL C 64 -35.65 4.76 -5.14
N TYR C 65 -35.02 5.13 -4.02
CA TYR C 65 -34.69 6.53 -3.76
C TYR C 65 -33.57 6.55 -2.72
N ILE C 66 -32.37 6.94 -3.15
CA ILE C 66 -31.22 7.12 -2.28
C ILE C 66 -30.75 8.56 -2.44
N ASP C 67 -30.26 9.16 -1.35
CA ASP C 67 -29.80 10.55 -1.36
C ASP C 67 -28.29 10.69 -1.19
N GLU C 68 -27.72 10.12 -0.13
CA GLU C 68 -26.35 10.39 0.25
C GLU C 68 -25.36 9.57 -0.59
N ILE C 69 -24.08 9.67 -0.23
CA ILE C 69 -22.98 8.99 -0.91
C ILE C 69 -22.91 7.56 -0.39
N ASP C 70 -22.09 6.72 -1.04
CA ASP C 70 -21.87 5.36 -0.54
C ASP C 70 -21.06 5.43 0.75
N VAL C 71 -21.75 5.39 1.87
CA VAL C 71 -21.23 5.88 3.15
C VAL C 71 -20.84 4.69 4.03
N ASP C 72 -20.48 3.57 3.38
CA ASP C 72 -20.11 2.29 3.99
C ASP C 72 -19.10 2.43 5.14
N GLN C 73 -19.53 2.01 6.33
CA GLN C 73 -18.93 2.46 7.58
C GLN C 73 -17.88 1.47 8.03
N GLU C 74 -16.62 1.82 7.79
CA GLU C 74 -15.49 0.96 8.09
C GLU C 74 -15.26 0.90 9.60
N GLY C 75 -14.37 0.00 10.00
CA GLY C 75 -13.85 0.02 11.34
C GLY C 75 -12.34 -0.02 11.36
N ILE C 76 -11.75 -0.49 10.25
CA ILE C 76 -10.30 -0.66 10.13
C ILE C 76 -9.83 -0.03 8.84
N ALA C 77 -9.57 1.28 8.87
CA ALA C 77 -9.08 2.01 7.71
C ALA C 77 -8.44 3.32 8.12
N GLU C 78 -7.38 3.72 7.43
CA GLU C 78 -6.85 5.07 7.57
C GLU C 78 -6.63 5.78 6.24
N MET C 79 -6.11 5.09 5.22
CA MET C 79 -5.82 5.69 3.92
C MET C 79 -5.69 4.58 2.89
N MET C 80 -6.59 4.59 1.90
CA MET C 80 -6.64 3.61 0.80
C MET C 80 -6.70 2.17 1.32
N LEU C 81 -7.56 1.96 2.34
CA LEU C 81 -7.82 0.67 2.98
C LEU C 81 -6.55 0.05 3.55
N ASP C 82 -5.96 0.72 4.53
CA ASP C 82 -4.86 0.16 5.29
C ASP C 82 -5.33 -0.34 6.64
N GLU C 83 -4.65 -1.37 7.15
CA GLU C 83 -5.01 -1.97 8.42
C GLU C 83 -4.51 -1.11 9.58
N ASN C 84 -4.55 -1.66 10.79
CA ASN C 84 -4.14 -0.89 11.95
C ASN C 84 -3.51 -1.82 12.98
N ALA C 85 -3.18 -1.22 14.13
CA ALA C 85 -2.50 -1.76 15.31
C ALA C 85 -1.05 -2.12 15.08
N ILE C 86 -0.54 -1.97 13.86
CA ILE C 86 0.88 -1.88 13.61
C ILE C 86 1.30 -0.49 13.14
N ALA C 87 0.36 0.32 12.64
CA ALA C 87 0.65 1.73 12.45
C ALA C 87 0.56 2.48 13.77
N GLN C 88 -0.64 2.56 14.35
CA GLN C 88 -0.92 3.23 15.62
C GLN C 88 -2.37 2.96 16.00
N VAL C 89 -2.67 3.18 17.27
CA VAL C 89 -4.02 3.17 17.84
C VAL C 89 -4.79 1.87 17.62
N LEU C 193 -46.09 23.47 -7.58
CA LEU C 193 -47.45 22.94 -7.53
C LEU C 193 -47.42 21.43 -7.76
N ALA C 194 -48.23 20.97 -8.72
CA ALA C 194 -48.14 19.58 -9.13
C ALA C 194 -46.85 19.33 -9.90
N LYS C 195 -46.28 20.38 -10.49
CA LYS C 195 -45.03 20.25 -11.23
C LYS C 195 -43.84 20.11 -10.29
N ALA C 196 -44.04 20.38 -8.99
CA ALA C 196 -42.97 20.23 -8.01
C ALA C 196 -42.57 18.76 -7.87
N LEU C 197 -43.55 17.86 -7.90
CA LEU C 197 -43.22 16.44 -7.85
C LEU C 197 -42.93 15.90 -9.24
N PHE C 198 -43.39 16.61 -10.27
CA PHE C 198 -42.98 16.28 -11.64
C PHE C 198 -41.51 16.60 -11.84
N GLU C 199 -41.00 17.58 -11.10
CA GLU C 199 -39.56 17.78 -11.01
C GLU C 199 -38.88 16.59 -10.33
N TYR C 200 -39.58 15.94 -9.40
CA TYR C 200 -38.94 14.94 -8.56
C TYR C 200 -38.77 13.62 -9.28
N ILE C 201 -39.49 13.42 -10.38
CA ILE C 201 -39.33 12.19 -11.17
C ILE C 201 -38.01 12.23 -11.94
N PHE C 202 -37.43 13.41 -12.08
CA PHE C 202 -36.14 13.49 -12.76
C PHE C 202 -34.99 13.14 -11.82
N HIS C 203 -35.26 13.11 -10.51
CA HIS C 203 -34.17 12.98 -9.56
C HIS C 203 -33.86 11.52 -9.24
N HIS C 204 -34.76 10.61 -9.62
CA HIS C 204 -34.37 9.19 -9.59
C HIS C 204 -33.75 8.77 -10.90
N GLU C 205 -34.14 9.45 -11.99
CA GLU C 205 -33.58 9.21 -13.32
C GLU C 205 -32.25 9.92 -13.50
N ASN C 206 -31.92 10.85 -12.60
CA ASN C 206 -30.64 11.57 -12.54
C ASN C 206 -30.36 12.37 -13.80
N ASP C 207 -31.40 12.92 -14.43
CA ASP C 207 -31.23 13.86 -15.53
C ASP C 207 -31.29 15.27 -14.93
N VAL C 208 -30.11 15.76 -14.55
CA VAL C 208 -30.02 16.90 -13.65
C VAL C 208 -30.30 18.20 -14.39
N LYS C 209 -29.81 18.32 -15.62
CA LYS C 209 -29.89 19.59 -16.33
C LYS C 209 -31.31 19.89 -16.81
N THR C 210 -32.05 18.85 -17.20
CA THR C 210 -33.41 19.03 -17.69
C THR C 210 -34.34 19.45 -16.57
N ALA C 211 -34.10 18.92 -15.37
CA ALA C 211 -34.87 19.29 -14.20
C ALA C 211 -34.57 20.73 -13.81
N LEU C 212 -33.35 21.19 -14.09
CA LEU C 212 -32.89 22.49 -13.63
C LEU C 212 -33.62 23.63 -14.34
N ASP C 213 -34.16 23.37 -15.53
CA ASP C 213 -34.90 24.40 -16.25
C ASP C 213 -36.21 24.72 -15.55
N LEU C 214 -37.04 23.71 -15.32
CA LEU C 214 -38.33 23.94 -14.68
C LEU C 214 -38.17 24.20 -13.18
N ALA C 215 -37.03 23.81 -12.61
CA ALA C 215 -36.70 24.27 -11.27
C ALA C 215 -36.44 25.77 -11.27
N ALA C 216 -35.66 26.25 -12.24
CA ALA C 216 -35.41 27.68 -12.33
C ALA C 216 -36.63 28.43 -12.85
N LEU C 217 -37.50 27.74 -13.59
CA LEU C 217 -38.73 28.37 -14.08
C LEU C 217 -39.70 28.61 -12.94
N SER C 218 -39.78 27.67 -12.00
CA SER C 218 -40.79 27.76 -10.96
C SER C 218 -40.33 28.64 -9.80
N THR C 219 -39.02 28.73 -9.56
CA THR C 219 -38.54 29.60 -8.49
C THR C 219 -38.59 31.06 -8.93
N GLU C 220 -38.60 31.30 -10.25
CA GLU C 220 -38.85 32.66 -10.72
C GLU C 220 -40.35 32.95 -10.75
N HIS C 221 -41.17 31.90 -10.74
CA HIS C 221 -42.61 32.08 -10.65
C HIS C 221 -43.02 32.53 -9.25
N SER C 222 -42.33 32.02 -8.24
CA SER C 222 -42.53 32.43 -6.84
C SER C 222 -41.17 32.67 -6.21
N GLN C 223 -40.69 33.91 -6.25
CA GLN C 223 -39.32 34.21 -5.83
C GLN C 223 -39.29 34.65 -4.38
N TYR C 224 -39.95 33.86 -3.51
CA TYR C 224 -39.52 33.51 -2.15
C TYR C 224 -40.49 32.49 -1.56
N LYS C 225 -40.33 32.21 -0.27
CA LYS C 225 -41.12 31.29 0.56
C LYS C 225 -40.91 29.84 0.15
N ASP C 226 -39.85 29.55 -0.59
CA ASP C 226 -39.53 28.19 -1.04
C ASP C 226 -38.06 27.91 -0.75
N TRP C 227 -37.77 27.53 0.49
CA TRP C 227 -36.40 27.13 0.80
C TRP C 227 -36.13 25.75 0.25
N TRP C 228 -37.18 24.95 0.07
CA TRP C 228 -37.06 23.63 -0.53
C TRP C 228 -36.54 23.72 -1.96
N TRP C 229 -37.06 24.65 -2.75
CA TRP C 229 -36.57 24.83 -4.10
C TRP C 229 -35.20 25.51 -4.08
N LYS C 230 -34.88 26.23 -3.01
CA LYS C 230 -33.55 26.80 -2.89
C LYS C 230 -32.51 25.73 -2.63
N VAL C 231 -32.79 24.79 -1.72
CA VAL C 231 -31.79 23.78 -1.42
C VAL C 231 -31.75 22.71 -2.49
N GLN C 232 -32.81 22.55 -3.27
CA GLN C 232 -32.83 21.50 -4.27
C GLN C 232 -31.99 21.87 -5.49
N ILE C 233 -32.05 23.12 -5.93
CA ILE C 233 -31.22 23.58 -7.05
C ILE C 233 -29.75 23.51 -6.68
N GLY C 234 -29.42 23.82 -5.42
CA GLY C 234 -28.07 23.58 -4.94
C GLY C 234 -27.70 22.12 -4.89
N LYS C 235 -28.67 21.24 -4.63
CA LYS C 235 -28.41 19.81 -4.74
C LYS C 235 -28.21 19.39 -6.19
N CYS C 236 -28.90 20.04 -7.12
CA CYS C 236 -28.63 19.79 -8.54
C CYS C 236 -27.25 20.26 -8.94
N TYR C 237 -26.78 21.37 -8.36
CA TYR C 237 -25.46 21.87 -8.69
C TYR C 237 -24.37 21.00 -8.09
N TYR C 238 -24.62 20.43 -6.91
CA TYR C 238 -23.64 19.52 -6.34
C TYR C 238 -23.68 18.16 -7.03
N ARG C 239 -24.82 17.80 -7.62
CA ARG C 239 -24.94 16.53 -8.32
C ARG C 239 -24.08 16.50 -9.57
N LEU C 240 -23.87 17.66 -10.19
CA LEU C 240 -23.04 17.72 -11.39
C LEU C 240 -21.58 17.99 -11.06
N GLY C 241 -21.32 18.99 -10.22
CA GLY C 241 -19.97 19.46 -9.95
C GLY C 241 -19.86 20.96 -9.84
N MET C 242 -20.96 21.70 -9.91
CA MET C 242 -20.95 23.15 -9.67
C MET C 242 -20.81 23.37 -8.17
N TYR C 243 -19.57 23.36 -7.69
CA TYR C 243 -19.33 23.46 -6.26
C TYR C 243 -19.70 24.83 -5.72
N ARG C 244 -19.08 25.88 -6.28
CA ARG C 244 -19.23 27.24 -5.75
C ARG C 244 -20.64 27.77 -5.97
N GLU C 245 -21.24 27.48 -7.13
CA GLU C 245 -22.61 27.89 -7.41
C GLU C 245 -23.62 27.22 -6.49
N ALA C 246 -23.33 26.00 -6.03
CA ALA C 246 -24.11 25.41 -4.96
C ALA C 246 -23.81 26.09 -3.63
N GLU C 247 -22.53 26.43 -3.40
CA GLU C 247 -22.11 26.98 -2.12
C GLU C 247 -22.69 28.37 -1.87
N LYS C 248 -23.02 29.11 -2.93
CA LYS C 248 -23.74 30.36 -2.75
C LYS C 248 -25.25 30.14 -2.71
N GLN C 249 -25.74 28.98 -3.14
CA GLN C 249 -27.17 28.80 -3.30
C GLN C 249 -27.87 28.49 -1.98
N PHE C 250 -27.53 27.37 -1.35
CA PHE C 250 -28.28 26.97 -0.17
C PHE C 250 -27.76 27.59 1.12
N LYS C 251 -26.73 28.44 1.06
CA LYS C 251 -26.42 29.26 2.22
C LYS C 251 -27.53 30.26 2.48
N SER C 252 -28.15 30.78 1.41
CA SER C 252 -29.21 31.76 1.54
C SER C 252 -30.46 31.13 2.16
N ALA C 253 -30.69 29.85 1.89
CA ALA C 253 -31.85 29.18 2.47
C ALA C 253 -31.65 28.92 3.96
N LEU C 254 -30.40 28.75 4.39
CA LEU C 254 -30.16 28.51 5.81
C LEU C 254 -30.36 29.77 6.62
N LYS C 255 -30.13 30.93 6.02
CA LYS C 255 -30.32 32.21 6.70
C LYS C 255 -31.80 32.57 6.89
N GLN C 256 -32.72 31.76 6.38
CA GLN C 256 -34.14 31.94 6.63
C GLN C 256 -34.76 30.79 7.41
N GLN C 257 -34.21 29.58 7.33
CA GLN C 257 -34.90 28.42 7.87
C GLN C 257 -33.91 27.53 8.61
N GLU C 258 -34.37 26.92 9.69
CA GLU C 258 -33.56 26.02 10.52
C GLU C 258 -34.00 24.59 10.23
N MET C 259 -33.23 23.89 9.38
CA MET C 259 -33.56 22.52 9.03
C MET C 259 -32.30 21.67 9.10
N VAL C 260 -32.46 20.43 9.60
CA VAL C 260 -31.33 19.59 9.95
C VAL C 260 -30.59 19.12 8.69
N ASP C 261 -31.33 18.86 7.61
CA ASP C 261 -30.71 18.37 6.39
C ASP C 261 -29.89 19.44 5.68
N THR C 262 -30.24 20.72 5.86
CA THR C 262 -29.46 21.80 5.25
C THR C 262 -28.09 21.91 5.88
N PHE C 263 -28.00 21.64 7.18
CA PHE C 263 -26.69 21.53 7.83
C PHE C 263 -25.91 20.35 7.28
N LEU C 264 -26.60 19.30 6.85
CA LEU C 264 -25.95 18.22 6.14
C LEU C 264 -25.76 18.53 4.65
N TYR C 265 -26.15 19.71 4.20
CA TYR C 265 -25.90 20.14 2.83
C TYR C 265 -24.77 21.15 2.73
N LEU C 266 -24.73 22.13 3.64
CA LEU C 266 -23.59 23.05 3.69
C LEU C 266 -22.32 22.32 4.10
N ALA C 267 -22.41 21.48 5.12
CA ALA C 267 -21.25 20.75 5.60
C ALA C 267 -21.01 19.45 4.85
N LYS C 268 -21.63 19.27 3.68
CA LYS C 268 -21.22 18.20 2.78
C LYS C 268 -20.37 18.73 1.64
N VAL C 269 -20.72 19.90 1.12
CA VAL C 269 -19.97 20.46 0.01
C VAL C 269 -18.63 21.02 0.48
N TYR C 270 -18.54 21.42 1.76
CA TYR C 270 -17.31 22.05 2.23
C TYR C 270 -16.23 21.02 2.49
N VAL C 271 -16.64 19.82 2.90
CA VAL C 271 -15.66 18.74 3.11
C VAL C 271 -15.14 18.24 1.77
N SER C 272 -16.00 18.21 0.75
CA SER C 272 -15.54 17.85 -0.59
C SER C 272 -14.75 18.99 -1.22
N LEU C 273 -14.90 20.20 -0.70
CA LEU C 273 -14.03 21.31 -1.03
C LEU C 273 -12.76 21.33 -0.18
N ASP C 274 -12.61 20.34 0.71
CA ASP C 274 -11.40 20.09 1.52
C ASP C 274 -11.04 21.27 2.41
N GLN C 275 -11.94 21.59 3.33
CA GLN C 275 -11.70 22.57 4.39
C GLN C 275 -12.23 22.01 5.69
N PRO C 276 -11.40 21.29 6.46
CA PRO C 276 -11.90 20.61 7.67
C PRO C 276 -12.26 21.55 8.81
N VAL C 277 -11.87 22.82 8.76
CA VAL C 277 -12.24 23.73 9.84
C VAL C 277 -13.55 24.44 9.51
N THR C 278 -13.93 24.47 8.23
CA THR C 278 -15.23 25.07 7.88
C THR C 278 -16.36 24.09 8.13
N ALA C 279 -16.04 22.80 8.26
CA ALA C 279 -17.06 21.84 8.65
C ALA C 279 -17.38 21.95 10.13
N LEU C 280 -16.42 22.43 10.93
CA LEU C 280 -16.60 22.45 12.38
C LEU C 280 -17.61 23.50 12.82
N ASN C 281 -17.68 24.64 12.13
CA ASN C 281 -18.54 25.73 12.59
C ASN C 281 -20.02 25.40 12.43
N LEU C 282 -20.38 24.75 11.33
CA LEU C 282 -21.76 24.32 11.14
C LEU C 282 -22.15 23.24 12.14
N PHE C 283 -21.20 22.36 12.45
CA PHE C 283 -21.48 21.26 13.39
C PHE C 283 -21.42 21.70 14.85
N LYS C 284 -21.14 22.98 15.11
CA LYS C 284 -21.41 23.55 16.42
C LYS C 284 -22.40 24.70 16.36
N GLN C 285 -22.81 25.13 15.17
CA GLN C 285 -23.92 26.08 15.06
C GLN C 285 -25.25 25.38 15.28
N GLY C 286 -25.61 24.45 14.38
CA GLY C 286 -26.89 23.79 14.44
C GLY C 286 -27.05 22.84 15.58
N LEU C 287 -25.93 22.43 16.20
CA LEU C 287 -25.99 21.59 17.39
C LEU C 287 -26.57 22.32 18.60
N ASP C 288 -26.57 23.65 18.59
CA ASP C 288 -27.15 24.43 19.68
C ASP C 288 -28.51 25.02 19.33
N LYS C 289 -29.03 24.75 18.14
CA LYS C 289 -30.43 25.01 17.86
C LYS C 289 -31.24 23.72 17.83
N PHE C 290 -30.61 22.61 17.43
CA PHE C 290 -31.16 21.27 17.54
C PHE C 290 -30.32 20.53 18.55
N PRO C 291 -30.59 20.66 19.85
CA PRO C 291 -29.68 20.09 20.85
C PRO C 291 -29.82 18.59 20.98
N GLY C 292 -28.68 17.92 21.10
CA GLY C 292 -28.67 16.48 21.26
C GLY C 292 -29.04 15.70 20.03
N GLU C 293 -28.99 16.32 18.85
CA GLU C 293 -29.45 15.69 17.62
C GLU C 293 -28.45 14.61 17.20
N VAL C 294 -28.97 13.54 16.59
CA VAL C 294 -28.18 12.34 16.40
C VAL C 294 -27.28 12.47 15.17
N THR C 295 -27.87 12.70 13.99
CA THR C 295 -27.10 12.59 12.76
C THR C 295 -26.12 13.75 12.58
N LEU C 296 -26.31 14.86 13.28
CA LEU C 296 -25.27 15.88 13.33
C LEU C 296 -24.06 15.36 14.08
N LEU C 297 -24.29 14.72 15.23
CA LEU C 297 -23.21 14.18 16.05
C LEU C 297 -22.51 12.99 15.41
N CYS C 298 -23.10 12.37 14.39
CA CYS C 298 -22.41 11.38 13.60
C CYS C 298 -21.62 12.01 12.46
N GLY C 299 -22.10 13.15 11.94
CA GLY C 299 -21.37 13.82 10.88
C GLY C 299 -20.10 14.49 11.36
N ILE C 300 -20.06 14.89 12.63
CA ILE C 300 -18.86 15.54 13.14
C ILE C 300 -17.77 14.53 13.46
N ALA C 301 -18.13 13.35 13.93
CA ALA C 301 -17.14 12.32 14.23
C ALA C 301 -16.74 11.52 13.00
N ARG C 302 -17.29 11.84 11.84
CA ARG C 302 -16.91 11.16 10.60
C ARG C 302 -15.82 11.90 9.85
N ILE C 303 -15.70 13.22 10.05
CA ILE C 303 -14.61 13.95 9.44
C ILE C 303 -13.37 13.90 10.31
N TYR C 304 -13.54 13.57 11.60
CA TYR C 304 -12.39 13.44 12.48
C TYR C 304 -11.64 12.14 12.21
N GLU C 305 -12.35 11.10 11.78
CA GLU C 305 -11.72 9.88 11.33
C GLU C 305 -11.08 10.02 9.96
N GLU C 306 -11.46 11.06 9.21
CA GLU C 306 -10.81 11.30 7.93
C GLU C 306 -9.40 11.86 8.11
N MET C 307 -9.21 12.69 9.13
CA MET C 307 -7.88 13.18 9.50
C MET C 307 -7.22 12.31 10.56
N ASN C 308 -7.87 11.21 10.95
CA ASN C 308 -7.45 10.33 12.05
C ASN C 308 -7.26 11.12 13.34
N ASN C 309 -8.29 11.87 13.71
CA ASN C 309 -8.32 12.56 14.99
C ASN C 309 -9.16 11.77 16.00
N MET C 310 -8.70 10.55 16.30
CA MET C 310 -9.46 9.66 17.15
C MET C 310 -9.37 10.04 18.62
N SER C 311 -8.50 10.99 18.97
CA SER C 311 -8.54 11.57 20.31
C SER C 311 -9.84 12.32 20.55
N SER C 312 -10.36 12.96 19.50
CA SER C 312 -11.59 13.73 19.58
C SER C 312 -12.72 13.15 18.74
N ALA C 313 -12.48 12.03 18.07
CA ALA C 313 -13.57 11.37 17.34
C ALA C 313 -14.38 10.47 18.26
N ALA C 314 -13.70 9.57 18.99
CA ALA C 314 -14.38 8.55 19.79
C ALA C 314 -15.02 9.09 21.06
N GLU C 315 -14.90 10.39 21.34
CA GLU C 315 -15.73 10.97 22.39
C GLU C 315 -17.11 11.31 21.86
N TYR C 316 -17.17 11.75 20.60
CA TYR C 316 -18.47 12.05 20.00
C TYR C 316 -19.24 10.78 19.71
N TYR C 317 -18.57 9.70 19.34
CA TYR C 317 -19.23 8.41 19.21
C TYR C 317 -19.59 7.80 20.55
N LYS C 318 -19.14 8.37 21.66
CA LYS C 318 -19.66 8.05 22.98
C LYS C 318 -20.86 8.91 23.35
N GLU C 319 -21.24 9.85 22.49
CA GLU C 319 -22.44 10.66 22.67
C GLU C 319 -23.59 10.17 21.80
N VAL C 320 -23.30 9.70 20.59
CA VAL C 320 -24.31 9.05 19.76
C VAL C 320 -24.68 7.68 20.34
N LEU C 321 -23.90 7.17 21.29
CA LEU C 321 -24.30 6.05 22.12
C LEU C 321 -24.83 6.46 23.48
N LYS C 322 -24.70 7.73 23.86
CA LYS C 322 -25.23 8.15 25.16
C LYS C 322 -26.75 8.20 25.12
N GLN C 323 -27.30 9.07 24.29
CA GLN C 323 -28.64 8.87 23.77
C GLN C 323 -28.53 8.08 22.47
N ASP C 324 -29.67 7.56 22.00
CA ASP C 324 -29.77 6.72 20.79
C ASP C 324 -28.87 5.48 20.89
N ASN C 325 -29.23 4.60 21.82
CA ASN C 325 -28.37 3.47 22.16
C ASN C 325 -28.46 2.30 21.18
N THR C 326 -28.96 2.50 19.95
CA THR C 326 -29.01 1.42 18.98
C THR C 326 -28.64 1.87 17.57
N HIS C 327 -27.94 3.00 17.43
CA HIS C 327 -27.44 3.42 16.13
C HIS C 327 -26.34 2.47 15.68
N VAL C 328 -26.54 1.84 14.54
CA VAL C 328 -25.70 0.69 14.17
C VAL C 328 -24.32 1.13 13.71
N GLU C 329 -24.22 2.26 13.02
CA GLU C 329 -22.94 2.64 12.45
C GLU C 329 -22.06 3.41 13.41
N ALA C 330 -22.46 3.54 14.66
CA ALA C 330 -21.60 4.06 15.72
C ALA C 330 -21.42 3.04 16.82
N ILE C 331 -21.83 1.80 16.57
CA ILE C 331 -21.55 0.69 17.46
C ILE C 331 -20.31 -0.08 17.00
N ALA C 332 -20.17 -0.26 15.69
CA ALA C 332 -18.98 -0.90 15.14
C ALA C 332 -17.75 0.00 15.28
N CYS C 333 -17.87 1.27 14.89
CA CYS C 333 -16.75 2.21 14.94
C CYS C 333 -16.33 2.59 16.35
N ILE C 334 -16.95 2.08 17.41
CA ILE C 334 -16.33 2.00 18.72
C ILE C 334 -15.83 0.59 19.00
N GLY C 335 -16.61 -0.41 18.61
CA GLY C 335 -16.21 -1.78 18.80
C GLY C 335 -15.13 -2.27 17.86
N SER C 336 -14.65 -1.43 16.96
CA SER C 336 -13.43 -1.72 16.21
C SER C 336 -12.24 -0.99 16.78
N ASN C 337 -12.43 0.25 17.22
CA ASN C 337 -11.37 1.03 17.82
C ASN C 337 -11.07 0.62 19.25
N HIS C 338 -11.67 -0.46 19.73
CA HIS C 338 -11.22 -1.14 20.94
C HIS C 338 -10.55 -2.46 20.66
N PHE C 339 -10.90 -3.14 19.56
CA PHE C 339 -10.21 -4.37 19.21
C PHE C 339 -8.76 -4.10 18.86
N TYR C 340 -8.49 -3.02 18.13
CA TYR C 340 -7.14 -2.51 18.06
C TYR C 340 -6.84 -1.73 19.33
N SER C 341 -5.55 -1.58 19.63
CA SER C 341 -5.05 -0.96 20.86
C SER C 341 -5.53 -1.70 22.11
N ASP C 342 -5.64 -3.03 21.99
CA ASP C 342 -5.59 -3.96 23.12
C ASP C 342 -6.76 -3.79 24.10
N GLN C 343 -7.98 -3.76 23.59
CA GLN C 343 -9.17 -4.03 24.39
C GLN C 343 -10.04 -5.01 23.61
N PRO C 344 -9.61 -6.26 23.47
CA PRO C 344 -10.38 -7.20 22.65
C PRO C 344 -11.55 -7.83 23.39
N GLU C 345 -11.75 -7.51 24.66
CA GLU C 345 -12.90 -7.99 25.40
C GLU C 345 -14.05 -6.98 25.36
N ILE C 346 -13.72 -5.69 25.51
CA ILE C 346 -14.72 -4.64 25.40
C ILE C 346 -15.27 -4.57 23.98
N ALA C 347 -14.41 -4.81 22.99
CA ALA C 347 -14.85 -4.79 21.61
C ALA C 347 -15.77 -5.94 21.26
N LEU C 348 -15.72 -7.03 22.03
CA LEU C 348 -16.68 -8.10 21.85
C LEU C 348 -18.06 -7.71 22.33
N ARG C 349 -18.12 -7.02 23.47
CA ARG C 349 -19.38 -6.57 24.06
C ARG C 349 -20.15 -5.65 23.13
N PHE C 350 -19.45 -4.86 22.32
CA PHE C 350 -20.12 -4.06 21.31
C PHE C 350 -20.56 -4.87 20.10
N TYR C 351 -20.10 -6.11 19.96
CA TYR C 351 -20.50 -6.89 18.81
C TYR C 351 -21.50 -8.00 19.12
N ARG C 352 -21.54 -8.50 20.35
CA ARG C 352 -22.61 -9.41 20.71
C ARG C 352 -23.92 -8.67 20.87
N ARG C 353 -23.86 -7.41 21.29
CA ARG C 353 -25.06 -6.59 21.37
C ARG C 353 -25.59 -6.26 19.98
N LEU C 354 -24.69 -6.01 19.03
CA LEU C 354 -25.10 -5.73 17.66
C LEU C 354 -25.65 -6.98 16.97
N LEU C 355 -25.35 -8.16 17.48
CA LEU C 355 -26.01 -9.36 17.00
C LEU C 355 -27.47 -9.41 17.45
N GLN C 356 -27.75 -8.95 18.68
CA GLN C 356 -29.07 -9.13 19.26
C GLN C 356 -30.09 -8.15 18.68
N MET C 357 -29.64 -7.14 17.92
CA MET C 357 -30.60 -6.34 17.16
C MET C 357 -31.20 -7.17 16.04
N GLY C 358 -30.48 -8.16 15.55
CA GLY C 358 -30.98 -9.04 14.52
C GLY C 358 -30.68 -8.64 13.10
N ILE C 359 -29.41 -8.35 12.76
CA ILE C 359 -29.10 -7.95 11.40
C ILE C 359 -28.63 -9.13 10.57
N TYR C 360 -27.79 -10.00 11.16
CA TYR C 360 -27.41 -11.31 10.61
C TYR C 360 -26.75 -11.21 9.24
N ASN C 361 -25.59 -10.56 9.19
CA ASN C 361 -24.80 -10.51 7.96
C ASN C 361 -23.77 -11.62 7.93
N GLY C 362 -23.00 -11.65 6.86
CA GLY C 362 -21.83 -12.50 6.82
C GLY C 362 -20.59 -11.79 7.31
N GLN C 363 -20.57 -10.46 7.15
CA GLN C 363 -19.45 -9.66 7.63
C GLN C 363 -19.39 -9.64 9.15
N LEU C 364 -20.53 -9.78 9.82
CA LEU C 364 -20.50 -9.69 11.27
C LEU C 364 -20.02 -10.99 11.89
N PHE C 365 -20.27 -12.12 11.26
CA PHE C 365 -19.76 -13.36 11.83
C PHE C 365 -18.28 -13.52 11.61
N ASN C 366 -17.68 -12.71 10.73
CA ASN C 366 -16.23 -12.57 10.70
C ASN C 366 -15.74 -11.80 11.92
N ASN C 367 -16.28 -10.61 12.14
CA ASN C 367 -15.81 -9.75 13.22
C ASN C 367 -16.09 -10.37 14.57
N LEU C 368 -17.19 -11.09 14.70
CA LEU C 368 -17.46 -11.82 15.93
C LEU C 368 -16.50 -12.99 16.10
N GLY C 369 -15.98 -13.54 15.01
CA GLY C 369 -15.01 -14.61 15.16
C GLY C 369 -13.66 -14.12 15.64
N LEU C 370 -13.26 -12.93 15.20
CA LEU C 370 -11.94 -12.42 15.51
C LEU C 370 -11.86 -11.92 16.96
N CYS C 371 -12.93 -11.31 17.45
CA CYS C 371 -12.87 -10.75 18.79
C CYS C 371 -12.87 -11.83 19.86
N CYS C 372 -13.54 -12.96 19.63
CA CYS C 372 -13.57 -13.99 20.65
C CYS C 372 -12.23 -14.71 20.77
N PHE C 373 -11.47 -14.78 19.68
CA PHE C 373 -10.17 -15.45 19.76
C PHE C 373 -9.16 -14.60 20.51
N TYR C 374 -9.09 -13.31 20.18
CA TYR C 374 -8.11 -12.44 20.82
C TYR C 374 -8.50 -12.09 22.24
N ALA C 375 -9.76 -12.25 22.61
CA ALA C 375 -10.14 -12.13 24.01
C ALA C 375 -10.01 -13.44 24.77
N GLN C 376 -9.50 -14.49 24.11
CA GLN C 376 -9.38 -15.85 24.65
C GLN C 376 -10.73 -16.38 25.14
N GLN C 377 -11.66 -16.50 24.21
CA GLN C 377 -12.94 -17.18 24.44
C GLN C 377 -13.08 -18.23 23.34
N TYR C 378 -12.67 -19.45 23.65
CA TYR C 378 -12.43 -20.45 22.62
C TYR C 378 -13.68 -21.22 22.19
N ASP C 379 -14.86 -20.85 22.69
CA ASP C 379 -16.06 -21.59 22.30
C ASP C 379 -16.68 -21.02 21.03
N MET C 380 -17.04 -19.75 21.06
CA MET C 380 -17.65 -19.11 19.90
C MET C 380 -16.65 -18.65 18.86
N THR C 381 -15.38 -19.02 18.98
CA THR C 381 -14.35 -18.39 18.17
C THR C 381 -14.33 -18.94 16.75
N LEU C 382 -14.91 -20.12 16.54
CA LEU C 382 -14.66 -20.87 15.33
C LEU C 382 -15.94 -21.38 14.69
N THR C 383 -16.97 -21.65 15.49
CA THR C 383 -18.31 -21.84 14.94
C THR C 383 -18.78 -20.61 14.21
N SER C 384 -18.39 -19.43 14.72
CA SER C 384 -18.75 -18.17 14.08
C SER C 384 -18.04 -18.00 12.74
N PHE C 385 -16.95 -18.73 12.51
CA PHE C 385 -16.30 -18.67 11.21
C PHE C 385 -16.95 -19.62 10.21
N GLU C 386 -17.39 -20.80 10.67
CA GLU C 386 -18.06 -21.73 9.77
C GLU C 386 -19.42 -21.20 9.33
N ARG C 387 -20.08 -20.42 10.17
CA ARG C 387 -21.28 -19.72 9.72
C ARG C 387 -20.92 -18.52 8.85
N ALA C 388 -19.68 -18.06 8.93
CA ALA C 388 -19.26 -16.94 8.09
C ALA C 388 -18.78 -17.41 6.73
N LEU C 389 -18.21 -18.61 6.65
CA LEU C 389 -17.91 -19.20 5.35
C LEU C 389 -19.17 -19.44 4.56
N SER C 390 -20.19 -20.01 5.19
CA SER C 390 -21.52 -20.04 4.60
C SER C 390 -22.12 -18.64 4.62
N LEU C 391 -23.23 -18.49 3.90
CA LEU C 391 -24.02 -17.24 3.76
C LEU C 391 -23.15 -16.04 3.36
N ALA C 392 -22.08 -16.29 2.60
CA ALA C 392 -21.25 -15.24 2.04
C ALA C 392 -21.75 -14.93 0.64
N GLU C 393 -21.82 -13.64 0.31
CA GLU C 393 -22.53 -13.23 -0.90
C GLU C 393 -21.70 -13.48 -2.16
N ASN C 394 -20.57 -12.80 -2.27
CA ASN C 394 -19.74 -12.92 -3.46
C ASN C 394 -18.61 -13.91 -3.24
N GLU C 395 -18.00 -14.33 -4.34
CA GLU C 395 -16.83 -15.19 -4.22
C GLU C 395 -15.59 -14.42 -3.81
N GLU C 396 -15.57 -13.10 -4.04
CA GLU C 396 -14.50 -12.27 -3.50
C GLU C 396 -14.63 -12.07 -2.00
N GLU C 397 -15.81 -12.30 -1.44
CA GLU C 397 -16.04 -12.08 -0.02
C GLU C 397 -15.63 -13.26 0.84
N ALA C 398 -15.76 -14.48 0.33
CA ALA C 398 -15.32 -15.64 1.09
C ALA C 398 -13.81 -15.78 1.13
N ALA C 399 -13.08 -14.97 0.35
CA ALA C 399 -11.64 -14.90 0.49
C ALA C 399 -11.24 -14.32 1.84
N ASP C 400 -11.86 -13.20 2.21
CA ASP C 400 -11.48 -12.47 3.41
C ASP C 400 -11.76 -13.26 4.68
N VAL C 401 -12.72 -14.16 4.64
CA VAL C 401 -12.98 -15.00 5.80
C VAL C 401 -11.99 -16.15 5.86
N TRP C 402 -11.47 -16.59 4.72
CA TRP C 402 -10.38 -17.55 4.73
C TRP C 402 -9.09 -16.90 5.19
N TYR C 403 -8.93 -15.61 4.90
CA TYR C 403 -7.69 -14.90 5.22
C TYR C 403 -7.57 -14.66 6.72
N ASN C 404 -8.67 -14.21 7.35
CA ASN C 404 -8.67 -14.04 8.80
C ASN C 404 -8.57 -15.36 9.53
N LEU C 405 -9.00 -16.45 8.89
CA LEU C 405 -8.78 -17.77 9.44
C LEU C 405 -7.31 -18.15 9.43
N GLY C 406 -6.53 -17.55 8.54
CA GLY C 406 -5.10 -17.81 8.54
C GLY C 406 -4.41 -17.27 9.76
N HIS C 407 -4.80 -16.06 10.18
CA HIS C 407 -4.23 -15.47 11.39
C HIS C 407 -4.63 -16.23 12.64
N VAL C 408 -5.77 -16.92 12.60
CA VAL C 408 -6.07 -17.89 13.65
C VAL C 408 -5.06 -19.03 13.61
N ALA C 409 -4.81 -19.55 12.41
CA ALA C 409 -3.98 -20.74 12.25
C ALA C 409 -2.52 -20.49 12.60
N VAL C 410 -2.04 -19.26 12.43
CA VAL C 410 -0.71 -18.92 12.92
C VAL C 410 -0.72 -18.89 14.44
N GLY C 411 -1.86 -18.52 15.03
CA GLY C 411 -1.97 -18.47 16.48
C GLY C 411 -1.90 -19.82 17.17
N ILE C 412 -2.40 -20.88 16.54
CA ILE C 412 -2.26 -22.20 17.14
C ILE C 412 -0.88 -22.78 16.83
N GLY C 413 -0.20 -22.27 15.82
CA GLY C 413 1.12 -22.74 15.48
C GLY C 413 1.18 -23.65 14.28
N ASP C 414 0.04 -24.19 13.85
CA ASP C 414 0.02 -25.03 12.67
C ASP C 414 0.25 -24.18 11.43
N THR C 415 1.36 -24.42 10.75
CA THR C 415 1.71 -23.70 9.53
C THR C 415 1.20 -24.41 8.28
N ASN C 416 1.17 -25.76 8.30
CA ASN C 416 0.57 -26.52 7.21
C ASN C 416 -0.89 -26.18 7.04
N LEU C 417 -1.60 -26.01 8.15
CA LEU C 417 -2.95 -25.46 8.09
C LEU C 417 -2.95 -24.03 7.58
N ALA C 418 -2.00 -23.22 8.08
CA ALA C 418 -1.97 -21.80 7.74
C ALA C 418 -1.55 -21.58 6.30
N HIS C 419 -0.77 -22.50 5.74
CA HIS C 419 -0.31 -22.33 4.36
C HIS C 419 -1.46 -22.48 3.38
N GLN C 420 -2.45 -23.30 3.69
CA GLN C 420 -3.59 -23.46 2.80
C GLN C 420 -4.79 -22.63 3.22
N CYS C 421 -4.63 -21.74 4.19
CA CYS C 421 -5.69 -20.77 4.44
C CYS C 421 -5.50 -19.51 3.62
N PHE C 422 -4.27 -19.02 3.50
CA PHE C 422 -4.04 -17.88 2.62
C PHE C 422 -4.14 -18.29 1.16
N ARG C 423 -3.80 -19.54 0.85
CA ARG C 423 -3.89 -20.03 -0.52
C ARG C 423 -5.33 -20.05 -1.00
N LEU C 424 -6.24 -20.55 -0.16
CA LEU C 424 -7.66 -20.56 -0.54
C LEU C 424 -8.23 -19.16 -0.56
N ALA C 425 -7.66 -18.25 0.24
CA ALA C 425 -8.03 -16.85 0.10
C ALA C 425 -7.52 -16.27 -1.20
N LEU C 426 -6.44 -16.86 -1.72
CA LEU C 426 -5.83 -16.35 -2.92
C LEU C 426 -6.42 -16.96 -4.18
N VAL C 427 -6.92 -18.20 -4.13
CA VAL C 427 -7.54 -18.79 -5.31
C VAL C 427 -9.00 -18.37 -5.41
N ASN C 428 -9.60 -17.98 -4.28
CA ASN C 428 -10.95 -17.44 -4.34
C ASN C 428 -10.94 -15.98 -4.75
N ASN C 429 -9.81 -15.31 -4.57
CA ASN C 429 -9.65 -13.93 -5.03
C ASN C 429 -8.16 -13.69 -5.23
N ASN C 430 -7.76 -13.51 -6.48
CA ASN C 430 -6.45 -12.93 -6.74
C ASN C 430 -6.49 -11.44 -6.45
N ASN C 431 -5.33 -10.80 -6.64
CA ASN C 431 -5.02 -9.41 -6.21
C ASN C 431 -5.51 -9.09 -4.80
N HIS C 432 -5.39 -10.06 -3.88
CA HIS C 432 -5.57 -9.83 -2.45
C HIS C 432 -4.18 -9.54 -1.91
N ALA C 433 -3.85 -8.25 -1.84
CA ALA C 433 -2.48 -7.83 -1.60
C ALA C 433 -2.01 -8.16 -0.20
N GLU C 434 -2.91 -8.23 0.77
CA GLU C 434 -2.50 -8.55 2.12
C GLU C 434 -2.19 -10.02 2.32
N ALA C 435 -2.55 -10.88 1.37
CA ALA C 435 -2.29 -12.30 1.52
C ALA C 435 -1.02 -12.73 0.81
N TYR C 436 -0.66 -12.04 -0.27
CA TYR C 436 0.58 -12.34 -0.98
C TYR C 436 1.79 -12.13 -0.10
N ASN C 437 1.82 -11.00 0.60
CA ASN C 437 2.83 -10.76 1.63
C ASN C 437 2.74 -11.82 2.73
N ASN C 438 1.54 -12.16 3.14
CA ASN C 438 1.38 -12.95 4.35
C ASN C 438 1.69 -14.42 4.07
N LEU C 439 1.54 -14.83 2.82
CA LEU C 439 1.87 -16.20 2.46
C LEU C 439 3.37 -16.39 2.39
N ALA C 440 4.08 -15.37 1.94
CA ALA C 440 5.51 -15.48 1.72
C ALA C 440 6.33 -14.97 2.89
N VAL C 441 5.82 -15.11 4.10
CA VAL C 441 6.64 -15.06 5.30
C VAL C 441 6.73 -16.51 5.74
N LEU C 442 5.66 -17.26 5.47
CA LEU C 442 5.65 -18.69 5.72
C LEU C 442 6.58 -19.43 4.78
N GLU C 443 6.80 -18.90 3.58
CA GLU C 443 7.77 -19.49 2.66
C GLU C 443 9.20 -19.29 3.17
N MET C 444 9.51 -18.09 3.65
CA MET C 444 10.85 -17.78 4.12
C MET C 444 11.16 -18.52 5.43
N ARG C 445 10.14 -18.94 6.17
CA ARG C 445 10.37 -19.81 7.31
C ARG C 445 10.89 -21.18 6.88
N LYS C 446 10.50 -21.64 5.69
CA LYS C 446 10.95 -22.92 5.19
C LYS C 446 12.31 -22.81 4.48
N GLY C 447 12.47 -21.79 3.63
CA GLY C 447 13.75 -21.57 3.00
C GLY C 447 13.65 -21.12 1.56
N HIS C 448 12.45 -21.14 0.99
CA HIS C 448 12.24 -20.84 -0.42
C HIS C 448 12.40 -19.34 -0.62
N VAL C 449 13.65 -18.92 -0.83
CA VAL C 449 13.97 -17.50 -0.89
C VAL C 449 13.46 -16.88 -2.19
N GLU C 450 13.79 -17.51 -3.32
CA GLU C 450 13.39 -16.98 -4.62
C GLU C 450 11.89 -17.08 -4.83
N GLN C 451 11.23 -18.04 -4.17
CA GLN C 451 9.77 -18.08 -4.20
C GLN C 451 9.19 -16.92 -3.42
N ALA C 452 9.77 -16.62 -2.25
CA ALA C 452 9.24 -15.56 -1.39
C ALA C 452 9.46 -14.19 -2.01
N ARG C 453 10.63 -13.97 -2.61
CA ARG C 453 10.98 -12.67 -3.12
C ARG C 453 10.22 -12.28 -4.38
N ALA C 454 9.47 -13.21 -4.97
CA ALA C 454 8.58 -12.86 -6.08
C ALA C 454 7.17 -12.57 -5.61
N LEU C 455 6.74 -13.12 -4.48
CA LEU C 455 5.41 -12.82 -3.97
C LEU C 455 5.37 -11.45 -3.32
N LEU C 456 6.42 -11.07 -2.61
CA LEU C 456 6.55 -9.71 -2.12
C LEU C 456 6.76 -8.73 -3.26
N GLN C 457 7.35 -9.22 -4.36
CA GLN C 457 7.50 -8.41 -5.56
C GLN C 457 6.16 -8.09 -6.19
N THR C 458 5.20 -9.01 -6.08
CA THR C 458 3.88 -8.75 -6.62
C THR C 458 2.87 -8.34 -5.56
N ALA C 459 3.23 -8.43 -4.27
CA ALA C 459 2.37 -7.81 -3.26
C ALA C 459 2.53 -6.30 -3.28
N SER C 460 3.74 -5.83 -3.59
CA SER C 460 4.00 -4.40 -3.63
C SER C 460 3.32 -3.74 -4.82
N SER C 461 3.35 -4.39 -5.98
CA SER C 461 2.78 -3.80 -7.18
C SER C 461 1.25 -3.81 -7.18
N LEU C 462 0.62 -4.52 -6.26
CA LEU C 462 -0.82 -4.46 -6.11
C LEU C 462 -1.25 -3.39 -5.13
N ALA C 463 -0.45 -3.16 -4.09
CA ALA C 463 -0.71 -2.14 -3.08
C ALA C 463 0.43 -1.14 -3.10
N PRO C 464 0.32 -0.04 -3.86
CA PRO C 464 1.36 1.00 -3.83
C PRO C 464 1.19 1.99 -2.67
N HIS C 465 0.87 1.43 -1.52
CA HIS C 465 0.78 2.03 -0.21
C HIS C 465 1.19 0.91 0.74
N MET C 466 0.80 1.03 2.02
CA MET C 466 0.76 -0.11 2.93
C MET C 466 2.14 -0.75 3.14
N TYR C 467 2.98 -0.11 3.94
CA TYR C 467 4.43 -0.32 4.03
C TYR C 467 4.94 -1.74 4.20
N GLU C 468 4.08 -2.71 4.45
CA GLU C 468 4.54 -3.98 4.95
C GLU C 468 5.25 -4.89 3.94
N PRO C 469 4.90 -4.94 2.64
CA PRO C 469 5.81 -5.64 1.72
C PRO C 469 7.11 -4.91 1.46
N HIS C 470 7.09 -3.58 1.47
CA HIS C 470 8.27 -2.79 1.16
C HIS C 470 9.37 -2.98 2.19
N PHE C 471 9.01 -2.91 3.47
CA PHE C 471 9.99 -3.20 4.50
C PHE C 471 10.38 -4.66 4.50
N ASN C 472 9.44 -5.55 4.21
CA ASN C 472 9.76 -6.97 4.24
C ASN C 472 10.59 -7.41 3.06
N PHE C 473 10.59 -6.62 1.98
CA PHE C 473 11.53 -6.88 0.90
C PHE C 473 12.95 -6.61 1.34
N ALA C 474 13.13 -5.58 2.16
CA ALA C 474 14.47 -5.12 2.53
C ALA C 474 15.00 -5.81 3.78
N THR C 475 14.53 -7.02 4.07
CA THR C 475 15.21 -7.88 5.02
C THR C 475 15.45 -9.25 4.41
N ILE C 476 14.96 -9.48 3.20
CA ILE C 476 15.36 -10.62 2.39
C ILE C 476 16.51 -10.15 1.51
N SER C 477 16.29 -9.05 0.80
CA SER C 477 17.27 -8.51 -0.14
C SER C 477 18.41 -7.77 0.55
N ASP C 478 18.42 -7.72 1.88
CA ASP C 478 19.57 -7.22 2.62
C ASP C 478 20.46 -8.35 3.11
N LYS C 479 19.84 -9.48 3.49
CA LYS C 479 20.62 -10.62 3.95
C LYS C 479 21.41 -11.26 2.81
N ILE C 480 20.90 -11.17 1.58
CA ILE C 480 21.67 -11.61 0.43
C ILE C 480 22.85 -10.69 0.20
N GLY C 481 22.59 -9.38 0.07
CA GLY C 481 23.66 -8.44 -0.08
C GLY C 481 23.41 -7.37 -1.13
N ASP C 482 22.27 -7.46 -1.82
CA ASP C 482 21.95 -6.50 -2.87
C ASP C 482 21.55 -5.17 -2.23
N LEU C 483 22.52 -4.34 -1.88
CA LEU C 483 22.22 -3.11 -1.16
C LEU C 483 21.72 -1.99 -2.06
N GLN C 484 21.45 -2.24 -3.33
CA GLN C 484 20.85 -1.22 -4.17
C GLN C 484 19.34 -1.37 -4.28
N ARG C 485 18.84 -2.59 -4.50
CA ARG C 485 17.39 -2.78 -4.47
C ARG C 485 16.86 -2.75 -3.05
N SER C 486 17.65 -3.19 -2.07
CA SER C 486 17.28 -3.12 -0.66
C SER C 486 17.37 -1.74 -0.11
N TYR C 487 17.66 -0.72 -0.89
CA TYR C 487 17.49 0.68 -0.52
C TYR C 487 16.16 1.22 -1.01
N VAL C 488 15.85 1.01 -2.29
CA VAL C 488 14.59 1.49 -2.86
C VAL C 488 13.41 0.73 -2.27
N ALA C 489 13.63 -0.51 -1.81
CA ALA C 489 12.64 -1.21 -1.00
C ALA C 489 12.41 -0.46 0.31
N ALA C 490 13.45 -0.29 1.11
CA ALA C 490 13.32 0.44 2.36
C ALA C 490 13.29 1.95 2.18
N GLN C 491 13.20 2.44 0.94
CA GLN C 491 12.83 3.83 0.73
C GLN C 491 11.33 4.00 0.84
N LYS C 492 10.57 3.11 0.18
CA LYS C 492 9.12 3.21 0.20
C LYS C 492 8.53 2.77 1.53
N SER C 493 9.29 2.05 2.35
CA SER C 493 8.86 1.75 3.70
C SER C 493 9.11 2.90 4.66
N GLU C 494 9.57 4.04 4.15
CA GLU C 494 9.59 5.29 4.90
C GLU C 494 8.55 6.27 4.40
N ALA C 495 8.35 6.36 3.08
CA ALA C 495 7.40 7.33 2.55
C ALA C 495 5.96 6.89 2.75
N ALA C 496 5.71 5.59 2.81
CA ALA C 496 4.35 5.09 3.03
C ALA C 496 4.01 4.92 4.49
N PHE C 497 5.00 4.88 5.37
CA PHE C 497 4.78 4.90 6.81
C PHE C 497 6.01 5.44 7.50
N PRO C 498 6.08 6.74 7.78
CA PRO C 498 7.17 7.25 8.61
C PRO C 498 6.94 6.89 10.07
N ASP C 499 7.94 7.24 10.88
CA ASP C 499 8.02 6.93 12.31
C ASP C 499 8.02 5.42 12.56
N HIS C 500 8.40 4.62 11.56
CA HIS C 500 8.67 3.22 11.84
C HIS C 500 10.02 3.10 12.53
N VAL C 501 10.14 2.11 13.40
CA VAL C 501 11.40 1.92 14.10
C VAL C 501 12.40 1.19 13.23
N ASP C 502 12.04 0.01 12.74
CA ASP C 502 12.97 -0.84 12.05
C ASP C 502 13.16 -0.48 10.58
N THR C 503 12.63 0.65 10.13
CA THR C 503 13.10 1.24 8.89
C THR C 503 14.24 2.21 9.17
N GLN C 504 14.13 2.98 10.24
CA GLN C 504 15.17 3.91 10.62
C GLN C 504 16.40 3.23 11.20
N HIS C 505 16.31 1.95 11.56
CA HIS C 505 17.50 1.16 11.86
C HIS C 505 17.99 0.41 10.65
N LEU C 506 17.47 0.73 9.50
CA LEU C 506 17.88 0.05 8.27
C LEU C 506 18.39 1.01 7.22
N ILE C 507 17.79 2.18 7.09
CA ILE C 507 18.34 3.18 6.18
C ILE C 507 19.69 3.69 6.69
N LYS C 508 19.80 3.90 8.01
CA LYS C 508 21.09 4.29 8.57
C LYS C 508 22.06 3.11 8.61
N GLN C 509 21.55 1.89 8.49
CA GLN C 509 22.42 0.75 8.31
C GLN C 509 22.98 0.73 6.89
N LEU C 510 22.20 1.23 5.93
CA LEU C 510 22.64 1.24 4.54
C LEU C 510 23.45 2.47 4.19
N ARG C 511 23.13 3.61 4.79
CA ARG C 511 23.81 4.84 4.42
C ARG C 511 25.21 4.91 5.01
N GLN C 512 25.54 4.01 5.93
CA GLN C 512 26.93 3.88 6.33
C GLN C 512 27.72 3.08 5.29
N HIS C 513 27.05 2.18 4.59
CA HIS C 513 27.73 1.40 3.56
C HIS C 513 27.94 2.22 2.30
N PHE C 514 27.11 3.25 2.10
CA PHE C 514 27.13 3.94 0.81
C PHE C 514 28.20 5.02 0.78
N ALA C 515 28.53 5.60 1.93
CA ALA C 515 29.53 6.66 1.97
C ALA C 515 30.92 6.11 1.74
N MET C 516 31.37 5.24 2.63
CA MET C 516 32.66 4.57 2.52
C MET C 516 32.56 3.30 3.35
N LEU C 517 33.71 2.70 3.62
CA LEU C 517 33.78 1.51 4.45
C LEU C 517 33.36 1.78 5.90
N TRP D 9 -48.63 -11.73 25.17
CA TRP D 9 -49.66 -11.40 26.14
C TRP D 9 -51.04 -11.75 25.59
N TRP D 10 -51.38 -11.21 24.41
CA TRP D 10 -52.65 -11.50 23.78
C TRP D 10 -52.49 -11.35 22.27
N SER D 11 -53.31 -12.09 21.53
CA SER D 11 -53.35 -11.99 20.08
C SER D 11 -54.75 -12.34 19.60
N THR D 12 -55.03 -11.92 18.36
CA THR D 12 -56.19 -12.40 17.59
C THR D 12 -55.97 -12.12 16.11
N ILE D 13 -56.79 -12.76 15.26
CA ILE D 13 -56.78 -12.50 13.82
C ILE D 13 -58.23 -12.35 13.39
N LEU D 14 -58.60 -11.18 12.89
CA LEU D 14 -60.00 -10.84 12.67
C LEU D 14 -60.29 -10.73 11.18
N GLY D 15 -61.44 -11.27 10.78
CA GLY D 15 -61.86 -11.17 9.41
C GLY D 15 -61.08 -12.06 8.47
N ASP D 16 -61.22 -11.77 7.17
CA ASP D 16 -60.58 -12.55 6.12
C ASP D 16 -60.45 -11.70 4.87
N LYS D 17 -59.20 -11.37 4.51
CA LYS D 17 -58.84 -10.54 3.36
C LYS D 17 -59.50 -9.16 3.39
N GLU D 18 -59.71 -8.61 4.59
CA GLU D 18 -60.19 -7.25 4.77
C GLU D 18 -59.01 -6.34 5.08
N GLU D 19 -59.02 -5.16 4.49
CA GLU D 19 -57.89 -4.24 4.61
C GLU D 19 -58.22 -3.11 5.59
N PHE D 20 -57.17 -2.49 6.10
CA PHE D 20 -57.29 -1.42 7.09
C PHE D 20 -56.18 -0.41 6.86
N ASP D 21 -56.37 0.79 7.39
CA ASP D 21 -55.32 1.80 7.45
C ASP D 21 -55.45 2.54 8.77
N GLN D 22 -54.77 3.67 8.90
CA GLN D 22 -54.91 4.47 10.10
C GLN D 22 -56.26 5.18 10.10
N GLY D 23 -56.68 5.61 11.29
CA GLY D 23 -58.01 6.10 11.48
C GLY D 23 -59.05 5.03 11.71
N CYS D 24 -58.68 3.76 11.64
CA CYS D 24 -59.60 2.65 11.80
C CYS D 24 -59.39 1.95 13.14
N LEU D 25 -59.07 2.72 14.17
CA LEU D 25 -58.91 2.22 15.52
C LEU D 25 -58.98 3.39 16.48
N CYS D 26 -59.73 3.22 17.57
CA CYS D 26 -59.70 4.15 18.69
C CYS D 26 -59.69 3.34 19.98
N LEU D 27 -59.56 4.05 21.09
CA LEU D 27 -59.61 3.40 22.40
C LEU D 27 -60.27 4.36 23.37
N ALA D 28 -61.50 4.06 23.76
CA ALA D 28 -62.24 4.87 24.72
C ALA D 28 -63.32 4.01 25.35
N ASN D 29 -64.09 4.62 26.24
CA ASN D 29 -65.23 3.98 26.90
C ASN D 29 -66.48 4.73 26.45
N VAL D 30 -67.02 4.33 25.30
CA VAL D 30 -68.10 5.08 24.67
C VAL D 30 -69.42 4.87 25.41
N ASP D 31 -69.58 3.76 26.13
CA ASP D 31 -70.83 3.45 26.83
C ASP D 31 -71.00 4.21 28.14
N ASN D 32 -70.08 5.13 28.45
CA ASN D 32 -70.16 6.04 29.60
C ASN D 32 -70.21 5.28 30.92
N SER D 33 -69.47 4.19 31.00
CA SER D 33 -69.42 3.39 32.21
C SER D 33 -68.68 4.16 33.32
N GLY D 34 -69.08 3.89 34.57
CA GLY D 34 -68.53 4.61 35.69
C GLY D 34 -67.10 4.23 36.01
N ASN D 35 -66.70 2.99 35.71
CA ASN D 35 -65.33 2.56 35.96
C ASN D 35 -64.34 3.07 34.93
N GLY D 36 -64.80 3.61 33.80
CA GLY D 36 -63.93 4.21 32.81
C GLY D 36 -63.05 3.24 32.06
N GLN D 37 -63.35 1.94 32.07
CA GLN D 37 -62.50 0.93 31.48
C GLN D 37 -62.71 0.90 29.97
N ASP D 38 -61.73 1.45 29.22
CA ASP D 38 -61.89 1.76 27.81
C ASP D 38 -61.98 0.50 26.95
N LYS D 39 -62.62 0.64 25.79
CA LYS D 39 -62.92 -0.47 24.91
C LYS D 39 -62.39 -0.21 23.50
N ILE D 40 -62.05 -1.29 22.81
CA ILE D 40 -61.53 -1.22 21.45
C ILE D 40 -62.67 -1.00 20.47
N ILE D 41 -62.41 -0.24 19.40
CA ILE D 41 -63.32 -0.06 18.29
C ILE D 41 -62.52 -0.25 17.01
N VAL D 42 -62.92 -1.18 16.16
CA VAL D 42 -62.15 -1.56 14.98
C VAL D 42 -63.04 -1.40 13.75
N GLY D 43 -62.65 -0.51 12.85
CA GLY D 43 -63.32 -0.40 11.56
C GLY D 43 -62.71 -1.34 10.52
N SER D 44 -63.18 -1.18 9.28
CA SER D 44 -62.67 -1.97 8.15
C SER D 44 -63.08 -1.30 6.85
N PHE D 45 -62.52 -1.80 5.75
CA PHE D 45 -63.03 -1.45 4.43
C PHE D 45 -64.33 -2.14 4.09
N MET D 46 -64.76 -3.12 4.89
CA MET D 46 -66.14 -3.56 4.92
C MET D 46 -66.80 -2.95 6.15
N GLY D 47 -68.06 -3.28 6.38
CA GLY D 47 -68.75 -2.70 7.51
C GLY D 47 -68.58 -3.42 8.83
N TYR D 48 -67.66 -4.38 8.91
CA TYR D 48 -67.59 -5.30 10.04
C TYR D 48 -66.93 -4.64 11.25
N LEU D 49 -67.67 -3.74 11.86
CA LEU D 49 -67.26 -3.12 13.12
C LEU D 49 -67.25 -4.15 14.23
N ARG D 50 -66.16 -4.20 14.99
CA ARG D 50 -66.11 -4.99 16.20
C ARG D 50 -65.91 -4.07 17.40
N ILE D 51 -66.18 -4.62 18.59
CA ILE D 51 -65.90 -3.95 19.85
C ILE D 51 -65.31 -4.99 20.78
N PHE D 52 -64.12 -4.73 21.29
CA PHE D 52 -63.38 -5.74 22.03
C PHE D 52 -63.17 -5.33 23.48
N SER D 53 -62.85 -6.33 24.27
CA SER D 53 -62.40 -6.20 25.65
C SER D 53 -61.67 -7.49 26.00
N PRO D 54 -60.41 -7.63 25.60
CA PRO D 54 -59.70 -8.89 25.83
C PRO D 54 -59.42 -9.13 27.30
N HIS D 55 -60.02 -10.18 27.84
CA HIS D 55 -59.84 -10.58 29.22
C HIS D 55 -58.40 -11.03 29.45
N PRO D 56 -57.92 -10.98 30.69
CA PRO D 56 -56.57 -11.48 30.98
C PRO D 56 -56.49 -12.98 30.72
N ALA D 57 -55.78 -13.33 29.64
CA ALA D 57 -55.63 -14.70 29.19
C ALA D 57 -54.26 -15.20 29.60
N LYS D 58 -54.22 -16.24 30.42
CA LYS D 58 -52.97 -16.70 30.97
C LYS D 58 -52.26 -17.62 29.96
N THR D 59 -51.04 -18.01 30.32
CA THR D 59 -50.24 -18.93 29.49
C THR D 59 -50.61 -20.36 29.84
N GLY D 60 -51.83 -20.73 29.44
CA GLY D 60 -52.36 -22.05 29.69
C GLY D 60 -52.49 -22.95 28.47
N ASP D 61 -51.89 -22.56 27.34
CA ASP D 61 -51.90 -23.31 26.07
C ASP D 61 -53.33 -23.58 25.59
N GLY D 62 -54.14 -22.53 25.54
CA GLY D 62 -55.50 -22.65 25.04
C GLY D 62 -56.00 -21.33 24.52
N ALA D 63 -57.01 -21.42 23.66
CA ALA D 63 -57.67 -20.25 23.08
C ALA D 63 -58.96 -20.00 23.86
N GLN D 64 -59.02 -18.88 24.57
CA GLN D 64 -60.20 -18.56 25.35
C GLN D 64 -61.32 -18.13 24.42
N ALA D 65 -62.55 -18.47 24.82
CA ALA D 65 -63.71 -18.17 23.99
C ALA D 65 -64.18 -16.75 24.24
N GLU D 66 -65.26 -16.39 23.53
CA GLU D 66 -65.99 -15.10 23.58
C GLU D 66 -65.06 -13.88 23.59
N ASP D 67 -64.07 -13.91 22.69
CA ASP D 67 -63.17 -12.77 22.55
C ASP D 67 -63.90 -11.55 22.02
N LEU D 68 -64.79 -11.73 21.05
CA LEU D 68 -65.58 -10.65 20.47
C LEU D 68 -66.79 -10.42 21.37
N LEU D 69 -67.24 -9.16 21.44
CA LEU D 69 -68.44 -8.87 22.23
C LEU D 69 -69.64 -8.65 21.32
N LEU D 70 -69.47 -7.85 20.28
CA LEU D 70 -70.54 -7.67 19.30
C LEU D 70 -69.90 -7.47 17.95
N GLU D 71 -70.71 -7.65 16.90
CA GLU D 71 -70.26 -7.45 15.53
C GLU D 71 -71.48 -7.07 14.70
N VAL D 72 -71.43 -5.90 14.09
CA VAL D 72 -72.49 -5.44 13.22
C VAL D 72 -71.90 -5.08 11.86
N ASP D 73 -72.40 -5.72 10.82
CA ASP D 73 -72.02 -5.39 9.45
C ASP D 73 -72.88 -4.22 8.98
N LEU D 74 -72.29 -3.37 8.17
CA LEU D 74 -73.01 -2.26 7.55
C LEU D 74 -72.99 -2.33 6.04
N ARG D 75 -72.28 -3.31 5.46
CA ARG D 75 -72.21 -3.58 4.02
C ARG D 75 -71.70 -2.38 3.23
N ASP D 76 -70.78 -1.63 3.83
CA ASP D 76 -70.27 -0.40 3.25
C ASP D 76 -68.86 -0.18 3.79
N PRO D 77 -68.01 0.56 3.06
CA PRO D 77 -66.69 0.89 3.60
C PRO D 77 -66.78 1.85 4.77
N VAL D 78 -66.02 1.54 5.82
CA VAL D 78 -65.89 2.41 6.99
C VAL D 78 -64.52 3.07 6.91
N LEU D 79 -64.51 4.37 6.61
CA LEU D 79 -63.24 5.07 6.45
C LEU D 79 -62.57 5.31 7.79
N GLN D 80 -63.22 6.04 8.69
CA GLN D 80 -62.59 6.44 9.93
C GLN D 80 -63.65 6.59 11.03
N VAL D 81 -63.41 5.92 12.15
CA VAL D 81 -64.32 5.95 13.30
C VAL D 81 -63.81 6.96 14.32
N GLU D 82 -64.73 7.55 15.07
CA GLU D 82 -64.36 8.53 16.10
C GLU D 82 -65.31 8.42 17.28
N VAL D 83 -64.73 8.33 18.47
CA VAL D 83 -65.49 8.45 19.70
C VAL D 83 -65.66 9.94 19.99
N GLY D 84 -66.62 10.28 20.84
CA GLY D 84 -66.77 11.65 21.27
C GLY D 84 -68.20 11.94 21.69
N LYS D 85 -68.40 13.15 22.20
CA LYS D 85 -69.71 13.63 22.63
C LYS D 85 -70.39 14.26 21.44
N PHE D 86 -71.33 13.52 20.83
CA PHE D 86 -71.95 13.92 19.58
C PHE D 86 -73.48 13.95 19.65
N VAL D 87 -74.05 14.22 20.81
CA VAL D 87 -75.48 14.50 20.95
C VAL D 87 -75.62 15.72 21.85
N SER D 88 -76.33 16.73 21.37
CA SER D 88 -76.55 17.94 22.16
C SER D 88 -77.42 17.64 23.38
N GLY D 89 -77.16 18.40 24.44
CA GLY D 89 -77.92 18.24 25.66
C GLY D 89 -77.51 17.06 26.51
N THR D 90 -76.39 16.40 26.22
CA THR D 90 -75.89 15.34 27.06
C THR D 90 -74.37 15.32 27.00
N GLU D 91 -73.76 14.75 28.04
CA GLU D 91 -72.32 14.58 28.10
C GLU D 91 -71.89 13.14 27.85
N MET D 92 -72.76 12.35 27.22
CA MET D 92 -72.41 10.98 26.90
C MET D 92 -71.42 10.92 25.73
N LEU D 93 -70.81 9.77 25.55
CA LEU D 93 -69.90 9.52 24.45
C LEU D 93 -70.63 8.73 23.37
N HIS D 94 -70.41 9.11 22.11
CA HIS D 94 -71.12 8.52 20.98
C HIS D 94 -70.11 8.17 19.90
N LEU D 95 -70.21 6.96 19.38
CA LEU D 95 -69.34 6.57 18.27
C LEU D 95 -69.85 7.18 16.98
N ALA D 96 -68.97 7.86 16.25
CA ALA D 96 -69.28 8.43 14.95
C ALA D 96 -68.57 7.63 13.87
N VAL D 97 -69.31 7.26 12.83
CA VAL D 97 -68.83 6.34 11.81
C VAL D 97 -68.98 7.00 10.45
N LEU D 98 -67.91 7.01 9.65
CA LEU D 98 -67.91 7.60 8.33
C LEU D 98 -67.93 6.52 7.26
N HIS D 99 -68.86 6.63 6.31
CA HIS D 99 -68.79 5.85 5.08
C HIS D 99 -68.30 6.74 3.95
N SER D 100 -68.12 6.11 2.77
CA SER D 100 -67.56 6.83 1.64
C SER D 100 -68.56 7.83 1.05
N ARG D 101 -69.85 7.62 1.28
CA ARG D 101 -70.87 8.55 0.80
C ARG D 101 -71.95 8.85 1.82
N LYS D 102 -71.81 8.38 3.06
CA LYS D 102 -72.80 8.68 4.09
C LYS D 102 -72.13 8.78 5.44
N LEU D 103 -72.75 9.56 6.33
CA LEU D 103 -72.22 9.81 7.66
C LEU D 103 -73.25 9.38 8.69
N CYS D 104 -72.81 8.57 9.65
CA CYS D 104 -73.71 8.00 10.65
C CYS D 104 -73.22 8.33 12.04
N VAL D 105 -74.15 8.27 13.00
CA VAL D 105 -73.86 8.41 14.43
C VAL D 105 -74.62 7.32 15.16
N TYR D 106 -73.92 6.45 15.86
CA TYR D 106 -74.53 5.35 16.60
C TYR D 106 -74.34 5.60 18.09
N SER D 107 -75.38 6.07 18.76
CA SER D 107 -75.36 6.17 20.21
C SER D 107 -75.37 4.78 20.81
N VAL D 108 -74.34 4.44 21.57
CA VAL D 108 -74.20 3.11 22.14
C VAL D 108 -75.14 2.97 23.33
N SER D 109 -75.83 1.84 23.40
CA SER D 109 -76.59 1.44 24.57
C SER D 109 -76.23 0.02 24.95
N GLY D 110 -75.86 -0.17 26.21
CA GLY D 110 -75.65 -1.52 26.71
C GLY D 110 -76.98 -2.26 26.81
N THR D 111 -77.02 -3.44 26.19
CA THR D 111 -78.27 -4.18 26.07
C THR D 111 -78.63 -4.85 27.39
N LEU D 112 -79.79 -5.52 27.39
CA LEU D 112 -80.21 -6.32 28.53
C LEU D 112 -79.32 -7.55 28.68
N GLY D 113 -78.77 -8.02 27.57
CA GLY D 113 -77.85 -9.15 27.63
C GLY D 113 -76.46 -8.71 28.07
N ASN D 114 -75.84 -9.57 28.87
CA ASN D 114 -74.50 -9.37 29.41
C ASN D 114 -73.48 -9.99 28.46
N VAL D 115 -72.29 -10.29 28.99
CA VAL D 115 -71.10 -10.77 28.30
C VAL D 115 -71.31 -12.12 27.60
N GLU D 116 -70.25 -12.57 26.89
CA GLU D 116 -70.20 -13.75 26.01
C GLU D 116 -71.24 -13.68 24.90
N HIS D 117 -71.03 -12.70 24.01
CA HIS D 117 -71.64 -12.61 22.67
C HIS D 117 -73.16 -12.50 22.75
N GLY D 118 -73.63 -11.45 23.38
CA GLY D 118 -75.06 -11.20 23.47
C GLY D 118 -75.49 -9.98 22.69
N ASN D 119 -74.64 -9.54 21.76
CA ASN D 119 -74.83 -8.33 20.96
C ASN D 119 -75.05 -7.11 21.86
N GLN D 120 -73.97 -6.71 22.53
CA GLN D 120 -74.01 -5.77 23.66
C GLN D 120 -74.59 -4.40 23.27
N CYS D 121 -74.57 -4.07 21.98
CA CYS D 121 -75.20 -2.85 21.47
C CYS D 121 -75.99 -3.15 20.21
N GLN D 122 -77.15 -2.53 20.08
CA GLN D 122 -77.85 -2.47 18.81
C GLN D 122 -77.57 -1.11 18.19
N MET D 123 -77.49 -1.06 16.87
CA MET D 123 -77.05 0.16 16.22
C MET D 123 -78.18 1.18 16.16
N LYS D 124 -78.23 2.06 17.15
CA LYS D 124 -79.25 3.10 17.28
C LYS D 124 -78.74 4.32 16.53
N LEU D 125 -79.04 4.40 15.24
CA LEU D 125 -78.64 5.54 14.44
C LEU D 125 -79.45 6.76 14.88
N MET D 126 -78.79 7.73 15.50
CA MET D 126 -79.46 8.94 15.94
C MET D 126 -79.83 9.81 14.74
N TYR D 127 -78.85 10.10 13.88
CA TYR D 127 -79.12 10.88 12.69
C TYR D 127 -78.09 10.52 11.64
N GLU D 128 -78.56 10.02 10.50
CA GLU D 128 -77.70 9.94 9.32
C GLU D 128 -77.62 11.31 8.68
N HIS D 129 -76.45 11.62 8.13
CA HIS D 129 -76.26 12.87 7.41
C HIS D 129 -75.85 12.53 5.98
N ASN D 130 -76.62 13.03 5.01
CA ASN D 130 -76.33 12.80 3.62
C ASN D 130 -75.08 13.57 3.22
N LEU D 131 -74.38 13.07 2.21
CA LEU D 131 -73.16 13.71 1.76
C LEU D 131 -73.34 14.32 0.38
N GLN D 132 -72.79 15.52 0.21
CA GLN D 132 -72.76 16.16 -1.09
C GLN D 132 -71.55 15.75 -1.91
N ARG D 133 -70.42 15.48 -1.24
CA ARG D 133 -69.23 14.96 -1.88
C ARG D 133 -68.77 13.73 -1.12
N THR D 134 -67.87 12.97 -1.73
CA THR D 134 -67.20 11.89 -1.02
C THR D 134 -66.02 12.44 -0.24
N ALA D 135 -65.76 11.83 0.91
CA ALA D 135 -64.82 12.41 1.86
C ALA D 135 -63.49 11.66 1.85
N CYS D 136 -62.49 12.27 2.49
CA CYS D 136 -61.23 11.61 2.77
C CYS D 136 -61.14 11.15 4.22
N ASN D 137 -61.23 12.09 5.16
CA ASN D 137 -61.21 11.82 6.60
C ASN D 137 -61.81 13.02 7.31
N MET D 138 -61.74 13.01 8.64
CA MET D 138 -62.42 14.00 9.46
C MET D 138 -61.82 13.98 10.86
N THR D 139 -62.29 14.91 11.70
CA THR D 139 -61.86 15.01 13.08
C THR D 139 -62.95 15.70 13.87
N TYR D 140 -62.80 15.69 15.19
CA TYR D 140 -63.83 16.21 16.09
C TYR D 140 -63.21 17.16 17.09
N GLY D 141 -63.96 18.19 17.45
CA GLY D 141 -63.48 19.16 18.41
C GLY D 141 -64.53 20.22 18.66
N SER D 142 -64.45 20.83 19.83
CA SER D 142 -65.39 21.87 20.22
C SER D 142 -64.98 23.16 19.55
N PHE D 143 -65.43 23.35 18.30
CA PHE D 143 -65.10 24.54 17.54
C PHE D 143 -65.95 25.70 18.02
N GLY D 144 -65.39 26.90 17.97
CA GLY D 144 -66.06 28.10 18.43
C GLY D 144 -65.86 28.39 19.91
N GLY D 145 -65.53 27.37 20.71
CA GLY D 145 -65.27 27.57 22.11
C GLY D 145 -66.40 27.16 23.02
N VAL D 146 -67.31 26.32 22.51
CA VAL D 146 -68.41 25.82 23.33
C VAL D 146 -67.88 24.79 24.33
N LYS D 147 -68.62 24.62 25.41
CA LYS D 147 -68.23 23.72 26.48
C LYS D 147 -69.03 22.43 26.43
N GLY D 148 -68.41 21.35 26.91
CA GLY D 148 -69.06 20.07 27.04
C GLY D 148 -69.17 19.24 25.78
N ARG D 149 -69.78 19.79 24.75
CA ARG D 149 -70.06 19.06 23.51
C ARG D 149 -68.88 19.17 22.55
N ASP D 150 -68.99 18.45 21.44
CA ASP D 150 -67.96 18.46 20.41
C ASP D 150 -68.62 18.28 19.04
N LEU D 151 -68.16 19.07 18.09
CA LEU D 151 -68.72 19.08 16.74
C LEU D 151 -67.79 18.36 15.77
N ILE D 152 -68.26 18.23 14.53
CA ILE D 152 -67.71 17.30 13.55
C ILE D 152 -67.55 18.02 12.22
N CYS D 153 -66.35 17.99 11.66
CA CYS D 153 -66.09 18.50 10.33
C CYS D 153 -66.06 17.35 9.32
N ILE D 154 -65.97 17.72 8.03
CA ILE D 154 -65.84 16.77 6.92
C ILE D 154 -64.86 17.38 5.92
N GLN D 155 -63.80 16.66 5.61
CA GLN D 155 -62.93 17.03 4.50
C GLN D 155 -63.29 16.17 3.29
N SER D 156 -63.65 16.83 2.19
CA SER D 156 -64.05 16.11 1.00
C SER D 156 -62.83 15.51 0.30
N MET D 157 -63.10 14.66 -0.70
CA MET D 157 -62.02 14.05 -1.47
C MET D 157 -61.31 15.08 -2.33
N ASP D 158 -62.08 15.91 -3.05
CA ASP D 158 -61.48 17.05 -3.72
C ASP D 158 -61.16 18.18 -2.75
N GLY D 159 -61.70 18.14 -1.55
CA GLY D 159 -61.26 19.03 -0.50
C GLY D 159 -62.16 20.23 -0.31
N MET D 160 -63.08 20.13 0.64
CA MET D 160 -63.89 21.25 1.08
C MET D 160 -64.46 20.89 2.44
N LEU D 161 -64.78 21.90 3.23
CA LEU D 161 -65.09 21.70 4.64
C LEU D 161 -66.59 21.80 4.87
N MET D 162 -67.20 20.68 5.22
CA MET D 162 -68.61 20.62 5.58
C MET D 162 -68.71 20.34 7.08
N VAL D 163 -68.91 21.39 7.86
CA VAL D 163 -69.00 21.26 9.30
C VAL D 163 -70.42 20.86 9.67
N PHE D 164 -70.54 19.89 10.57
CA PHE D 164 -71.82 19.37 10.99
C PHE D 164 -71.93 19.53 12.50
N GLU D 165 -72.97 20.22 12.96
CA GLU D 165 -73.34 20.24 14.37
C GLU D 165 -74.30 19.08 14.59
N GLN D 166 -74.50 18.71 15.85
CA GLN D 166 -75.26 17.51 16.21
C GLN D 166 -76.71 17.62 15.79
N GLU D 167 -77.24 18.84 15.78
CA GLU D 167 -78.57 19.04 15.22
C GLU D 167 -78.53 18.95 13.70
N SER D 168 -77.69 19.75 13.05
CA SER D 168 -77.70 19.79 11.60
C SER D 168 -76.37 20.29 11.06
N TYR D 169 -76.24 20.15 9.74
CA TYR D 169 -75.14 20.72 8.97
C TYR D 169 -75.07 22.23 9.12
N ALA D 170 -73.86 22.74 9.35
CA ALA D 170 -73.74 24.16 9.64
C ALA D 170 -73.50 25.01 8.40
N PHE D 171 -72.36 24.83 7.73
CA PHE D 171 -72.04 25.58 6.52
C PHE D 171 -70.93 24.87 5.77
N GLY D 172 -70.58 25.40 4.62
CA GLY D 172 -69.60 24.78 3.75
C GLY D 172 -68.78 25.78 2.96
N ARG D 173 -67.47 25.56 2.95
CA ARG D 173 -66.56 26.35 2.11
C ARG D 173 -65.52 25.40 1.54
N PHE D 174 -64.82 25.89 0.52
CA PHE D 174 -63.80 25.09 -0.15
C PHE D 174 -62.44 25.27 0.53
N LEU D 175 -61.53 24.35 0.23
CA LEU D 175 -60.20 24.35 0.82
C LEU D 175 -59.19 24.85 -0.19
N PRO D 176 -58.62 26.03 -0.01
CA PRO D 176 -57.64 26.54 -0.98
C PRO D 176 -56.30 25.82 -0.86
N GLY D 177 -55.52 25.95 -1.93
CA GLY D 177 -54.23 25.28 -1.99
C GLY D 177 -54.30 23.79 -2.18
N PHE D 178 -55.44 23.27 -2.62
CA PHE D 178 -55.60 21.84 -2.79
C PHE D 178 -54.92 21.36 -4.08
N LEU D 179 -54.22 20.25 -3.97
CA LEU D 179 -53.86 19.42 -5.12
C LEU D 179 -54.12 17.95 -4.85
N LEU D 180 -54.07 17.53 -3.58
CA LEU D 180 -54.21 16.16 -3.15
C LEU D 180 -54.58 16.23 -1.68
N PRO D 181 -55.45 15.35 -1.17
CA PRO D 181 -55.88 15.48 0.23
C PRO D 181 -54.79 15.05 1.20
N GLY D 182 -54.60 15.84 2.24
CA GLY D 182 -53.68 15.50 3.31
C GLY D 182 -54.41 15.38 4.64
N PRO D 183 -53.67 15.07 5.70
CA PRO D 183 -54.31 14.94 7.03
C PRO D 183 -54.80 16.26 7.59
N LEU D 184 -55.53 16.21 8.69
CA LEU D 184 -56.28 17.37 9.16
C LEU D 184 -56.61 17.21 10.63
N ALA D 185 -56.54 18.31 11.37
CA ALA D 185 -56.87 18.32 12.79
C ALA D 185 -57.28 19.72 13.21
N TYR D 186 -57.87 19.81 14.40
CA TYR D 186 -58.29 21.08 14.97
C TYR D 186 -57.59 21.29 16.30
N SER D 187 -56.90 22.42 16.43
CA SER D 187 -56.25 22.74 17.69
C SER D 187 -57.28 23.21 18.71
N SER D 188 -57.18 22.69 19.93
CA SER D 188 -58.13 23.06 20.97
C SER D 188 -57.80 24.43 21.55
N ARG D 189 -56.52 24.68 21.84
CA ARG D 189 -56.13 25.92 22.52
C ARG D 189 -56.18 27.12 21.58
N THR D 190 -55.53 27.02 20.43
CA THR D 190 -55.44 28.14 19.51
C THR D 190 -56.60 28.22 18.53
N ASP D 191 -57.59 27.33 18.68
CA ASP D 191 -58.87 27.26 17.95
C ASP D 191 -58.74 27.50 16.44
N SER D 192 -57.94 26.65 15.80
CA SER D 192 -57.75 26.73 14.36
C SER D 192 -57.71 25.33 13.77
N PHE D 193 -57.99 25.26 12.46
CA PHE D 193 -58.08 23.99 11.74
C PHE D 193 -56.73 23.75 11.07
N LEU D 194 -55.91 22.89 11.68
CA LEU D 194 -54.55 22.64 11.22
C LEU D 194 -54.56 21.53 10.19
N THR D 195 -54.01 21.81 9.01
CA THR D 195 -53.91 20.83 7.94
C THR D 195 -52.60 21.02 7.20
N VAL D 196 -52.35 20.14 6.23
CA VAL D 196 -51.19 20.23 5.36
C VAL D 196 -51.59 19.77 3.96
N SER D 197 -51.41 20.66 2.99
CA SER D 197 -51.74 20.33 1.61
C SER D 197 -50.58 19.59 0.96
N SER D 198 -50.70 19.34 -0.35
CA SER D 198 -49.65 18.63 -1.06
C SER D 198 -48.49 19.53 -1.44
N CYS D 199 -48.61 20.84 -1.25
CA CYS D 199 -47.53 21.78 -1.53
C CYS D 199 -46.62 22.01 -0.33
N GLN D 200 -46.58 21.04 0.59
CA GLN D 200 -45.69 21.00 1.75
C GLN D 200 -45.87 22.18 2.70
N GLN D 201 -47.05 22.78 2.72
CA GLN D 201 -47.34 23.93 3.57
C GLN D 201 -48.23 23.47 4.71
N VAL D 202 -47.67 23.44 5.93
CA VAL D 202 -48.50 23.20 7.11
C VAL D 202 -49.30 24.46 7.36
N GLU D 203 -50.62 24.36 7.23
CA GLU D 203 -51.50 25.52 7.32
C GLU D 203 -52.47 25.37 8.46
N SER D 204 -53.03 26.50 8.88
CA SER D 204 -53.97 26.53 10.01
C SER D 204 -54.97 27.65 9.73
N TYR D 205 -56.12 27.28 9.18
CA TYR D 205 -57.12 28.28 8.85
C TYR D 205 -57.93 28.65 10.09
N LYS D 206 -58.49 29.84 10.07
CA LYS D 206 -59.30 30.32 11.19
C LYS D 206 -60.72 29.80 11.06
N TYR D 207 -61.36 29.56 12.21
CA TYR D 207 -62.67 28.90 12.25
C TYR D 207 -63.77 29.80 11.66
N GLN D 208 -63.55 31.12 11.70
CA GLN D 208 -64.58 32.09 11.34
C GLN D 208 -65.00 31.95 9.87
N VAL D 209 -66.27 32.29 9.60
CA VAL D 209 -66.84 32.16 8.28
C VAL D 209 -66.31 33.25 7.35
N LEU D 233 -61.64 32.40 1.48
CA LEU D 233 -60.88 32.36 2.73
C LEU D 233 -59.43 32.77 2.49
N VAL D 234 -58.83 33.42 3.48
CA VAL D 234 -57.45 33.87 3.43
C VAL D 234 -56.67 33.10 4.49
N VAL D 235 -55.42 32.76 4.18
CA VAL D 235 -54.61 31.96 5.08
C VAL D 235 -54.25 32.76 6.33
N ASP D 236 -54.00 32.05 7.43
CA ASP D 236 -53.53 32.71 8.64
C ASP D 236 -52.01 32.70 8.72
N TRP D 237 -51.41 31.51 8.75
CA TRP D 237 -49.96 31.38 8.70
C TRP D 237 -49.61 30.00 8.16
N THR D 238 -48.58 29.95 7.32
CA THR D 238 -48.11 28.73 6.72
C THR D 238 -46.70 28.43 7.21
N LEU D 239 -46.19 27.26 6.81
CA LEU D 239 -44.82 26.86 7.11
C LEU D 239 -44.43 25.77 6.13
N ASN D 240 -43.34 25.97 5.40
CA ASN D 240 -42.83 24.93 4.52
C ASN D 240 -42.01 23.93 5.33
N ILE D 241 -42.30 22.64 5.15
CA ILE D 241 -41.70 21.59 5.95
C ILE D 241 -40.89 20.60 5.13
N GLY D 242 -40.90 20.70 3.81
CA GLY D 242 -40.00 19.94 2.97
C GLY D 242 -40.63 18.75 2.27
N GLU D 243 -41.61 18.10 2.89
CA GLU D 243 -42.21 16.91 2.29
C GLU D 243 -43.65 16.80 2.80
N GLN D 244 -44.30 15.69 2.45
CA GLN D 244 -45.65 15.43 2.92
C GLN D 244 -45.60 14.78 4.30
N ALA D 245 -46.78 14.48 4.85
CA ALA D 245 -46.88 13.95 6.20
C ALA D 245 -48.05 12.98 6.27
N LEU D 246 -47.89 11.94 7.08
CA LEU D 246 -48.95 10.94 7.21
C LEU D 246 -50.01 11.40 8.20
N ASP D 247 -49.63 11.63 9.45
CA ASP D 247 -50.57 11.83 10.54
C ASP D 247 -50.18 13.07 11.31
N ILE D 248 -51.18 13.82 11.76
CA ILE D 248 -50.99 14.97 12.62
C ILE D 248 -51.68 14.71 13.95
N CYS D 249 -51.00 15.01 15.04
CA CYS D 249 -51.60 14.90 16.36
C CYS D 249 -51.25 16.14 17.17
N ILE D 250 -52.20 16.54 18.01
CA ILE D 250 -52.07 17.74 18.85
C ILE D 250 -52.47 17.35 20.26
N VAL D 251 -51.52 17.42 21.18
CA VAL D 251 -51.82 17.19 22.59
C VAL D 251 -51.32 18.38 23.40
N SER D 252 -51.81 18.45 24.63
CA SER D 252 -51.33 19.39 25.63
C SER D 252 -51.49 18.74 26.99
N PHE D 253 -50.64 19.15 27.94
CA PHE D 253 -50.69 18.56 29.26
C PHE D 253 -50.36 19.59 30.34
N SER D 256 -48.46 23.44 31.87
CA SER D 256 -48.98 22.84 30.64
C SER D 256 -48.16 23.30 29.43
N ALA D 257 -48.11 22.44 28.41
CA ALA D 257 -47.34 22.74 27.21
C ALA D 257 -48.17 22.34 26.00
N SER D 258 -48.58 23.32 25.20
CA SER D 258 -49.29 23.08 23.96
C SER D 258 -48.27 22.87 22.84
N SER D 259 -48.43 21.78 22.09
CA SER D 259 -47.43 21.41 21.10
C SER D 259 -48.11 20.67 19.95
N VAL D 260 -47.76 21.05 18.74
CA VAL D 260 -48.27 20.41 17.54
C VAL D 260 -47.21 19.47 17.00
N PHE D 261 -47.56 18.20 16.84
CA PHE D 261 -46.66 17.19 16.32
C PHE D 261 -47.05 16.83 14.91
N VAL D 262 -46.06 16.71 14.02
CA VAL D 262 -46.27 16.32 12.64
C VAL D 262 -45.18 15.31 12.28
N LEU D 263 -45.58 14.09 11.97
CA LEU D 263 -44.68 13.07 11.45
C LEU D 263 -44.74 13.08 9.94
N GLY D 264 -43.63 13.45 9.31
CA GLY D 264 -43.56 13.47 7.86
C GLY D 264 -43.29 12.09 7.29
N GLU D 265 -42.98 12.07 6.00
CA GLU D 265 -42.60 10.83 5.36
C GLU D 265 -41.20 10.39 5.75
N ARG D 266 -40.31 11.35 6.04
CA ARG D 266 -38.92 11.03 6.35
C ARG D 266 -38.48 11.66 7.66
N ASN D 267 -39.05 12.81 8.00
CA ASN D 267 -38.64 13.55 9.18
C ASN D 267 -39.75 13.52 10.21
N PHE D 268 -39.55 14.27 11.29
CA PHE D 268 -40.47 14.22 12.43
C PHE D 268 -40.37 15.56 13.16
N PHE D 269 -41.41 16.37 13.06
CA PHE D 269 -41.40 17.74 13.55
C PHE D 269 -42.10 17.87 14.90
N CYS D 270 -42.01 19.08 15.45
CA CYS D 270 -42.72 19.43 16.67
C CYS D 270 -42.93 20.94 16.64
N LEU D 271 -44.13 21.36 16.28
CA LEU D 271 -44.40 22.76 16.03
C LEU D 271 -44.93 23.46 17.28
N LYS D 272 -44.49 24.70 17.47
CA LYS D 272 -45.11 25.60 18.44
C LYS D 272 -46.33 26.24 17.80
N ASP D 273 -47.15 26.87 18.65
CA ASP D 273 -48.46 27.35 18.21
C ASP D 273 -48.36 28.52 17.24
N ASN D 274 -47.33 29.37 17.39
CA ASN D 274 -47.16 30.50 16.49
C ASN D 274 -46.63 30.08 15.14
N GLY D 275 -45.95 28.93 15.06
CA GLY D 275 -45.29 28.54 13.83
C GLY D 275 -43.80 28.36 14.00
N GLN D 276 -43.39 28.00 15.21
CA GLN D 276 -41.98 27.79 15.53
C GLN D 276 -41.69 26.30 15.65
N ILE D 277 -40.63 25.87 14.97
CA ILE D 277 -40.16 24.50 15.08
C ILE D 277 -39.45 24.35 16.42
N ARG D 278 -40.04 23.58 17.34
CA ARG D 278 -39.41 23.40 18.63
C ARG D 278 -38.17 22.51 18.52
N PHE D 279 -38.31 21.34 17.90
CA PHE D 279 -37.15 20.51 17.59
C PHE D 279 -37.48 19.68 16.36
N MET D 280 -36.54 18.84 15.96
CA MET D 280 -36.72 17.91 14.85
C MET D 280 -35.95 16.64 15.15
N LYS D 281 -35.98 15.73 14.18
CA LYS D 281 -35.27 14.46 14.20
C LYS D 281 -35.34 13.89 12.80
N LYS D 282 -34.22 13.41 12.28
CA LYS D 282 -34.18 12.80 10.97
C LYS D 282 -34.22 11.29 11.11
N LEU D 283 -35.09 10.64 10.35
CA LEU D 283 -35.29 9.20 10.42
C LEU D 283 -34.69 8.56 9.18
N ASP D 284 -33.76 7.64 9.39
CA ASP D 284 -33.21 6.89 8.25
C ASP D 284 -34.21 5.87 7.73
N TRP D 285 -35.02 5.29 8.61
CA TRP D 285 -36.04 4.35 8.19
C TRP D 285 -37.24 5.12 7.65
N SER D 286 -38.35 4.42 7.39
CA SER D 286 -39.57 5.09 7.03
C SER D 286 -40.64 4.68 8.05
N PRO D 287 -41.37 5.63 8.61
CA PRO D 287 -42.31 5.30 9.67
C PRO D 287 -43.66 4.85 9.11
N SER D 288 -44.48 4.30 9.99
CA SER D 288 -45.80 3.82 9.61
C SER D 288 -46.94 4.54 10.32
N CYS D 289 -46.89 4.62 11.65
CA CYS D 289 -47.92 5.32 12.42
C CYS D 289 -47.31 5.76 13.73
N PHE D 290 -47.92 6.77 14.35
CA PHE D 290 -47.32 7.31 15.55
C PHE D 290 -48.39 7.91 16.44
N LEU D 291 -48.06 8.03 17.73
CA LEU D 291 -48.98 8.63 18.69
C LEU D 291 -48.25 9.22 19.89
N PRO D 292 -48.31 10.53 20.07
CA PRO D 292 -47.71 11.20 21.24
C PRO D 292 -48.58 11.16 22.49
N TYR D 293 -48.46 10.07 23.25
CA TYR D 293 -49.24 9.92 24.46
C TYR D 293 -48.56 10.63 25.63
N CYS D 294 -49.00 10.33 26.85
CA CYS D 294 -48.72 11.12 28.04
C CYS D 294 -47.24 11.15 28.41
N SER D 295 -46.89 12.10 29.26
CA SER D 295 -45.51 12.44 29.57
C SER D 295 -45.11 11.90 30.94
N VAL D 296 -43.88 12.22 31.33
CA VAL D 296 -43.35 11.87 32.65
C VAL D 296 -42.84 13.13 33.34
N SER D 297 -42.47 14.15 32.58
CA SER D 297 -41.87 15.35 33.15
C SER D 297 -42.35 16.58 32.40
N GLU D 298 -42.14 17.74 33.02
CA GLU D 298 -42.57 19.00 32.43
C GLU D 298 -41.68 19.38 31.27
N GLY D 299 -42.29 19.66 30.12
CA GLY D 299 -41.55 19.96 28.92
C GLY D 299 -41.33 18.73 28.07
N THR D 300 -41.02 17.61 28.73
CA THR D 300 -40.92 16.34 28.04
C THR D 300 -42.30 15.84 27.66
N ILE D 301 -42.34 15.05 26.59
CA ILE D 301 -43.57 14.44 26.08
C ILE D 301 -43.16 13.24 25.27
N ASN D 302 -43.83 12.11 25.44
CA ASN D 302 -43.34 10.86 24.89
C ASN D 302 -44.11 10.46 23.65
N THR D 303 -43.40 9.81 22.73
CA THR D 303 -43.90 9.52 21.40
C THR D 303 -43.50 8.09 21.03
N LEU D 304 -44.38 7.39 20.30
CA LEU D 304 -44.10 6.06 19.79
C LEU D 304 -44.07 6.09 18.28
N ILE D 305 -43.06 5.46 17.67
CA ILE D 305 -42.93 5.38 16.22
C ILE D 305 -42.82 3.90 15.83
N GLY D 306 -43.38 3.54 14.69
CA GLY D 306 -43.25 2.20 14.17
C GLY D 306 -42.67 2.19 12.76
N ASN D 307 -41.66 1.36 12.56
CA ASN D 307 -40.93 1.29 11.30
C ASN D 307 -41.67 0.41 10.30
N HIS D 308 -40.99 0.05 9.22
CA HIS D 308 -41.42 -1.05 8.37
C HIS D 308 -40.49 -2.26 8.52
N ASN D 309 -39.54 -2.18 9.44
CA ASN D 309 -38.70 -3.31 9.80
C ASN D 309 -39.18 -3.99 11.06
N ASN D 310 -40.48 -3.88 11.37
CA ASN D 310 -41.16 -4.48 12.52
C ASN D 310 -40.58 -4.00 13.84
N MET D 311 -40.04 -2.80 13.87
CA MET D 311 -39.43 -2.23 15.06
C MET D 311 -40.30 -1.12 15.62
N LEU D 312 -40.38 -1.06 16.95
CA LEU D 312 -41.02 0.05 17.65
C LEU D 312 -39.96 0.91 18.29
N HIS D 313 -40.26 2.20 18.43
CA HIS D 313 -39.34 3.15 19.05
C HIS D 313 -40.13 4.05 19.97
N ILE D 314 -39.75 4.11 21.24
CA ILE D 314 -40.32 5.07 22.17
C ILE D 314 -39.37 6.26 22.19
N TYR D 315 -39.90 7.44 22.43
CA TYR D 315 -39.15 8.68 22.25
C TYR D 315 -39.53 9.72 23.28
N GLN D 316 -38.63 10.00 24.21
CA GLN D 316 -38.56 11.31 24.84
C GLN D 316 -38.04 12.24 23.75
N ASP D 317 -38.35 13.53 23.86
CA ASP D 317 -38.61 14.52 22.78
C ASP D 317 -37.78 14.26 21.53
N VAL D 318 -36.45 14.12 21.63
CA VAL D 318 -35.63 13.55 20.56
C VAL D 318 -34.85 12.33 21.07
N THR D 319 -34.68 12.22 22.37
CA THR D 319 -33.85 11.19 23.00
C THR D 319 -34.52 9.83 22.95
N LEU D 320 -33.89 8.87 22.26
CA LEU D 320 -34.36 7.51 22.23
C LEU D 320 -34.20 6.87 23.60
N LYS D 321 -35.19 6.09 24.01
CA LYS D 321 -35.19 5.50 25.34
C LYS D 321 -35.24 3.98 25.32
N TRP D 322 -36.13 3.39 24.54
CA TRP D 322 -36.25 1.95 24.46
C TRP D 322 -36.87 1.58 23.12
N ALA D 323 -36.46 0.44 22.58
CA ALA D 323 -36.87 0.08 21.22
C ALA D 323 -36.78 -1.43 21.06
N THR D 324 -37.93 -2.09 20.88
CA THR D 324 -37.95 -3.53 20.74
C THR D 324 -38.88 -3.87 19.57
N GLN D 325 -38.82 -5.11 19.11
CA GLN D 325 -39.44 -5.52 17.86
C GLN D 325 -40.96 -5.62 17.99
N LEU D 326 -41.59 -5.95 16.88
CA LEU D 326 -43.03 -6.15 16.77
C LEU D 326 -43.25 -7.39 15.90
N PRO D 327 -44.39 -8.06 16.05
CA PRO D 327 -44.69 -9.21 15.18
C PRO D 327 -44.96 -8.85 13.73
N HIS D 328 -45.30 -7.60 13.43
CA HIS D 328 -45.73 -7.22 12.10
C HIS D 328 -45.51 -5.73 11.89
N ILE D 329 -46.08 -5.21 10.82
CA ILE D 329 -46.02 -3.78 10.51
C ILE D 329 -47.32 -3.14 11.00
N PRO D 330 -47.28 -2.23 11.95
CA PRO D 330 -48.51 -1.54 12.37
C PRO D 330 -48.96 -0.56 11.31
N VAL D 331 -50.23 -0.18 11.39
CA VAL D 331 -50.76 0.83 10.50
C VAL D 331 -51.54 1.83 11.33
N ALA D 332 -51.78 1.49 12.61
CA ALA D 332 -52.36 2.40 13.57
C ALA D 332 -51.98 1.93 14.96
N VAL D 333 -51.77 2.89 15.87
CA VAL D 333 -51.42 2.61 17.24
C VAL D 333 -52.22 3.54 18.14
N ARG D 334 -52.79 3.01 19.21
CA ARG D 334 -53.45 3.81 20.23
C ARG D 334 -52.92 3.40 21.59
N VAL D 335 -53.22 4.21 22.60
CA VAL D 335 -52.87 3.89 23.98
C VAL D 335 -54.09 4.15 24.86
N GLY D 336 -54.55 3.12 25.57
CA GLY D 336 -55.68 3.24 26.47
C GLY D 336 -55.52 2.39 27.71
N CYS D 337 -56.63 2.00 28.33
CA CYS D 337 -56.60 1.17 29.53
C CYS D 337 -57.16 -0.21 29.19
N LEU D 338 -56.46 -1.26 29.62
CA LEU D 338 -56.88 -2.64 29.38
C LEU D 338 -57.08 -3.32 30.73
N HIS D 339 -58.34 -3.40 31.15
CA HIS D 339 -58.78 -4.04 32.40
C HIS D 339 -58.02 -3.49 33.61
N ASP D 340 -58.14 -2.17 33.78
CA ASP D 340 -57.52 -1.40 34.87
C ASP D 340 -56.00 -1.54 34.89
N LEU D 341 -55.40 -1.54 33.70
CA LEU D 341 -53.95 -1.48 33.52
C LEU D 341 -53.65 -0.32 32.60
N LYS D 342 -52.75 0.56 33.00
CA LYS D 342 -52.39 1.68 32.15
C LYS D 342 -51.11 1.38 31.38
N GLY D 343 -50.90 2.15 30.31
CA GLY D 343 -49.76 1.92 29.44
C GLY D 343 -49.95 0.68 28.58
N VAL D 344 -50.98 0.70 27.73
CA VAL D 344 -51.32 -0.41 26.85
C VAL D 344 -51.11 0.04 25.42
N ILE D 345 -50.55 -0.84 24.60
CA ILE D 345 -50.17 -0.52 23.23
C ILE D 345 -50.84 -1.51 22.30
N VAL D 346 -51.73 -1.00 21.44
CA VAL D 346 -52.44 -1.84 20.48
C VAL D 346 -51.83 -1.62 19.10
N THR D 347 -51.64 -2.73 18.37
CA THR D 347 -50.92 -2.74 17.10
C THR D 347 -51.82 -3.37 16.03
N LEU D 348 -52.65 -2.54 15.41
CA LEU D 348 -53.51 -3.03 14.34
C LEU D 348 -52.75 -2.98 13.01
N SER D 349 -52.75 -4.09 12.29
CA SER D 349 -52.12 -4.15 10.98
C SER D 349 -53.16 -3.84 9.90
N ASP D 350 -52.81 -4.13 8.65
CA ASP D 350 -53.75 -3.98 7.54
C ASP D 350 -54.37 -5.30 7.12
N ASP D 351 -53.99 -6.42 7.73
CA ASP D 351 -54.57 -7.71 7.38
C ASP D 351 -55.67 -8.16 8.32
N GLY D 352 -55.63 -7.76 9.58
CA GLY D 352 -56.57 -8.26 10.57
C GLY D 352 -55.91 -8.60 11.88
N HIS D 353 -54.64 -8.25 12.03
CA HIS D 353 -53.93 -8.49 13.27
C HIS D 353 -54.34 -7.45 14.31
N LEU D 354 -54.46 -7.89 15.55
CA LEU D 354 -54.74 -7.00 16.66
C LEU D 354 -53.94 -7.43 17.88
N GLN D 355 -52.75 -7.95 17.63
CA GLN D 355 -51.83 -8.32 18.71
C GLN D 355 -51.41 -7.07 19.48
N CYS D 356 -51.40 -7.17 20.81
CA CYS D 356 -51.17 -5.97 21.61
C CYS D 356 -50.32 -6.28 22.84
N SER D 357 -49.29 -5.44 23.04
CA SER D 357 -48.57 -5.26 24.31
C SER D 357 -47.88 -6.54 24.76
N TYR D 358 -46.92 -6.99 23.94
CA TYR D 358 -46.36 -8.34 24.11
C TYR D 358 -45.34 -8.45 25.25
N LEU D 359 -45.26 -7.45 26.15
CA LEU D 359 -44.49 -7.48 27.39
C LEU D 359 -42.99 -7.66 27.11
N GLY D 360 -42.42 -6.59 26.53
CA GLY D 360 -40.99 -6.49 26.30
C GLY D 360 -40.14 -6.71 27.54
N THR D 361 -40.27 -5.84 28.53
CA THR D 361 -39.75 -6.10 29.87
C THR D 361 -40.82 -5.98 30.94
N ASP D 362 -41.66 -4.95 30.84
CA ASP D 362 -42.85 -4.77 31.67
C ASP D 362 -43.75 -3.80 30.91
N PRO D 363 -45.00 -4.18 30.71
CA PRO D 363 -45.89 -3.48 29.77
C PRO D 363 -46.30 -2.13 30.36
N SER D 364 -45.37 -1.20 30.32
CA SER D 364 -45.51 0.11 30.94
C SER D 364 -45.51 1.21 29.89
N LEU D 365 -45.77 2.42 30.35
CA LEU D 365 -45.64 3.60 29.52
C LEU D 365 -44.17 3.98 29.40
N PHE D 366 -43.89 5.04 28.64
CA PHE D 366 -42.53 5.54 28.54
C PHE D 366 -42.05 6.25 29.80
N GLN D 367 -42.94 6.47 30.76
CA GLN D 367 -42.55 6.85 32.11
C GLN D 367 -41.72 5.74 32.75
N ALA D 368 -41.02 6.10 33.82
CA ALA D 368 -40.19 5.14 34.54
C ALA D 368 -41.10 4.22 35.32
N PRO D 369 -41.53 3.13 34.65
CA PRO D 369 -42.40 2.08 35.18
C PRO D 369 -43.73 2.66 35.69
N ASN D 370 -44.51 3.18 34.73
CA ASN D 370 -45.83 3.71 35.06
C ASN D 370 -46.81 2.63 35.46
N VAL D 371 -46.56 1.38 35.07
CA VAL D 371 -47.40 0.26 35.48
C VAL D 371 -46.57 -1.00 35.47
N GLN D 372 -46.89 -1.92 36.38
CA GLN D 372 -46.34 -3.27 36.30
C GLN D 372 -47.02 -4.06 35.20
N SER D 373 -48.35 -4.26 35.33
CA SER D 373 -49.24 -4.84 34.33
C SER D 373 -48.79 -6.24 33.91
N ARG D 374 -48.85 -7.14 34.90
CA ARG D 374 -48.28 -8.49 34.84
C ARG D 374 -46.79 -8.43 34.48
N GLU D 375 -46.05 -7.62 35.25
CA GLU D 375 -44.61 -7.51 35.09
C GLU D 375 -43.89 -8.77 35.55
N LEU D 376 -44.53 -9.62 36.34
CA LEU D 376 -43.96 -10.90 36.75
C LEU D 376 -43.86 -11.81 35.54
N ASN D 377 -42.64 -12.13 35.14
CA ASN D 377 -42.38 -12.95 33.98
C ASN D 377 -41.02 -13.61 34.17
N TYR D 378 -40.47 -14.17 33.09
CA TYR D 378 -39.22 -14.92 33.21
C TYR D 378 -38.00 -13.99 33.22
N ASP D 379 -37.74 -13.31 32.10
CA ASP D 379 -36.51 -12.54 31.92
C ASP D 379 -36.65 -11.65 30.70
N GLU D 380 -35.56 -10.94 30.38
CA GLU D 380 -35.42 -10.12 29.19
C GLU D 380 -33.94 -9.89 28.95
N LEU D 381 -33.54 -10.03 27.68
CA LEU D 381 -32.17 -9.79 27.18
C LEU D 381 -31.14 -10.67 27.89
N ASP D 382 -31.23 -11.97 27.60
CA ASP D 382 -30.30 -12.95 28.14
C ASP D 382 -28.89 -12.74 27.58
N VAL D 383 -27.90 -13.27 28.29
CA VAL D 383 -26.50 -12.97 28.02
C VAL D 383 -25.81 -14.00 27.13
N GLU D 384 -25.78 -15.26 27.56
CA GLU D 384 -24.90 -16.25 26.96
C GLU D 384 -25.45 -16.75 25.63
N MET D 385 -24.57 -16.85 24.63
CA MET D 385 -24.91 -17.36 23.31
C MET D 385 -24.17 -18.65 22.97
N LYS D 386 -23.60 -19.32 23.98
CA LYS D 386 -22.85 -20.55 23.74
C LYS D 386 -23.79 -21.75 23.73
N GLU D 387 -23.55 -22.68 22.81
CA GLU D 387 -24.34 -23.90 22.76
C GLU D 387 -23.99 -24.83 23.91
N LEU D 388 -22.72 -25.28 23.95
CA LEU D 388 -22.10 -26.05 25.04
C LEU D 388 -22.83 -27.36 25.33
N GLN D 389 -23.49 -27.94 24.34
CA GLN D 389 -24.24 -29.18 24.51
C GLN D 389 -23.98 -30.10 23.33
N LYS D 390 -23.39 -31.27 23.61
CA LYS D 390 -23.04 -32.31 22.65
C LYS D 390 -22.10 -31.82 21.54
N ILE D 391 -21.32 -30.77 21.81
CA ILE D 391 -20.29 -30.34 20.86
C ILE D 391 -19.14 -31.32 20.78
N ILE D 392 -18.86 -32.04 21.86
CA ILE D 392 -17.98 -33.19 21.80
C ILE D 392 -18.74 -34.38 21.20
N LYS D 393 -18.00 -35.22 20.47
CA LYS D 393 -18.53 -36.34 19.67
C LYS D 393 -19.58 -35.88 18.66
N ASP D 394 -19.48 -34.62 18.22
CA ASP D 394 -20.30 -34.11 17.12
C ASP D 394 -19.75 -34.49 15.77
N VAL D 395 -18.48 -34.88 15.71
CA VAL D 395 -17.88 -35.47 14.52
C VAL D 395 -18.43 -36.89 14.47
N ASN D 396 -19.60 -37.03 13.82
CA ASN D 396 -20.25 -38.31 13.68
C ASN D 396 -19.41 -39.25 12.81
N LYS D 397 -19.41 -40.52 13.19
CA LYS D 397 -18.47 -41.53 12.72
C LYS D 397 -17.04 -41.04 12.89
N SER D 398 -16.64 -40.85 14.15
CA SER D 398 -15.36 -40.23 14.49
C SER D 398 -14.16 -41.06 14.08
N GLN D 399 -14.35 -42.34 13.79
CA GLN D 399 -13.30 -43.15 13.20
C GLN D 399 -13.40 -43.24 11.68
N GLY D 400 -14.62 -43.19 11.13
CA GLY D 400 -14.77 -43.24 9.68
C GLY D 400 -14.49 -41.89 9.04
N VAL D 401 -14.84 -40.79 9.69
CA VAL D 401 -14.45 -39.48 9.19
C VAL D 401 -12.96 -39.25 9.36
N TRP D 402 -12.35 -39.89 10.37
CA TRP D 402 -10.91 -39.84 10.52
C TRP D 402 -10.17 -40.59 9.41
N PRO D 403 -10.85 -41.53 8.74
CA PRO D 403 -10.25 -42.18 7.59
C PRO D 403 -10.20 -41.25 6.38
N MET D 404 -11.04 -40.21 6.36
CA MET D 404 -11.03 -39.28 5.25
C MET D 404 -9.80 -38.38 5.30
N THR D 405 -9.56 -37.74 6.44
CA THR D 405 -8.41 -36.85 6.59
C THR D 405 -7.09 -37.60 6.63
N GLU D 406 -7.09 -38.84 7.09
CA GLU D 406 -5.87 -39.65 7.00
C GLU D 406 -5.59 -40.12 5.58
N ARG D 407 -6.57 -40.06 4.69
CA ARG D 407 -6.37 -40.36 3.28
C ARG D 407 -6.16 -39.11 2.44
N GLU D 408 -6.86 -38.01 2.75
CA GLU D 408 -6.68 -36.78 1.99
C GLU D 408 -5.33 -36.13 2.25
N ASP D 409 -4.68 -36.45 3.37
CA ASP D 409 -3.35 -35.92 3.67
C ASP D 409 -2.26 -36.59 2.85
N ASP D 410 -2.58 -37.63 2.08
CA ASP D 410 -1.58 -38.28 1.25
C ASP D 410 -1.34 -37.51 -0.04
N LEU D 411 -2.43 -37.14 -0.72
CA LEU D 411 -2.29 -36.39 -1.98
C LEU D 411 -1.79 -34.98 -1.73
N ASN D 412 -2.15 -34.38 -0.60
CA ASN D 412 -1.68 -33.03 -0.30
C ASN D 412 -0.20 -33.01 0.04
N VAL D 413 0.28 -34.07 0.70
CA VAL D 413 1.72 -34.17 0.97
C VAL D 413 2.50 -34.38 -0.31
N SER D 414 1.92 -35.10 -1.26
CA SER D 414 2.52 -35.22 -2.58
C SER D 414 2.15 -34.02 -3.43
N VAL D 415 2.57 -34.06 -4.70
CA VAL D 415 2.19 -33.01 -5.63
C VAL D 415 0.75 -33.18 -6.10
N VAL D 416 0.40 -34.41 -6.52
CA VAL D 416 -0.95 -34.81 -6.95
C VAL D 416 -1.46 -33.96 -8.13
N VAL D 417 -0.54 -33.48 -8.96
CA VAL D 417 -0.86 -32.76 -10.18
C VAL D 417 -0.86 -33.74 -11.33
N SER D 418 -2.02 -33.90 -11.98
CA SER D 418 -2.27 -34.85 -13.07
C SER D 418 -1.91 -36.28 -12.65
N PRO D 419 -2.55 -36.73 -11.57
CA PRO D 419 -2.32 -38.09 -11.08
C PRO D 419 -2.96 -39.12 -12.01
N ASN D 420 -4.01 -38.73 -12.73
CA ASN D 420 -4.70 -39.65 -13.62
C ASN D 420 -3.95 -39.80 -14.94
N PHE D 421 -4.14 -40.93 -15.60
CA PHE D 421 -3.53 -41.15 -16.91
C PHE D 421 -4.26 -40.34 -17.95
N ASP D 422 -3.66 -39.22 -18.36
CA ASP D 422 -4.29 -38.34 -19.32
C ASP D 422 -3.72 -38.56 -20.72
N SER D 423 -3.46 -39.82 -21.08
CA SER D 423 -2.82 -40.23 -22.33
C SER D 423 -3.70 -39.79 -23.51
N VAL D 424 -4.88 -40.35 -23.69
CA VAL D 424 -5.77 -39.99 -24.80
C VAL D 424 -7.14 -39.67 -24.23
N SER D 425 -7.65 -38.49 -24.56
CA SER D 425 -9.06 -38.15 -24.35
C SER D 425 -9.63 -37.38 -25.53
N GLN D 426 -8.80 -37.07 -26.52
CA GLN D 426 -9.18 -36.37 -27.74
C GLN D 426 -8.19 -36.79 -28.82
N ALA D 427 -8.58 -36.54 -30.07
CA ALA D 427 -7.67 -36.68 -31.20
C ALA D 427 -8.16 -35.77 -32.30
N THR D 428 -7.28 -34.88 -32.76
CA THR D 428 -7.63 -33.89 -33.77
C THR D 428 -6.61 -33.94 -34.90
N ASP D 429 -7.09 -34.15 -36.12
CA ASP D 429 -6.24 -34.22 -37.30
C ASP D 429 -6.87 -33.40 -38.40
N VAL D 430 -6.03 -32.69 -39.15
CA VAL D 430 -6.49 -31.83 -40.25
C VAL D 430 -5.84 -32.30 -41.53
N GLU D 431 -6.64 -32.40 -42.60
CA GLU D 431 -6.15 -32.84 -43.89
C GLU D 431 -6.61 -31.86 -44.96
N VAL D 432 -5.74 -31.66 -45.95
CA VAL D 432 -5.93 -30.66 -46.99
C VAL D 432 -6.18 -31.40 -48.31
N GLY D 433 -7.17 -30.96 -49.07
CA GLY D 433 -7.41 -31.49 -50.39
C GLY D 433 -6.45 -30.91 -51.42
N THR D 434 -6.71 -31.26 -52.68
CA THR D 434 -5.87 -30.78 -53.77
C THR D 434 -6.52 -29.66 -54.56
N ASP D 435 -7.21 -28.73 -53.89
CA ASP D 435 -7.88 -27.64 -54.58
C ASP D 435 -6.88 -26.54 -54.94
N LEU D 436 -7.40 -25.35 -55.26
CA LEU D 436 -6.61 -24.30 -55.88
C LEU D 436 -6.85 -22.93 -55.27
N VAL D 437 -6.56 -21.88 -56.03
CA VAL D 437 -6.26 -20.50 -55.65
C VAL D 437 -7.42 -19.87 -54.84
N PRO D 438 -7.28 -18.65 -54.30
CA PRO D 438 -7.21 -18.47 -52.83
C PRO D 438 -7.98 -19.47 -51.99
N SER D 439 -9.24 -19.76 -52.31
CA SER D 439 -10.07 -20.61 -51.46
C SER D 439 -9.59 -22.06 -51.55
N VAL D 440 -8.97 -22.55 -50.49
CA VAL D 440 -8.59 -23.95 -50.36
C VAL D 440 -9.47 -24.56 -49.29
N THR D 441 -10.26 -25.55 -49.67
CA THR D 441 -11.06 -26.30 -48.71
C THR D 441 -10.17 -27.19 -47.86
N VAL D 442 -10.58 -27.40 -46.62
CA VAL D 442 -9.78 -28.14 -45.65
C VAL D 442 -10.72 -28.75 -44.61
N LYS D 443 -10.29 -29.87 -44.04
CA LYS D 443 -11.16 -30.73 -43.25
C LYS D 443 -10.45 -31.14 -41.97
N VAL D 444 -11.16 -31.03 -40.84
CA VAL D 444 -10.65 -31.40 -39.53
C VAL D 444 -11.43 -32.62 -39.05
N THR D 445 -11.03 -33.14 -37.89
CA THR D 445 -11.77 -34.25 -37.29
C THR D 445 -11.65 -34.18 -35.78
N LEU D 446 -12.53 -34.92 -35.10
CA LEU D 446 -12.52 -35.04 -33.66
C LEU D 446 -12.80 -36.50 -33.28
N GLN D 447 -12.08 -36.99 -32.29
CA GLN D 447 -12.34 -38.31 -31.73
C GLN D 447 -12.78 -38.16 -30.28
N ASN D 448 -13.12 -39.29 -29.65
CA ASN D 448 -13.59 -39.28 -28.28
C ASN D 448 -13.19 -40.57 -27.59
N ARG D 449 -13.08 -40.49 -26.27
CA ARG D 449 -13.02 -41.67 -25.42
C ARG D 449 -13.88 -41.57 -24.18
N VAL D 450 -14.18 -40.37 -23.69
CA VAL D 450 -15.04 -40.13 -22.55
C VAL D 450 -16.06 -39.09 -23.00
N ILE D 451 -17.25 -39.11 -22.38
CA ILE D 451 -18.18 -38.01 -22.54
C ILE D 451 -17.57 -36.74 -21.97
N LEU D 452 -17.61 -35.66 -22.75
CA LEU D 452 -17.05 -34.38 -22.36
C LEU D 452 -18.11 -33.30 -22.50
N GLN D 453 -17.76 -32.09 -22.07
CA GLN D 453 -18.66 -30.94 -22.19
C GLN D 453 -17.81 -29.69 -22.25
N LYS D 454 -18.48 -28.57 -22.56
CA LYS D 454 -17.88 -27.24 -22.66
C LYS D 454 -16.75 -27.22 -23.71
N ALA D 455 -16.98 -27.89 -24.83
CA ALA D 455 -15.98 -28.07 -25.86
C ALA D 455 -16.06 -26.94 -26.88
N LYS D 456 -14.89 -26.55 -27.39
CA LYS D 456 -14.78 -25.45 -28.34
C LYS D 456 -13.48 -25.61 -29.11
N LEU D 457 -13.54 -25.36 -30.42
CA LEU D 457 -12.41 -25.54 -31.31
C LEU D 457 -12.14 -24.24 -32.04
N SER D 458 -10.88 -23.80 -32.00
CA SER D 458 -10.47 -22.58 -32.68
C SER D 458 -9.30 -22.87 -33.61
N VAL D 459 -9.01 -21.92 -34.49
CA VAL D 459 -8.03 -22.12 -35.56
C VAL D 459 -7.45 -20.77 -35.97
N TYR D 460 -6.12 -20.71 -36.07
CA TYR D 460 -5.41 -19.47 -36.30
C TYR D 460 -4.40 -19.62 -37.44
N VAL D 461 -4.19 -18.52 -38.16
CA VAL D 461 -3.16 -18.42 -39.17
C VAL D 461 -2.44 -17.08 -39.01
N GLN D 462 -1.52 -16.81 -39.92
CA GLN D 462 -0.86 -15.53 -40.00
C GLN D 462 -1.76 -14.52 -40.72
N PRO D 463 -1.73 -13.25 -40.32
CA PRO D 463 -2.79 -12.29 -40.70
C PRO D 463 -2.88 -11.95 -42.19
N PRO D 464 -1.86 -12.20 -43.03
CA PRO D 464 -2.17 -12.21 -44.47
C PRO D 464 -3.17 -13.27 -44.89
N LEU D 465 -3.16 -14.43 -44.24
CA LEU D 465 -4.21 -15.40 -44.44
C LEU D 465 -5.37 -15.13 -43.51
N GLU D 466 -6.57 -15.50 -43.95
CA GLU D 466 -7.74 -15.38 -43.11
C GLU D 466 -8.72 -16.49 -43.46
N LEU D 467 -9.68 -16.71 -42.58
CA LEU D 467 -10.59 -17.83 -42.71
C LEU D 467 -12.01 -17.32 -42.89
N THR D 468 -12.68 -17.86 -43.90
CA THR D 468 -14.07 -17.49 -44.18
C THR D 468 -14.97 -17.90 -43.02
N CYS D 469 -14.95 -19.17 -42.67
CA CYS D 469 -15.70 -19.69 -41.53
C CYS D 469 -14.77 -19.69 -40.32
N ASP D 470 -15.09 -18.85 -39.33
CA ASP D 470 -14.27 -18.75 -38.13
C ASP D 470 -14.56 -19.92 -37.19
N GLN D 471 -14.12 -19.79 -35.93
CA GLN D 471 -14.09 -20.89 -34.98
C GLN D 471 -15.50 -21.42 -34.67
N PHE D 472 -15.56 -22.68 -34.28
CA PHE D 472 -16.81 -23.41 -34.23
C PHE D 472 -17.08 -23.93 -32.82
N THR D 473 -18.12 -24.74 -32.69
CA THR D 473 -18.45 -25.43 -31.46
C THR D 473 -18.77 -26.89 -31.74
N PHE D 474 -18.72 -27.70 -30.69
CA PHE D 474 -19.11 -29.10 -30.73
C PHE D 474 -19.84 -29.40 -29.42
N GLU D 475 -21.16 -29.51 -29.51
CA GLU D 475 -21.99 -29.34 -28.32
C GLU D 475 -21.96 -30.56 -27.42
N PHE D 476 -22.43 -31.71 -27.91
CA PHE D 476 -22.59 -32.88 -27.09
C PHE D 476 -21.54 -33.91 -27.45
N MET D 477 -21.21 -34.79 -26.51
CA MET D 477 -20.35 -35.93 -26.76
C MET D 477 -21.02 -37.18 -26.22
N THR D 478 -21.02 -38.24 -27.01
CA THR D 478 -21.29 -39.60 -26.56
C THR D 478 -19.95 -40.31 -26.47
N PRO D 479 -19.86 -41.41 -25.72
CA PRO D 479 -18.62 -42.19 -25.73
C PRO D 479 -18.28 -42.74 -27.11
N ASP D 480 -17.13 -42.28 -27.64
CA ASP D 480 -16.54 -42.73 -28.90
C ASP D 480 -17.45 -42.50 -30.12
N LEU D 481 -17.69 -41.24 -30.44
CA LEU D 481 -18.26 -40.86 -31.72
C LEU D 481 -17.30 -39.90 -32.41
N THR D 482 -17.57 -39.59 -33.69
CA THR D 482 -16.80 -38.59 -34.41
C THR D 482 -17.73 -37.55 -35.03
N ARG D 483 -17.25 -36.31 -35.08
CA ARG D 483 -17.90 -35.23 -35.81
C ARG D 483 -16.83 -34.41 -36.49
N THR D 484 -17.21 -33.69 -37.54
CA THR D 484 -16.25 -32.89 -38.28
C THR D 484 -16.92 -31.65 -38.86
N VAL D 485 -16.07 -30.67 -39.22
CA VAL D 485 -16.48 -29.41 -39.81
C VAL D 485 -15.45 -29.02 -40.86
N SER D 486 -15.92 -28.61 -42.03
CA SER D 486 -15.07 -28.16 -43.11
C SER D 486 -15.10 -26.65 -43.20
N PHE D 487 -14.04 -26.06 -43.76
CA PHE D 487 -13.95 -24.63 -43.99
C PHE D 487 -12.88 -24.35 -45.04
N SER D 488 -12.76 -23.07 -45.41
CA SER D 488 -11.91 -22.66 -46.50
C SER D 488 -11.14 -21.40 -46.12
N VAL D 489 -9.90 -21.32 -46.58
CA VAL D 489 -8.99 -20.22 -46.23
C VAL D 489 -9.08 -19.15 -47.30
N TYR D 490 -9.33 -17.92 -46.88
CA TYR D 490 -9.45 -16.77 -47.77
C TYR D 490 -8.11 -16.05 -47.81
N LEU D 491 -7.79 -15.41 -48.92
CA LEU D 491 -6.56 -14.67 -49.06
C LEU D 491 -6.85 -13.20 -49.36
N LYS D 492 -6.39 -12.32 -48.47
CA LYS D 492 -6.47 -10.89 -48.66
C LYS D 492 -5.27 -10.41 -49.46
N ARG D 493 -5.40 -9.22 -50.06
CA ARG D 493 -4.35 -8.68 -50.93
C ARG D 493 -3.27 -7.95 -50.12
N SER D 494 -2.64 -8.70 -49.22
CA SER D 494 -1.40 -8.26 -48.60
C SER D 494 -0.24 -8.70 -49.48
N TYR D 495 0.98 -8.60 -48.97
CA TYR D 495 2.12 -8.99 -49.78
C TYR D 495 2.61 -10.41 -49.43
N THR D 496 3.00 -10.62 -48.17
CA THR D 496 3.70 -11.85 -47.80
C THR D 496 3.25 -12.35 -46.43
N PRO D 497 2.88 -13.62 -46.32
CA PRO D 497 2.71 -14.23 -45.00
C PRO D 497 4.05 -14.60 -44.41
N SER D 498 4.13 -14.58 -43.08
CA SER D 498 5.41 -14.82 -42.43
C SER D 498 5.79 -16.30 -42.52
N GLU D 499 5.02 -17.16 -41.89
CA GLU D 499 5.14 -18.58 -42.09
C GLU D 499 3.98 -18.96 -43.01
N LEU D 500 3.81 -20.25 -43.29
CA LEU D 500 2.72 -20.69 -44.15
C LEU D 500 1.72 -21.59 -43.43
N GLU D 501 2.12 -22.28 -42.38
CA GLU D 501 1.23 -23.21 -41.71
C GLU D 501 0.58 -22.54 -40.52
N GLY D 502 -0.73 -22.69 -40.39
CA GLY D 502 -1.41 -22.31 -39.18
C GLY D 502 -1.64 -23.51 -38.30
N ASN D 503 -2.27 -23.27 -37.15
CA ASN D 503 -2.59 -24.35 -36.24
C ASN D 503 -3.99 -24.17 -35.69
N ALA D 504 -4.62 -25.29 -35.35
CA ALA D 504 -5.95 -25.31 -34.78
C ALA D 504 -5.88 -25.89 -33.37
N VAL D 505 -6.73 -25.39 -32.48
CA VAL D 505 -6.67 -25.79 -31.08
C VAL D 505 -8.09 -26.01 -30.57
N VAL D 506 -8.23 -27.05 -29.74
CA VAL D 506 -9.51 -27.42 -29.16
C VAL D 506 -9.40 -27.26 -27.64
N SER D 507 -10.55 -27.11 -26.99
CA SER D 507 -10.60 -26.82 -25.56
C SER D 507 -11.76 -27.59 -24.94
N TYR D 508 -11.46 -28.77 -24.39
CA TYR D 508 -12.48 -29.57 -23.74
C TYR D 508 -12.37 -29.41 -22.23
N SER D 509 -13.23 -30.13 -21.50
CA SER D 509 -13.31 -29.99 -20.04
C SER D 509 -13.82 -31.31 -19.46
N ARG D 510 -12.91 -32.12 -18.93
CA ARG D 510 -13.41 -33.39 -18.40
C ARG D 510 -13.88 -33.22 -16.96
N PRO D 511 -15.04 -33.78 -16.59
CA PRO D 511 -15.59 -33.64 -15.22
C PRO D 511 -15.20 -34.74 -14.24
N THR D 512 -13.97 -34.69 -13.75
CA THR D 512 -13.50 -35.60 -12.73
C THR D 512 -14.21 -35.28 -11.41
N ASP D 513 -14.46 -36.33 -10.61
CA ASP D 513 -15.35 -36.27 -9.45
C ASP D 513 -14.92 -35.30 -8.36
N ARG D 514 -13.68 -34.79 -8.39
CA ARG D 514 -13.25 -33.79 -7.43
C ARG D 514 -13.99 -32.46 -7.61
N ASN D 515 -14.51 -32.21 -8.80
CA ASN D 515 -15.26 -31.01 -9.11
C ASN D 515 -16.58 -31.37 -9.76
N PRO D 516 -17.65 -30.65 -9.43
CA PRO D 516 -18.94 -30.89 -10.10
C PRO D 516 -18.91 -30.57 -11.58
N ASP D 517 -18.37 -29.42 -11.94
CA ASP D 517 -18.18 -29.06 -13.34
C ASP D 517 -16.91 -29.72 -13.86
N GLY D 518 -16.48 -29.32 -15.05
CA GLY D 518 -15.32 -29.91 -15.68
C GLY D 518 -14.06 -29.09 -15.45
N ILE D 519 -13.02 -29.77 -15.02
CA ILE D 519 -11.69 -29.16 -14.92
C ILE D 519 -11.21 -28.98 -16.35
N PRO D 520 -10.46 -27.93 -16.67
CA PRO D 520 -10.20 -27.63 -18.08
C PRO D 520 -8.94 -28.29 -18.60
N ARG D 521 -8.96 -28.53 -19.91
CA ARG D 521 -7.84 -29.08 -20.66
C ARG D 521 -7.82 -28.41 -22.03
N VAL D 522 -6.66 -28.45 -22.68
CA VAL D 522 -6.49 -27.86 -24.02
C VAL D 522 -5.59 -28.77 -24.83
N ILE D 523 -6.04 -29.14 -26.04
CA ILE D 523 -5.28 -29.96 -26.97
C ILE D 523 -5.01 -29.16 -28.23
N GLN D 524 -3.76 -29.15 -28.66
CA GLN D 524 -3.30 -28.40 -29.84
C GLN D 524 -2.92 -29.35 -30.95
N CYS D 525 -3.38 -29.08 -32.16
CA CYS D 525 -2.88 -29.75 -33.36
C CYS D 525 -2.29 -28.71 -34.30
N LYS D 526 -1.60 -29.20 -35.32
CA LYS D 526 -1.04 -28.34 -36.36
C LYS D 526 -1.37 -28.95 -37.71
N PHE D 527 -1.20 -28.15 -38.77
CA PHE D 527 -1.50 -28.66 -40.10
C PHE D 527 -0.65 -27.94 -41.13
N ARG D 528 -0.17 -28.71 -42.10
CA ARG D 528 0.52 -28.18 -43.25
C ARG D 528 -0.43 -27.34 -44.10
N LEU D 529 0.16 -26.51 -44.96
CA LEU D 529 -0.62 -25.78 -45.93
C LEU D 529 0.21 -25.76 -47.20
N PRO D 530 -0.38 -26.00 -48.36
CA PRO D 530 0.37 -25.93 -49.61
C PRO D 530 0.63 -24.50 -50.01
N LEU D 531 1.30 -24.33 -51.14
CA LEU D 531 1.64 -23.00 -51.64
C LEU D 531 1.04 -22.71 -53.00
N LYS D 532 0.25 -23.63 -53.56
CA LYS D 532 -0.38 -23.34 -54.84
C LYS D 532 -1.62 -22.46 -54.71
N LEU D 533 -1.95 -21.97 -53.52
CA LEU D 533 -2.95 -20.93 -53.38
C LEU D 533 -2.36 -19.54 -53.52
N ILE D 534 -1.06 -19.39 -53.31
CA ILE D 534 -0.34 -18.18 -53.68
C ILE D 534 0.50 -18.56 -54.89
N CYS D 535 -0.08 -18.37 -56.07
CA CYS D 535 0.41 -19.01 -57.29
C CYS D 535 -0.05 -18.24 -58.51
N LEU D 536 0.90 -17.64 -59.20
CA LEU D 536 0.74 -17.20 -60.58
C LEU D 536 2.15 -17.06 -61.15
N PRO D 537 2.80 -18.16 -61.50
CA PRO D 537 4.24 -18.11 -61.80
C PRO D 537 4.49 -17.63 -63.22
N GLY D 538 5.03 -16.42 -63.32
CA GLY D 538 5.38 -15.86 -64.61
C GLY D 538 6.71 -16.38 -65.12
N GLN D 539 7.16 -15.77 -66.20
CA GLN D 539 8.45 -16.12 -66.77
C GLN D 539 9.56 -15.62 -65.86
N PRO D 540 10.56 -16.44 -65.55
CA PRO D 540 11.65 -15.99 -64.69
C PRO D 540 12.53 -14.96 -65.39
N SER D 541 13.28 -14.22 -64.56
CA SER D 541 14.18 -13.18 -65.02
C SER D 541 15.58 -13.46 -64.50
N LYS D 542 16.50 -13.77 -65.41
CA LYS D 542 17.90 -14.00 -65.04
C LYS D 542 18.54 -12.65 -64.72
N THR D 543 18.59 -12.32 -63.43
CA THR D 543 19.14 -11.05 -62.98
C THR D 543 20.08 -11.30 -61.81
N ALA D 544 20.65 -10.23 -61.28
CA ALA D 544 21.61 -10.29 -60.19
C ALA D 544 21.09 -9.48 -59.01
N SER D 545 21.01 -10.12 -57.85
CA SER D 545 20.50 -9.50 -56.63
C SER D 545 21.04 -10.32 -55.45
N HIS D 546 20.40 -10.19 -54.29
CA HIS D 546 20.78 -10.95 -53.09
C HIS D 546 20.75 -12.45 -53.35
N LYS D 547 21.73 -13.16 -52.81
CA LYS D 547 21.96 -14.55 -53.13
C LYS D 547 22.33 -15.32 -51.86
N ILE D 548 21.94 -16.60 -51.82
CA ILE D 548 22.44 -17.53 -50.82
C ILE D 548 22.70 -18.85 -51.52
N THR D 549 23.61 -19.64 -50.95
CA THR D 549 24.07 -20.87 -51.57
C THR D 549 23.75 -22.07 -50.69
N ILE D 550 23.19 -23.11 -51.30
CA ILE D 550 22.98 -24.40 -50.65
C ILE D 550 23.68 -25.44 -51.54
N ASP D 551 23.78 -26.66 -51.02
CA ASP D 551 24.26 -27.82 -51.78
C ASP D 551 23.58 -29.05 -51.21
N THR D 552 23.78 -30.19 -51.86
CA THR D 552 23.17 -31.44 -51.45
C THR D 552 24.24 -32.52 -51.33
N ASN D 553 23.80 -33.73 -50.99
CA ASN D 553 24.67 -34.89 -51.08
C ASN D 553 24.69 -35.42 -52.51
N LYS D 554 23.52 -35.81 -53.01
CA LYS D 554 23.37 -36.13 -54.43
C LYS D 554 22.96 -34.85 -55.16
N SER D 555 23.79 -34.41 -56.09
CA SER D 555 23.60 -33.10 -56.71
C SER D 555 22.44 -33.00 -57.71
N PRO D 556 22.37 -33.77 -58.81
CA PRO D 556 21.43 -33.37 -59.88
C PRO D 556 19.99 -33.75 -59.56
N VAL D 557 19.12 -32.74 -59.54
CA VAL D 557 17.69 -32.92 -59.36
C VAL D 557 16.98 -32.00 -60.35
N SER D 558 16.13 -32.57 -61.19
CA SER D 558 15.34 -31.76 -62.12
C SER D 558 14.26 -31.02 -61.33
N LEU D 559 14.26 -29.69 -61.46
CA LEU D 559 13.31 -28.86 -60.73
C LEU D 559 11.89 -29.05 -61.24
N LEU D 560 11.73 -29.38 -62.53
CA LEU D 560 10.41 -29.59 -63.09
C LEU D 560 9.74 -30.84 -62.51
N SER D 561 10.53 -31.80 -62.08
CA SER D 561 10.00 -33.02 -61.48
C SER D 561 9.67 -32.86 -60.01
N LEU D 562 10.11 -31.78 -59.37
CA LEU D 562 9.95 -31.62 -57.93
C LEU D 562 8.51 -31.30 -57.53
N PHE D 563 7.70 -30.86 -58.48
CA PHE D 563 6.32 -30.45 -58.26
C PHE D 563 5.63 -30.44 -59.62
N PRO D 564 4.31 -30.26 -59.69
CA PRO D 564 3.71 -29.90 -60.98
C PRO D 564 4.28 -28.59 -61.52
N GLY D 565 4.39 -28.53 -62.85
CA GLY D 565 5.05 -27.43 -63.53
C GLY D 565 4.39 -26.09 -63.30
N PHE D 566 5.02 -25.27 -62.46
CA PHE D 566 4.41 -24.04 -62.00
C PHE D 566 4.49 -22.95 -63.06
N ALA D 567 5.70 -22.61 -63.49
CA ALA D 567 5.87 -21.59 -64.51
C ALA D 567 5.83 -22.22 -65.90
N SER D 568 5.38 -21.41 -66.87
CA SER D 568 5.31 -21.75 -68.30
C SER D 568 4.46 -23.00 -68.53
N GLN D 569 3.15 -22.81 -68.31
CA GLN D 569 2.16 -23.86 -68.61
C GLN D 569 2.12 -24.18 -70.11
N SER D 570 2.54 -23.25 -70.95
CA SER D 570 2.74 -23.50 -72.37
C SER D 570 3.99 -24.36 -72.59
N ASP D 571 4.36 -24.52 -73.85
CA ASP D 571 5.44 -25.44 -74.24
C ASP D 571 6.77 -24.85 -73.80
N ASP D 572 7.22 -25.24 -72.62
CA ASP D 572 8.54 -24.86 -72.14
C ASP D 572 9.61 -25.66 -72.88
N ASP D 573 10.47 -24.97 -73.61
CA ASP D 573 11.54 -25.63 -74.34
C ASP D 573 12.79 -25.83 -73.47
N GLN D 574 12.74 -25.45 -72.20
CA GLN D 574 13.88 -25.55 -71.29
C GLN D 574 13.43 -26.20 -70.00
N VAL D 575 14.25 -27.14 -69.52
CA VAL D 575 14.04 -27.80 -68.24
C VAL D 575 14.76 -26.96 -67.19
N ASN D 576 15.82 -26.30 -67.63
CA ASN D 576 16.63 -25.36 -66.83
C ASN D 576 15.94 -24.04 -66.56
N VAL D 577 14.64 -23.88 -66.84
CA VAL D 577 13.88 -22.77 -66.30
C VAL D 577 13.76 -22.92 -64.80
N MET D 578 14.02 -21.82 -64.08
CA MET D 578 13.69 -21.74 -62.66
C MET D 578 12.70 -20.60 -62.51
N GLY D 579 11.43 -20.90 -62.78
CA GLY D 579 10.38 -19.90 -62.68
C GLY D 579 9.57 -20.09 -61.42
N PHE D 580 9.70 -19.16 -60.49
CA PHE D 580 9.18 -19.38 -59.14
C PHE D 580 8.49 -18.13 -58.61
N HIS D 581 7.68 -17.47 -59.44
CA HIS D 581 6.98 -16.26 -59.03
C HIS D 581 5.84 -16.65 -58.10
N PHE D 582 6.10 -16.60 -56.79
CA PHE D 582 5.13 -16.99 -55.76
C PHE D 582 5.03 -15.89 -54.71
N LEU D 583 4.27 -14.85 -55.04
CA LEU D 583 3.74 -13.80 -54.15
C LEU D 583 2.68 -13.05 -54.93
N GLY D 584 2.11 -12.01 -54.31
CA GLY D 584 1.29 -11.07 -55.03
C GLY D 584 2.11 -9.89 -55.52
N GLY D 585 2.55 -9.94 -56.77
CA GLY D 585 3.36 -8.88 -57.32
C GLY D 585 4.81 -8.93 -56.92
N ALA D 586 5.54 -9.97 -57.33
CA ALA D 586 6.96 -10.08 -57.05
C ALA D 586 7.65 -10.70 -58.26
N ARG D 587 8.92 -11.05 -58.08
CA ARG D 587 9.69 -11.78 -59.09
C ARG D 587 10.86 -12.45 -58.38
N ILE D 588 10.80 -13.76 -58.22
CA ILE D 588 11.86 -14.54 -57.60
C ILE D 588 12.11 -15.78 -58.45
N THR D 589 13.36 -16.01 -58.81
CA THR D 589 13.78 -17.22 -59.49
C THR D 589 14.59 -18.10 -58.55
N VAL D 590 14.96 -19.28 -59.04
CA VAL D 590 15.85 -20.19 -58.34
C VAL D 590 17.06 -20.28 -59.29
N LEU D 591 18.09 -21.04 -58.95
CA LEU D 591 19.22 -21.26 -59.84
C LEU D 591 19.65 -22.72 -59.81
N ALA D 592 20.73 -23.00 -60.55
CA ALA D 592 21.49 -24.24 -60.48
C ALA D 592 20.67 -25.47 -60.87
N SER D 593 20.24 -25.48 -62.13
CA SER D 593 19.56 -26.66 -62.66
C SER D 593 20.51 -27.81 -62.88
N LYS D 594 21.47 -27.66 -63.81
CA LYS D 594 22.27 -28.80 -64.24
C LYS D 594 23.76 -28.68 -63.93
N THR D 595 24.40 -27.62 -64.41
CA THR D 595 25.85 -27.59 -64.43
C THR D 595 26.49 -27.25 -63.10
N SER D 596 25.71 -26.81 -62.11
CA SER D 596 26.25 -26.43 -60.82
C SER D 596 25.84 -27.45 -59.77
N GLN D 597 26.84 -28.03 -59.11
CA GLN D 597 26.61 -28.95 -57.99
C GLN D 597 26.14 -28.19 -56.76
N ARG D 598 26.74 -27.02 -56.52
CA ARG D 598 26.19 -26.05 -55.59
C ARG D 598 24.82 -25.60 -56.07
N TYR D 599 23.86 -25.53 -55.14
CA TYR D 599 22.48 -25.17 -55.47
C TYR D 599 22.18 -23.82 -54.83
N ARG D 600 22.29 -22.74 -55.60
CA ARG D 600 22.06 -21.40 -55.07
C ARG D 600 20.74 -20.85 -55.60
N ILE D 601 20.41 -19.63 -55.18
CA ILE D 601 19.13 -19.01 -55.50
C ILE D 601 19.30 -17.50 -55.36
N GLN D 602 18.68 -16.76 -56.29
CA GLN D 602 18.68 -15.31 -56.29
C GLN D 602 17.27 -14.80 -56.02
N SER D 603 17.18 -13.61 -55.43
CA SER D 603 15.92 -13.00 -55.08
C SER D 603 16.03 -11.49 -55.22
N GLU D 604 15.05 -10.88 -55.89
CA GLU D 604 15.10 -9.45 -56.22
C GLU D 604 15.11 -8.60 -54.96
N GLN D 605 14.25 -8.94 -53.99
CA GLN D 605 14.28 -8.32 -52.68
C GLN D 605 14.65 -9.37 -51.64
N PHE D 606 15.36 -8.95 -50.59
CA PHE D 606 15.73 -9.85 -49.51
C PHE D 606 14.61 -9.86 -48.46
N GLU D 607 13.49 -10.43 -48.85
CA GLU D 607 12.38 -10.66 -47.93
C GLU D 607 11.81 -12.06 -48.15
N ASP D 608 12.01 -12.60 -49.34
CA ASP D 608 11.16 -13.65 -49.88
C ASP D 608 11.81 -15.03 -49.93
N LEU D 609 13.04 -15.18 -49.44
CA LEU D 609 13.64 -16.50 -49.51
C LEU D 609 13.15 -17.43 -48.41
N TRP D 610 12.47 -16.92 -47.38
CA TRP D 610 12.11 -17.80 -46.28
C TRP D 610 10.97 -18.73 -46.66
N LEU D 611 10.02 -18.26 -47.47
CA LEU D 611 8.90 -19.11 -47.83
C LEU D 611 9.27 -20.23 -48.79
N ILE D 612 10.39 -20.10 -49.49
CA ILE D 612 10.65 -20.97 -50.64
C ILE D 612 11.78 -21.95 -50.41
N THR D 613 12.83 -21.59 -49.67
CA THR D 613 13.96 -22.50 -49.52
C THR D 613 13.64 -23.64 -48.58
N ASN D 614 12.87 -23.38 -47.52
CA ASN D 614 12.38 -24.49 -46.70
C ASN D 614 11.41 -25.34 -47.49
N GLU D 615 10.59 -24.69 -48.32
CA GLU D 615 9.77 -25.42 -49.28
C GLU D 615 10.65 -26.19 -50.25
N LEU D 616 11.76 -25.59 -50.69
CA LEU D 616 12.72 -26.34 -51.49
C LEU D 616 13.43 -27.40 -50.66
N ILE D 617 13.57 -27.18 -49.35
CA ILE D 617 14.13 -28.21 -48.47
C ILE D 617 13.14 -29.36 -48.31
N LEU D 618 11.86 -29.05 -48.10
CA LEU D 618 10.87 -30.11 -47.91
C LEU D 618 10.58 -30.85 -49.22
N ARG D 619 10.47 -30.12 -50.34
CA ARG D 619 10.20 -30.79 -51.62
C ARG D 619 11.38 -31.64 -52.08
N LEU D 620 12.60 -31.30 -51.63
CA LEU D 620 13.71 -32.22 -51.74
C LEU D 620 13.44 -33.50 -50.95
N GLN D 621 13.11 -33.34 -49.67
CA GLN D 621 12.83 -34.48 -48.80
C GLN D 621 11.51 -35.15 -49.11
N GLU D 622 10.61 -34.49 -49.85
CA GLU D 622 9.43 -35.17 -50.37
C GLU D 622 9.74 -35.98 -51.62
N TYR D 623 10.89 -35.73 -52.25
CA TYR D 623 11.30 -36.52 -53.40
C TYR D 623 12.08 -37.75 -52.98
N PHE D 624 13.00 -37.59 -52.04
CA PHE D 624 14.09 -38.54 -51.90
C PHE D 624 13.73 -39.78 -51.10
N GLU D 625 12.62 -39.76 -50.34
CA GLU D 625 12.21 -40.97 -49.63
C GLU D 625 11.62 -42.01 -50.57
N LYS D 626 11.23 -41.61 -51.79
CA LYS D 626 10.94 -42.57 -52.85
C LYS D 626 12.20 -43.06 -53.55
N GLN D 627 13.37 -42.59 -53.14
CA GLN D 627 14.66 -43.06 -53.64
C GLN D 627 15.57 -43.59 -52.55
N GLY D 628 15.47 -43.07 -51.33
CA GLY D 628 16.22 -43.61 -50.20
C GLY D 628 17.65 -43.12 -50.09
N VAL D 629 17.84 -41.80 -50.05
CA VAL D 629 19.17 -41.21 -49.96
C VAL D 629 19.42 -40.56 -48.60
N LYS D 630 18.39 -39.98 -47.97
CA LYS D 630 18.38 -39.26 -46.68
C LYS D 630 19.54 -38.26 -46.57
N ASP D 631 19.45 -37.24 -47.42
CA ASP D 631 20.43 -36.16 -47.46
C ASP D 631 19.97 -34.98 -46.63
N PHE D 632 20.78 -34.58 -45.65
CA PHE D 632 20.51 -33.35 -44.90
C PHE D 632 21.83 -32.64 -44.66
N ALA D 633 22.30 -31.86 -45.64
CA ALA D 633 23.47 -31.00 -45.49
C ALA D 633 23.64 -29.99 -46.61
N CYS D 634 23.57 -28.69 -46.30
CA CYS D 634 24.56 -27.65 -46.62
C CYS D 634 24.03 -26.27 -46.23
N SER D 635 24.94 -25.32 -46.04
CA SER D 635 24.74 -23.86 -46.04
C SER D 635 26.11 -23.24 -45.88
N PHE D 636 26.20 -21.95 -46.16
CA PHE D 636 27.44 -21.22 -45.97
C PHE D 636 27.14 -19.74 -45.75
N SER D 637 28.01 -19.12 -44.93
CA SER D 637 28.15 -17.66 -44.83
C SER D 637 26.85 -16.97 -44.40
N GLY D 638 26.48 -17.22 -43.14
CA GLY D 638 25.35 -16.52 -42.56
C GLY D 638 25.58 -15.06 -42.25
N SER D 639 26.79 -14.55 -42.45
CA SER D 639 27.13 -13.17 -42.17
C SER D 639 26.71 -12.20 -43.28
N ILE D 640 26.83 -12.62 -44.54
CA ILE D 640 26.39 -11.76 -45.65
C ILE D 640 24.88 -11.53 -45.70
N PRO D 641 24.00 -12.41 -45.19
CA PRO D 641 22.65 -11.90 -44.89
C PRO D 641 22.59 -11.05 -43.64
N LEU D 642 23.48 -11.31 -42.68
CA LEU D 642 23.41 -10.66 -41.36
C LEU D 642 23.69 -9.17 -41.47
N GLN D 643 24.47 -8.75 -42.45
CA GLN D 643 24.62 -7.32 -42.72
C GLN D 643 23.34 -6.75 -43.32
N GLU D 644 22.76 -7.45 -44.30
CA GLU D 644 21.51 -6.99 -44.91
C GLU D 644 20.36 -7.13 -43.93
N TYR D 645 20.48 -8.05 -42.97
CA TYR D 645 19.48 -8.16 -41.90
C TYR D 645 19.52 -6.95 -40.98
N PHE D 646 20.68 -6.32 -40.84
CA PHE D 646 20.81 -5.20 -39.92
C PHE D 646 20.18 -3.92 -40.43
N GLU D 647 19.90 -3.84 -41.73
CA GLU D 647 19.21 -2.67 -42.27
C GLU D 647 17.74 -2.68 -41.88
N LEU D 648 17.11 -3.86 -41.91
CA LEU D 648 15.68 -3.93 -41.68
C LEU D 648 15.32 -3.78 -40.21
N ILE D 649 16.25 -4.14 -39.31
CA ILE D 649 15.94 -4.01 -37.89
C ILE D 649 16.04 -2.56 -37.45
N ASP D 650 16.74 -1.72 -38.23
CA ASP D 650 16.91 -0.32 -37.84
C ASP D 650 15.71 0.53 -38.23
N HIS D 651 15.34 0.50 -39.52
CA HIS D 651 14.24 1.33 -40.00
C HIS D 651 12.89 0.87 -39.48
N HIS D 652 12.78 -0.39 -39.04
CA HIS D 652 11.63 -0.79 -38.22
C HIS D 652 11.70 -0.11 -36.87
N PHE D 653 12.88 -0.10 -36.25
CA PHE D 653 13.03 0.51 -34.93
C PHE D 653 12.89 2.02 -35.00
N GLU D 654 13.36 2.64 -36.09
CA GLU D 654 13.09 4.06 -36.27
C GLU D 654 11.60 4.33 -36.51
N LEU D 655 10.91 3.41 -37.19
CA LEU D 655 9.47 3.53 -37.30
C LEU D 655 8.79 3.30 -35.96
N ARG D 656 9.41 2.49 -35.09
CA ARG D 656 8.97 2.42 -33.71
C ARG D 656 9.32 3.69 -32.95
N ILE D 657 10.44 4.33 -33.30
CA ILE D 657 10.80 5.62 -32.71
C ILE D 657 9.83 6.69 -33.18
N ASN D 658 9.50 6.72 -34.47
CA ASN D 658 8.40 7.58 -34.92
C ASN D 658 7.06 7.09 -34.39
N GLY D 659 6.92 5.80 -34.10
CA GLY D 659 5.78 5.34 -33.33
C GLY D 659 5.79 5.86 -31.91
N GLU D 660 6.99 6.00 -31.32
CA GLU D 660 7.14 6.61 -30.01
C GLU D 660 7.22 8.13 -30.07
N LYS D 661 7.00 8.73 -31.24
CA LYS D 661 7.01 10.18 -31.39
C LYS D 661 5.64 10.77 -31.67
N LEU D 662 4.75 10.01 -32.32
CA LEU D 662 3.40 10.49 -32.59
C LEU D 662 2.44 10.23 -31.43
N GLU D 663 2.91 9.63 -30.33
CA GLU D 663 2.04 9.26 -29.24
C GLU D 663 1.97 10.32 -28.13
N GLU D 664 3.09 10.98 -27.84
CA GLU D 664 3.11 11.93 -26.73
C GLU D 664 2.49 13.27 -27.10
N LEU D 665 2.39 13.58 -28.39
CA LEU D 665 1.76 14.83 -28.81
C LEU D 665 0.25 14.75 -28.69
N LEU D 666 -0.33 13.57 -28.92
CA LEU D 666 -1.78 13.42 -28.77
C LEU D 666 -2.20 13.36 -27.30
N SER D 667 -1.32 12.89 -26.42
CA SER D 667 -1.69 12.69 -25.02
C SER D 667 -1.84 14.02 -24.28
N GLU D 668 -0.88 14.92 -24.46
CA GLU D 668 -0.97 16.23 -23.81
C GLU D 668 -2.06 17.08 -24.45
N ARG D 669 -2.32 16.88 -25.73
CA ARG D 669 -3.46 17.57 -26.34
C ARG D 669 -4.78 16.93 -25.94
N ALA D 670 -4.75 15.65 -25.55
CA ALA D 670 -5.91 15.07 -24.88
C ALA D 670 -6.00 15.56 -23.44
N VAL D 671 -4.86 15.81 -22.80
CA VAL D 671 -4.86 16.50 -21.51
C VAL D 671 -5.37 17.93 -21.69
N GLN D 672 -5.03 18.56 -22.81
CA GLN D 672 -5.67 19.82 -23.19
C GLN D 672 -7.14 19.59 -23.53
N PHE D 673 -7.49 18.43 -24.07
CA PHE D 673 -8.89 18.16 -24.41
C PHE D 673 -9.71 17.85 -23.16
N ARG D 674 -9.10 17.24 -22.14
CA ARG D 674 -9.86 17.01 -20.93
C ARG D 674 -9.93 18.26 -20.05
N ALA D 675 -8.95 19.16 -20.20
CA ALA D 675 -8.96 20.40 -19.43
C ALA D 675 -10.02 21.35 -19.95
N ILE D 676 -10.29 21.30 -21.26
CA ILE D 676 -11.28 22.21 -21.83
C ILE D 676 -12.69 21.70 -21.57
N GLN D 677 -12.85 20.38 -21.40
CA GLN D 677 -14.15 19.85 -20.96
C GLN D 677 -14.42 20.22 -19.51
N ARG D 678 -13.38 20.17 -18.67
CA ARG D 678 -13.55 20.53 -17.27
C ARG D 678 -13.72 22.03 -17.11
N ARG D 679 -13.20 22.81 -18.06
CA ARG D 679 -13.48 24.24 -18.08
C ARG D 679 -14.92 24.50 -18.51
N LEU D 680 -15.47 23.64 -19.36
CA LEU D 680 -16.86 23.78 -19.75
C LEU D 680 -17.80 23.44 -18.60
N LEU D 681 -17.62 22.26 -17.99
CA LEU D 681 -18.57 21.78 -17.00
C LEU D 681 -18.49 22.59 -15.70
N ALA D 682 -17.36 23.28 -15.47
CA ALA D 682 -17.32 24.25 -14.39
C ALA D 682 -18.08 25.52 -14.77
N ARG D 683 -18.21 25.80 -16.07
CA ARG D 683 -18.85 27.02 -16.54
C ARG D 683 -20.27 26.79 -17.05
N PHE D 684 -20.55 25.65 -17.70
CA PHE D 684 -21.80 25.45 -18.44
C PHE D 684 -22.97 25.36 -17.47
N LYS D 685 -23.72 26.45 -17.36
CA LYS D 685 -24.93 26.52 -16.56
C LYS D 685 -25.81 27.60 -17.17
N ASP D 686 -27.10 27.52 -16.86
CA ASP D 686 -28.06 28.34 -17.58
C ASP D 686 -28.35 29.65 -16.85
N LYS D 687 -27.35 30.54 -16.86
CA LYS D 687 -27.53 31.91 -16.41
C LYS D 687 -26.52 32.85 -17.06
N THR D 688 -26.37 34.04 -16.47
CA THR D 688 -25.66 35.13 -17.14
C THR D 688 -24.14 34.99 -17.26
N PRO D 689 -23.34 34.72 -16.19
CA PRO D 689 -21.91 35.04 -16.29
C PRO D 689 -21.09 34.06 -17.13
N ALA D 690 -21.71 32.98 -17.60
CA ALA D 690 -21.07 32.04 -18.51
C ALA D 690 -21.53 32.36 -19.93
N PRO D 691 -20.67 32.90 -20.79
CA PRO D 691 -21.09 33.19 -22.16
C PRO D 691 -21.20 31.91 -22.98
N LEU D 692 -22.08 31.95 -23.97
CA LEU D 692 -22.14 30.86 -24.94
C LEU D 692 -20.91 30.88 -25.85
N GLN D 693 -20.33 32.06 -26.05
CA GLN D 693 -19.00 32.13 -26.64
C GLN D 693 -17.97 31.73 -25.59
N HIS D 694 -16.78 31.29 -26.05
CA HIS D 694 -15.65 30.68 -25.34
C HIS D 694 -16.07 29.27 -24.95
N LEU D 695 -17.10 28.72 -25.61
CA LEU D 695 -17.69 27.44 -25.28
C LEU D 695 -17.90 26.55 -26.49
N ASP D 696 -17.80 27.09 -27.72
CA ASP D 696 -18.06 26.32 -28.93
C ASP D 696 -16.90 26.30 -29.90
N THR D 697 -16.35 27.47 -30.27
CA THR D 697 -15.40 27.50 -31.38
C THR D 697 -14.00 27.12 -30.95
N LEU D 698 -13.63 27.38 -29.69
CA LEU D 698 -12.33 26.93 -29.19
C LEU D 698 -12.33 25.41 -29.00
N LEU D 699 -13.50 24.82 -28.77
CA LEU D 699 -13.66 23.38 -28.65
C LEU D 699 -13.29 22.66 -29.94
N ASP D 700 -13.58 23.27 -31.09
CA ASP D 700 -13.36 22.59 -32.36
C ASP D 700 -11.89 22.53 -32.74
N GLY D 701 -11.11 23.56 -32.39
CA GLY D 701 -9.70 23.57 -32.74
C GLY D 701 -8.90 22.52 -32.01
N THR D 702 -9.17 22.36 -30.71
CA THR D 702 -8.59 21.25 -29.96
C THR D 702 -9.28 19.92 -30.24
N TYR D 703 -10.47 19.94 -30.87
CA TYR D 703 -11.02 18.70 -31.41
C TYR D 703 -10.34 18.35 -32.72
N LYS D 704 -9.96 19.36 -33.51
CA LYS D 704 -9.13 19.11 -34.69
C LYS D 704 -7.72 18.67 -34.32
N GLN D 705 -7.27 18.97 -33.11
CA GLN D 705 -5.96 18.52 -32.66
C GLN D 705 -5.96 17.01 -32.42
N VAL D 706 -7.04 16.48 -31.83
CA VAL D 706 -7.04 15.08 -31.43
C VAL D 706 -7.40 14.14 -32.58
N ILE D 707 -7.76 14.66 -33.76
CA ILE D 707 -8.05 13.80 -34.89
C ILE D 707 -7.04 13.93 -36.03
N ALA D 708 -6.32 15.05 -36.12
CA ALA D 708 -5.38 15.25 -37.21
C ALA D 708 -4.14 14.37 -37.07
N LEU D 709 -3.88 13.84 -35.88
CA LEU D 709 -2.84 12.85 -35.68
C LEU D 709 -3.42 11.45 -35.47
N ALA D 710 -4.72 11.36 -35.12
CA ALA D 710 -5.35 10.06 -34.87
C ALA D 710 -5.46 9.23 -36.16
N ASP D 711 -5.65 9.87 -37.31
CA ASP D 711 -5.54 9.16 -38.56
C ASP D 711 -4.10 8.94 -39.00
N ALA D 712 -3.13 9.58 -38.34
CA ALA D 712 -1.74 9.44 -38.71
C ALA D 712 -0.98 8.48 -37.80
N VAL D 713 -1.45 8.25 -36.58
CA VAL D 713 -0.80 7.30 -35.69
C VAL D 713 -1.06 5.86 -36.12
N GLU D 714 -2.08 5.63 -36.94
CA GLU D 714 -2.37 4.28 -37.42
C GLU D 714 -1.62 3.94 -38.70
N GLU D 715 -1.16 4.94 -39.45
CA GLU D 715 -0.49 4.67 -40.72
C GLU D 715 0.89 4.08 -40.51
N ASN D 716 1.66 4.65 -39.58
CA ASN D 716 2.96 4.06 -39.27
C ASN D 716 2.79 2.76 -38.48
N GLN D 717 1.77 2.70 -37.62
CA GLN D 717 1.53 1.51 -36.82
C GLN D 717 1.03 0.35 -37.69
N GLY D 718 0.23 0.65 -38.70
CA GLY D 718 -0.11 -0.35 -39.69
C GLY D 718 1.09 -0.75 -40.52
N ASN D 719 1.97 0.22 -40.81
CA ASN D 719 3.22 -0.12 -41.49
C ASN D 719 4.20 -0.78 -40.54
N LEU D 720 4.07 -0.52 -39.22
CA LEU D 720 4.87 -1.25 -38.23
C LEU D 720 4.53 -2.72 -38.25
N PHE D 721 3.24 -3.04 -38.28
CA PHE D 721 2.81 -4.43 -38.41
C PHE D 721 3.18 -5.00 -39.76
N GLN D 722 3.11 -4.18 -40.81
CA GLN D 722 3.52 -4.63 -42.14
C GLN D 722 5.03 -4.81 -42.24
N SER D 723 5.79 -4.08 -41.42
CA SER D 723 7.23 -4.31 -41.35
C SER D 723 7.61 -5.38 -40.35
N PHE D 724 6.70 -5.74 -39.43
CA PHE D 724 7.01 -6.80 -38.50
C PHE D 724 7.04 -8.15 -39.18
N THR D 725 6.20 -8.35 -40.20
CA THR D 725 6.29 -9.53 -41.03
C THR D 725 7.59 -9.56 -41.82
N ARG D 726 8.06 -8.39 -42.25
CA ARG D 726 9.39 -8.30 -42.84
C ARG D 726 10.46 -8.64 -41.84
N LEU D 727 10.27 -8.23 -40.58
CA LEU D 727 11.25 -8.50 -39.55
C LEU D 727 11.28 -9.98 -39.17
N LYS D 728 10.12 -10.63 -39.17
CA LYS D 728 10.07 -12.04 -38.82
C LYS D 728 10.61 -12.90 -39.96
N SER D 729 10.22 -12.58 -41.20
CA SER D 729 10.69 -13.34 -42.36
C SER D 729 12.18 -13.17 -42.56
N ALA D 730 12.73 -12.03 -42.14
CA ALA D 730 14.18 -11.90 -42.07
C ALA D 730 14.75 -12.81 -40.99
N THR D 731 14.22 -12.70 -39.76
CA THR D 731 14.80 -13.46 -38.66
C THR D 731 14.45 -14.94 -38.72
N HIS D 732 13.47 -15.33 -39.52
CA HIS D 732 13.34 -16.74 -39.87
C HIS D 732 14.44 -17.17 -40.82
N LEU D 733 14.76 -16.31 -41.78
CA LEU D 733 15.77 -16.65 -42.78
C LEU D 733 17.16 -16.74 -42.15
N VAL D 734 17.44 -15.86 -41.19
CA VAL D 734 18.72 -15.92 -40.48
C VAL D 734 18.79 -17.18 -39.65
N ILE D 735 17.71 -17.53 -38.96
CA ILE D 735 17.74 -18.67 -38.05
C ILE D 735 17.72 -20.00 -38.77
N LEU D 736 17.40 -20.02 -40.07
CA LEU D 736 17.57 -21.24 -40.84
C LEU D 736 19.04 -21.49 -41.17
N LEU D 737 19.77 -20.41 -41.50
CA LEU D 737 21.15 -20.55 -41.92
C LEU D 737 22.06 -20.97 -40.77
N ILE D 738 21.80 -20.43 -39.57
CA ILE D 738 22.62 -20.76 -38.41
C ILE D 738 22.40 -22.20 -37.97
N ALA D 739 21.24 -22.76 -38.31
CA ALA D 739 20.99 -24.17 -38.01
C ALA D 739 21.83 -25.07 -38.90
N LEU D 740 22.30 -24.56 -40.04
CA LEU D 740 23.05 -25.35 -40.99
C LEU D 740 24.47 -24.85 -41.24
N TRP D 741 24.82 -23.65 -40.74
CA TRP D 741 26.18 -23.13 -40.90
C TRP D 741 27.17 -24.02 -40.16
N GLN D 742 26.85 -24.39 -38.93
CA GLN D 742 27.31 -25.63 -38.35
C GLN D 742 26.07 -26.48 -38.14
N LYS D 743 26.25 -27.80 -38.12
CA LYS D 743 25.09 -28.67 -38.04
C LYS D 743 24.56 -28.70 -36.62
N LEU D 744 23.28 -28.36 -36.47
CA LEU D 744 22.66 -28.24 -35.16
C LEU D 744 21.63 -29.34 -34.98
N SER D 745 21.55 -29.85 -33.75
CA SER D 745 20.81 -31.06 -33.44
C SER D 745 19.32 -30.83 -33.20
N ALA D 746 18.77 -29.72 -33.71
CA ALA D 746 17.37 -29.29 -33.73
C ALA D 746 16.86 -28.88 -32.35
N ASP D 747 17.62 -29.09 -31.28
CA ASP D 747 17.27 -28.50 -29.99
C ASP D 747 17.97 -27.17 -29.81
N GLN D 748 19.15 -27.02 -30.43
CA GLN D 748 19.85 -25.76 -30.37
C GLN D 748 19.13 -24.69 -31.19
N VAL D 749 18.50 -25.09 -32.29
CA VAL D 749 17.70 -24.13 -33.04
C VAL D 749 16.36 -23.92 -32.34
N ALA D 750 15.96 -24.87 -31.50
CA ALA D 750 14.68 -24.75 -30.80
C ALA D 750 14.75 -23.68 -29.72
N ILE D 751 15.89 -23.56 -29.04
CA ILE D 751 16.10 -22.44 -28.13
C ILE D 751 16.18 -21.14 -28.92
N LEU D 752 16.82 -21.19 -30.08
CA LEU D 752 16.87 -20.03 -30.95
C LEU D 752 15.54 -19.75 -31.65
N GLU D 753 14.66 -20.75 -31.74
CA GLU D 753 13.34 -20.52 -32.32
C GLU D 753 12.46 -19.65 -31.45
N ALA D 754 12.75 -19.56 -30.15
CA ALA D 754 12.04 -18.65 -29.28
C ALA D 754 12.87 -17.46 -28.85
N ALA D 755 14.20 -17.53 -28.98
CA ALA D 755 15.06 -16.44 -28.56
C ALA D 755 14.92 -15.23 -29.46
N PHE D 756 14.80 -15.47 -30.76
CA PHE D 756 14.66 -14.38 -31.71
C PHE D 756 13.22 -14.06 -32.05
N LEU D 757 12.26 -14.87 -31.58
CA LEU D 757 10.90 -14.82 -32.09
C LEU D 757 9.87 -14.59 -30.99
N PRO D 758 9.66 -13.35 -30.57
CA PRO D 758 8.41 -13.03 -29.90
C PRO D 758 7.35 -12.64 -30.91
N LEU D 759 6.30 -13.44 -31.05
CA LEU D 759 5.24 -13.13 -32.03
C LEU D 759 4.33 -12.10 -31.37
N GLN D 760 4.66 -10.83 -31.60
CA GLN D 760 3.94 -9.73 -30.98
C GLN D 760 3.22 -8.92 -32.04
N GLU D 761 2.29 -8.08 -31.57
CA GLU D 761 1.56 -7.19 -32.45
C GLU D 761 1.88 -5.72 -32.17
N ASP D 762 1.67 -5.27 -30.93
CA ASP D 762 1.97 -3.90 -30.53
C ASP D 762 3.06 -3.98 -29.46
N THR D 763 4.30 -4.04 -29.92
CA THR D 763 5.43 -4.28 -29.03
C THR D 763 6.01 -3.01 -28.43
N GLN D 764 5.24 -1.91 -28.39
CA GLN D 764 5.75 -0.69 -27.80
C GLN D 764 5.74 -0.74 -26.28
N GLU D 765 4.83 -1.52 -25.70
CA GLU D 765 4.87 -1.83 -24.28
C GLU D 765 5.49 -3.19 -24.01
N LEU D 766 5.71 -3.98 -25.05
CA LEU D 766 6.22 -5.32 -24.92
C LEU D 766 7.72 -5.39 -25.14
N GLY D 767 8.25 -4.51 -26.00
CA GLY D 767 9.68 -4.41 -26.21
C GLY D 767 10.30 -5.58 -26.96
N TRP D 768 10.02 -5.70 -28.26
CA TRP D 768 10.72 -6.68 -29.10
C TRP D 768 12.21 -6.42 -29.08
N GLU D 769 12.61 -5.16 -29.26
CA GLU D 769 14.01 -4.78 -29.14
C GLU D 769 14.50 -4.94 -27.71
N GLU D 770 13.63 -4.72 -26.72
CA GLU D 770 14.01 -4.96 -25.34
C GLU D 770 14.02 -6.45 -25.00
N THR D 771 13.46 -7.30 -25.87
CA THR D 771 13.49 -8.73 -25.60
C THR D 771 14.73 -9.37 -26.21
N VAL D 772 15.08 -8.98 -27.44
CA VAL D 772 16.08 -9.72 -28.21
C VAL D 772 17.48 -9.56 -27.62
N ASP D 773 17.76 -8.43 -26.96
CA ASP D 773 19.01 -8.31 -26.24
C ASP D 773 18.95 -9.03 -24.90
N ALA D 774 17.77 -9.00 -24.25
CA ALA D 774 17.61 -9.66 -22.97
C ALA D 774 17.62 -11.17 -23.12
N ALA D 775 17.12 -11.67 -24.25
CA ALA D 775 17.15 -13.11 -24.50
C ALA D 775 18.59 -13.59 -24.71
N ILE D 776 19.33 -12.93 -25.60
CA ILE D 776 20.69 -13.37 -25.89
C ILE D 776 21.68 -13.03 -24.79
N SER D 777 21.28 -12.22 -23.82
CA SER D 777 22.11 -11.93 -22.65
C SER D 777 22.37 -13.21 -21.86
N HIS D 778 21.30 -13.83 -21.37
CA HIS D 778 21.44 -15.05 -20.59
C HIS D 778 21.71 -16.26 -21.48
N LEU D 779 21.57 -16.12 -22.80
CA LEU D 779 21.78 -17.25 -23.70
C LEU D 779 23.26 -17.58 -23.84
N LEU D 780 24.15 -16.67 -23.44
CA LEU D 780 25.59 -16.83 -23.65
C LEU D 780 26.16 -18.00 -22.87
N LYS D 781 25.47 -18.44 -21.82
CA LYS D 781 25.87 -19.57 -21.02
C LYS D 781 25.02 -20.79 -21.35
N THR D 782 25.70 -21.93 -21.51
CA THR D 782 25.12 -23.28 -21.61
C THR D 782 24.17 -23.43 -22.81
N CYS D 783 24.62 -23.07 -24.01
CA CYS D 783 23.96 -23.52 -25.23
C CYS D 783 24.88 -24.36 -26.09
N LEU D 784 26.02 -23.80 -26.50
CA LEU D 784 27.10 -24.41 -27.26
C LEU D 784 28.20 -23.36 -27.40
N SER D 785 29.34 -23.79 -27.91
CA SER D 785 30.46 -22.89 -28.18
C SER D 785 30.64 -22.72 -29.68
N LYS D 786 31.67 -21.96 -30.05
CA LYS D 786 32.26 -21.75 -31.39
C LYS D 786 31.37 -20.89 -32.29
N SER D 787 30.13 -20.64 -31.93
CA SER D 787 29.22 -19.85 -32.74
C SER D 787 29.50 -18.38 -32.48
N SER D 788 30.02 -17.69 -33.49
CA SER D 788 30.46 -16.31 -33.34
C SER D 788 29.51 -15.30 -33.97
N LYS D 789 28.53 -15.77 -34.76
CA LYS D 789 27.63 -14.84 -35.45
C LYS D 789 26.72 -14.10 -34.48
N GLU D 790 26.15 -14.81 -33.50
CA GLU D 790 25.38 -14.12 -32.48
C GLU D 790 26.30 -13.40 -31.50
N GLN D 791 27.55 -13.87 -31.37
CA GLN D 791 28.53 -13.15 -30.56
C GLN D 791 28.91 -11.83 -31.22
N ALA D 792 28.95 -11.80 -32.55
CA ALA D 792 29.04 -10.53 -33.25
C ALA D 792 27.74 -9.75 -33.17
N LEU D 793 26.61 -10.46 -33.15
CA LEU D 793 25.31 -9.81 -33.03
C LEU D 793 25.09 -9.28 -31.61
N ASN D 794 25.77 -9.87 -30.62
CA ASN D 794 25.74 -9.33 -29.26
C ASN D 794 26.32 -7.93 -29.20
N LEU D 795 27.29 -7.63 -30.07
CA LEU D 795 27.79 -6.26 -30.19
C LEU D 795 26.72 -5.36 -30.81
N ASN D 796 26.06 -5.82 -31.87
CA ASN D 796 25.00 -5.02 -32.47
C ASN D 796 23.74 -4.99 -31.63
N SER D 797 23.61 -5.91 -30.67
CA SER D 797 22.45 -5.94 -29.78
C SER D 797 22.37 -4.69 -28.92
N GLN D 798 23.38 -4.48 -28.07
CA GLN D 798 23.36 -3.32 -27.18
C GLN D 798 23.66 -2.02 -27.91
N LEU D 799 24.26 -2.08 -29.10
CA LEU D 799 24.49 -0.89 -29.90
C LEU D 799 23.38 -0.60 -30.89
N ASN D 800 22.17 -1.11 -30.63
CA ASN D 800 20.95 -0.77 -31.37
C ASN D 800 21.00 -1.08 -32.87
N VAL E 73 -3.04 -34.95 54.26
CA VAL E 73 -3.07 -36.33 53.78
C VAL E 73 -4.18 -36.42 52.74
N LYS E 74 -4.89 -35.31 52.56
CA LYS E 74 -5.97 -35.19 51.57
C LYS E 74 -5.31 -35.26 50.20
N SER E 75 -4.43 -34.33 49.84
CA SER E 75 -3.70 -34.38 48.58
C SER E 75 -2.44 -33.55 48.70
N MET E 76 -1.42 -33.93 47.92
CA MET E 76 -0.24 -33.07 47.83
C MET E 76 -0.52 -31.86 46.95
N PHE E 77 -0.81 -32.10 45.66
CA PHE E 77 -1.14 -31.08 44.65
C PHE E 77 -0.04 -30.03 44.55
N ARG E 78 1.20 -30.48 44.66
CA ARG E 78 2.36 -29.62 44.60
C ARG E 78 3.03 -29.79 43.24
N GLU E 79 2.72 -28.89 42.32
CA GLU E 79 3.35 -28.86 41.00
C GLU E 79 4.08 -27.51 40.88
N VAL E 80 5.34 -27.51 41.30
CA VAL E 80 6.08 -26.26 41.44
C VAL E 80 6.44 -25.72 40.07
N LEU E 81 5.97 -24.53 39.78
CA LEU E 81 6.25 -23.87 38.51
C LEU E 81 7.59 -23.14 38.61
N PRO E 82 8.27 -22.92 37.48
CA PRO E 82 9.64 -22.38 37.55
C PRO E 82 9.73 -20.92 38.02
N LYS E 83 8.64 -20.14 37.91
CA LYS E 83 8.55 -18.75 38.37
C LYS E 83 9.55 -17.83 37.67
N GLN E 84 10.06 -18.26 36.51
CA GLN E 84 11.02 -17.49 35.74
C GLN E 84 10.74 -17.73 34.26
N GLY E 85 11.19 -16.78 33.44
CA GLY E 85 10.95 -16.88 32.02
C GLY E 85 12.19 -16.61 31.20
N PRO E 86 12.14 -16.91 29.91
CA PRO E 86 13.22 -16.61 28.97
C PRO E 86 13.21 -15.14 28.55
N LEU E 87 13.89 -14.33 29.36
CA LEU E 87 14.05 -12.91 29.04
C LEU E 87 14.83 -12.75 27.74
N PHE E 88 14.48 -11.71 26.99
CA PHE E 88 15.26 -11.41 25.81
C PHE E 88 16.57 -10.73 26.22
N VAL E 89 17.58 -10.91 25.39
CA VAL E 89 18.87 -10.25 25.63
C VAL E 89 19.30 -9.34 24.49
N GLU E 90 18.68 -9.42 23.32
CA GLU E 90 18.85 -8.41 22.28
C GLU E 90 17.65 -8.45 21.37
N ASP E 91 17.45 -7.37 20.64
CA ASP E 91 16.46 -7.39 19.57
C ASP E 91 17.06 -8.05 18.34
N ILE E 92 16.20 -8.72 17.58
CA ILE E 92 16.59 -9.35 16.32
C ILE E 92 15.74 -8.76 15.23
N MET E 93 16.36 -8.38 14.11
CA MET E 93 15.59 -7.93 12.97
C MET E 93 14.88 -9.10 12.33
N THR E 94 13.55 -9.05 12.32
CA THR E 94 12.75 -10.16 11.83
C THR E 94 11.74 -9.65 10.83
N MET E 95 10.93 -10.57 10.32
CA MET E 95 9.91 -10.26 9.34
C MET E 95 8.54 -10.32 10.00
N VAL E 96 7.72 -9.30 9.75
CA VAL E 96 6.41 -9.23 10.39
C VAL E 96 5.33 -9.32 9.34
N LEU E 97 4.15 -9.75 9.78
CA LEU E 97 3.03 -10.14 8.95
C LEU E 97 2.05 -8.99 8.81
N CYS E 98 1.14 -9.12 7.86
CA CYS E 98 0.02 -8.19 7.79
C CYS E 98 -0.96 -8.49 8.92
N LYS E 99 -1.62 -7.48 9.39
CA LYS E 99 -2.42 -7.68 10.58
C LYS E 99 -3.86 -8.03 10.21
N PRO E 100 -4.58 -8.79 11.04
CA PRO E 100 -5.94 -9.20 10.67
C PRO E 100 -6.91 -8.05 10.68
N LYS E 101 -7.84 -8.08 9.73
CA LYS E 101 -8.73 -6.96 9.50
C LYS E 101 -10.15 -7.32 9.89
N LEU E 102 -10.85 -6.33 10.46
CA LEU E 102 -12.28 -6.45 10.70
C LEU E 102 -13.01 -5.92 9.49
N LEU E 103 -13.95 -6.70 8.99
CA LEU E 103 -14.69 -6.28 7.81
C LEU E 103 -15.68 -5.19 8.17
N PRO E 104 -15.89 -4.23 7.27
CA PRO E 104 -16.90 -3.20 7.52
C PRO E 104 -18.31 -3.75 7.40
N LEU E 105 -19.23 -3.10 8.10
CA LEU E 105 -20.64 -3.40 8.00
C LEU E 105 -21.28 -2.40 7.04
N LYS E 106 -21.90 -2.90 5.98
CA LYS E 106 -22.44 -2.03 4.96
C LYS E 106 -23.68 -1.32 5.46
N SER E 107 -23.91 -0.11 4.93
CA SER E 107 -25.03 0.70 5.37
C SER E 107 -26.33 0.19 4.74
N LEU E 108 -27.44 0.72 5.25
CA LEU E 108 -28.75 0.33 4.73
C LEU E 108 -29.06 0.98 3.40
N THR E 109 -28.25 1.94 2.94
CA THR E 109 -28.33 2.36 1.55
C THR E 109 -27.52 1.43 0.66
N LEU E 110 -26.34 1.01 1.14
CA LEU E 110 -25.52 0.10 0.37
C LEU E 110 -26.14 -1.29 0.29
N GLU E 111 -26.90 -1.68 1.31
CA GLU E 111 -27.62 -2.93 1.24
C GLU E 111 -28.79 -2.84 0.28
N LYS E 112 -29.40 -1.66 0.15
CA LYS E 112 -30.50 -1.49 -0.79
C LYS E 112 -29.99 -1.34 -2.21
N LEU E 113 -28.91 -0.56 -2.39
CA LEU E 113 -28.44 -0.28 -3.74
C LEU E 113 -27.76 -1.49 -4.36
N GLU E 114 -27.18 -2.37 -3.54
CA GLU E 114 -26.64 -3.61 -4.08
C GLU E 114 -27.76 -4.58 -4.43
N LYS E 115 -28.81 -4.62 -3.61
CA LYS E 115 -29.93 -5.52 -3.87
C LYS E 115 -30.70 -5.10 -5.12
N MET E 116 -30.83 -3.79 -5.34
CA MET E 116 -31.47 -3.29 -6.55
C MET E 116 -30.61 -3.58 -7.78
N HIS E 117 -29.30 -3.42 -7.66
CA HIS E 117 -28.41 -3.62 -8.81
C HIS E 117 -28.24 -5.11 -9.11
N GLN E 118 -28.35 -5.96 -8.09
CA GLN E 118 -28.29 -7.40 -8.32
C GLN E 118 -29.51 -7.89 -9.08
N ALA E 119 -30.67 -7.26 -8.84
CA ALA E 119 -31.86 -7.59 -9.61
C ALA E 119 -31.84 -6.92 -10.97
N ALA E 120 -31.01 -5.90 -11.16
CA ALA E 120 -30.89 -5.25 -12.46
C ALA E 120 -30.16 -6.13 -13.48
N GLN E 121 -29.39 -7.12 -13.01
CA GLN E 121 -28.71 -8.03 -13.93
C GLN E 121 -29.66 -9.09 -14.44
N ASN E 122 -30.56 -9.57 -13.59
CA ASN E 122 -31.44 -10.67 -13.98
C ASN E 122 -32.56 -10.21 -14.90
N THR E 123 -32.93 -8.92 -14.84
CA THR E 123 -33.95 -8.43 -15.75
C THR E 123 -33.35 -8.11 -17.12
N ILE E 124 -32.04 -7.94 -17.20
CA ILE E 124 -31.36 -7.77 -18.49
C ILE E 124 -30.76 -9.09 -18.97
N ARG E 125 -30.70 -10.11 -18.11
CA ARG E 125 -30.30 -11.45 -18.53
C ARG E 125 -31.33 -12.11 -19.43
N GLN E 126 -32.60 -11.73 -19.32
CA GLN E 126 -33.66 -12.28 -20.15
C GLN E 126 -34.01 -11.39 -21.34
N GLN E 127 -33.86 -10.08 -21.20
CA GLN E 127 -34.14 -9.15 -22.30
C GLN E 127 -32.91 -8.99 -23.20
#